data_7JMM
# 
_entry.id   7JMM 
# 
_audit_conform.dict_name       mmcif_pdbx.dic 
_audit_conform.dict_version    5.380 
_audit_conform.dict_location   http://mmcif.pdb.org/dictionaries/ascii/mmcif_pdbx.dic 
# 
loop_
_database_2.database_id 
_database_2.database_code 
_database_2.pdbx_database_accession 
_database_2.pdbx_DOI 
PDB   7JMM         pdb_00007jmm 10.2210/pdb7jmm/pdb 
WWPDB D_1000251074 ?            ?                   
# 
_pdbx_database_related.db_name        PDB 
_pdbx_database_related.details        '7JM8 contains the same protein but in complex with another peptide' 
_pdbx_database_related.db_id          7JM8 
_pdbx_database_related.content_type   unspecified 
# 
_pdbx_database_status.status_code                     REL 
_pdbx_database_status.status_code_sf                  REL 
_pdbx_database_status.status_code_mr                  ? 
_pdbx_database_status.entry_id                        7JMM 
_pdbx_database_status.recvd_initial_deposition_date   2020-08-02 
_pdbx_database_status.SG_entry                        N 
_pdbx_database_status.deposit_site                    RCSB 
_pdbx_database_status.process_site                    RCSB 
_pdbx_database_status.status_code_cs                  ? 
_pdbx_database_status.status_code_nmr_data            ? 
_pdbx_database_status.methods_development_category    ? 
_pdbx_database_status.pdb_format_compatible           Y 
# 
loop_
_audit_author.name 
_audit_author.pdbx_ordinal 
_audit_author.identifier_ORCID 
'Jansen, R.M.'   1 0000-0003-4666-9976 
'Ozden, C.'      2 0000-0002-5673-878X 
'Gierasch, L.M.' 3 0000-0002-5706-115X 
'Garman, S.C.'   4 0000-0001-9912-2670 
# 
_citation.abstract                  ? 
_citation.abstract_id_CAS           ? 
_citation.book_id_ISBN              ? 
_citation.book_publisher            ? 
_citation.book_publisher_city       ? 
_citation.book_title                ? 
_citation.coordinate_linkage        ? 
_citation.country                   US 
_citation.database_id_Medline       ? 
_citation.details                   ? 
_citation.id                        primary 
_citation.journal_abbrev            Proc.Natl.Acad.Sci.USA 
_citation.journal_id_ASTM           PNASA6 
_citation.journal_id_CSD            0040 
_citation.journal_id_ISSN           1091-6490 
_citation.journal_full              ? 
_citation.journal_issue             ? 
_citation.journal_volume            118 
_citation.language                  ? 
_citation.page_first                ? 
_citation.page_last                 ? 
_citation.title                     'Selective promiscuity in the binding of E. coli Hsp70 to an unfolded protein.' 
_citation.year                      2021 
_citation.database_id_CSD           ? 
_citation.pdbx_database_id_DOI      10.1073/pnas.2016962118 
_citation.pdbx_database_id_PubMed   34625496 
_citation.unpublished_flag          ? 
# 
loop_
_citation_author.citation_id 
_citation_author.name 
_citation_author.ordinal 
_citation_author.identifier_ORCID 
primary 'Clerico, E.M.'    1 0000-0002-4433-8842 
primary 'Pozhidaeva, A.K.' 2 0000-0001-8602-1790 
primary 'Jansen, R.M.'     3 0000-0003-4666-9976 
primary 'Ozden, C.'        4 0000-0002-5673-878X 
primary 'Tilitsky, J.M.'   5 0000-0001-8555-398X 
primary 'Gierasch, L.M.'   6 0000-0002-5706-115X 
# 
_cell.angle_alpha                  90.000 
_cell.angle_alpha_esd              ? 
_cell.angle_beta                   90.000 
_cell.angle_beta_esd               ? 
_cell.angle_gamma                  90.000 
_cell.angle_gamma_esd              ? 
_cell.entry_id                     7JMM 
_cell.details                      ? 
_cell.formula_units_Z              ? 
_cell.length_a                     38.126 
_cell.length_a_esd                 ? 
_cell.length_b                     95.494 
_cell.length_b_esd                 ? 
_cell.length_c                     117.374 
_cell.length_c_esd                 ? 
_cell.volume                       ? 
_cell.volume_esd                   ? 
_cell.Z_PDB                        8 
_cell.reciprocal_angle_alpha       ? 
_cell.reciprocal_angle_beta        ? 
_cell.reciprocal_angle_gamma       ? 
_cell.reciprocal_angle_alpha_esd   ? 
_cell.reciprocal_angle_beta_esd    ? 
_cell.reciprocal_angle_gamma_esd   ? 
_cell.reciprocal_length_a          ? 
_cell.reciprocal_length_b          ? 
_cell.reciprocal_length_c          ? 
_cell.reciprocal_length_a_esd      ? 
_cell.reciprocal_length_b_esd      ? 
_cell.reciprocal_length_c_esd      ? 
_cell.pdbx_unique_axis             ? 
# 
_symmetry.entry_id                         7JMM 
_symmetry.cell_setting                     ? 
_symmetry.Int_Tables_number                23 
_symmetry.space_group_name_Hall            ? 
_symmetry.space_group_name_H-M             'I 2 2 2' 
_symmetry.pdbx_full_space_group_name_H-M   ? 
# 
loop_
_entity.id 
_entity.type 
_entity.src_method 
_entity.pdbx_description 
_entity.formula_weight 
_entity.pdbx_number_of_molecules 
_entity.pdbx_ec 
_entity.pdbx_mutation 
_entity.pdbx_fragment 
_entity.details 
1 polymer     man 'Chaperone protein DnaK' 23820.777 1  ?       ?                  ? ? 
2 polymer     syn 'Alkaline phosphatase'   1186.472  1  3.1.3.1 'P63R, I71S, G72R' ? ? 
3 non-polymer syn 'SULFATE ION'            96.063    1  ?       ?                  ? ? 
4 water       nat water                    18.015    12 ?       ?                  ? ? 
# 
loop_
_entity_name_com.entity_id 
_entity_name_com.name 
1 'HSP70,Heat shock 70 kDa protein,Heat shock protein 70' 
2 APase                                                   
# 
loop_
_entity_poly.entity_id 
_entity_poly.type 
_entity_poly.nstd_linkage 
_entity_poly.nstd_monomer 
_entity_poly.pdbx_seq_one_letter_code 
_entity_poly.pdbx_seq_one_letter_code_can 
_entity_poly.pdbx_strand_id 
_entity_poly.pdbx_target_identifier 
1 'polypeptide(L)' no no 
;VLLLDVTPLSLGIETMGGVMTTLIAKNTTIPTKHSQVFSTAEDNQSAVTIHVLQGERKRAADNKSLGQFNLDGINPAPRG
MPQIEVTFDIDADGILHVSAKDKNSGKEQKITIKASSGLNEDEIQKMVRDAEANAEADRKFEELVQTRNQGDHLLHSTRK
QVEEAGDKLPADDKTAIESALTALETALKGEDKAAIEAKMQELAQVSQKLMEIAQQQHA
;
;VLLLDVTPLSLGIETMGGVMTTLIAKNTTIPTKHSQVFSTAEDNQSAVTIHVLQGERKRAADNKSLGQFNLDGINPAPRG
MPQIEVTFDIDADGILHVSAKDKNSGKEQKITIKASSGLNEDEIQKMVRDAEANAEADRKFEELVQTRNQGDHLLHSTRK
QVEEAGDKLPADDKTAIESALTALETALKGEDKAAIEAKMQELAQVSQKLMEIAQQQHA
;
A ? 
2 'polypeptide(L)' no no RAKNIILLSR RAKNIILLSR B ? 
# 
loop_
_entity_poly_seq.entity_id 
_entity_poly_seq.num 
_entity_poly_seq.mon_id 
_entity_poly_seq.hetero 
1 1   VAL n 
1 2   LEU n 
1 3   LEU n 
1 4   LEU n 
1 5   ASP n 
1 6   VAL n 
1 7   THR n 
1 8   PRO n 
1 9   LEU n 
1 10  SER n 
1 11  LEU n 
1 12  GLY n 
1 13  ILE n 
1 14  GLU n 
1 15  THR n 
1 16  MET n 
1 17  GLY n 
1 18  GLY n 
1 19  VAL n 
1 20  MET n 
1 21  THR n 
1 22  THR n 
1 23  LEU n 
1 24  ILE n 
1 25  ALA n 
1 26  LYS n 
1 27  ASN n 
1 28  THR n 
1 29  THR n 
1 30  ILE n 
1 31  PRO n 
1 32  THR n 
1 33  LYS n 
1 34  HIS n 
1 35  SER n 
1 36  GLN n 
1 37  VAL n 
1 38  PHE n 
1 39  SER n 
1 40  THR n 
1 41  ALA n 
1 42  GLU n 
1 43  ASP n 
1 44  ASN n 
1 45  GLN n 
1 46  SER n 
1 47  ALA n 
1 48  VAL n 
1 49  THR n 
1 50  ILE n 
1 51  HIS n 
1 52  VAL n 
1 53  LEU n 
1 54  GLN n 
1 55  GLY n 
1 56  GLU n 
1 57  ARG n 
1 58  LYS n 
1 59  ARG n 
1 60  ALA n 
1 61  ALA n 
1 62  ASP n 
1 63  ASN n 
1 64  LYS n 
1 65  SER n 
1 66  LEU n 
1 67  GLY n 
1 68  GLN n 
1 69  PHE n 
1 70  ASN n 
1 71  LEU n 
1 72  ASP n 
1 73  GLY n 
1 74  ILE n 
1 75  ASN n 
1 76  PRO n 
1 77  ALA n 
1 78  PRO n 
1 79  ARG n 
1 80  GLY n 
1 81  MET n 
1 82  PRO n 
1 83  GLN n 
1 84  ILE n 
1 85  GLU n 
1 86  VAL n 
1 87  THR n 
1 88  PHE n 
1 89  ASP n 
1 90  ILE n 
1 91  ASP n 
1 92  ALA n 
1 93  ASP n 
1 94  GLY n 
1 95  ILE n 
1 96  LEU n 
1 97  HIS n 
1 98  VAL n 
1 99  SER n 
1 100 ALA n 
1 101 LYS n 
1 102 ASP n 
1 103 LYS n 
1 104 ASN n 
1 105 SER n 
1 106 GLY n 
1 107 LYS n 
1 108 GLU n 
1 109 GLN n 
1 110 LYS n 
1 111 ILE n 
1 112 THR n 
1 113 ILE n 
1 114 LYS n 
1 115 ALA n 
1 116 SER n 
1 117 SER n 
1 118 GLY n 
1 119 LEU n 
1 120 ASN n 
1 121 GLU n 
1 122 ASP n 
1 123 GLU n 
1 124 ILE n 
1 125 GLN n 
1 126 LYS n 
1 127 MET n 
1 128 VAL n 
1 129 ARG n 
1 130 ASP n 
1 131 ALA n 
1 132 GLU n 
1 133 ALA n 
1 134 ASN n 
1 135 ALA n 
1 136 GLU n 
1 137 ALA n 
1 138 ASP n 
1 139 ARG n 
1 140 LYS n 
1 141 PHE n 
1 142 GLU n 
1 143 GLU n 
1 144 LEU n 
1 145 VAL n 
1 146 GLN n 
1 147 THR n 
1 148 ARG n 
1 149 ASN n 
1 150 GLN n 
1 151 GLY n 
1 152 ASP n 
1 153 HIS n 
1 154 LEU n 
1 155 LEU n 
1 156 HIS n 
1 157 SER n 
1 158 THR n 
1 159 ARG n 
1 160 LYS n 
1 161 GLN n 
1 162 VAL n 
1 163 GLU n 
1 164 GLU n 
1 165 ALA n 
1 166 GLY n 
1 167 ASP n 
1 168 LYS n 
1 169 LEU n 
1 170 PRO n 
1 171 ALA n 
1 172 ASP n 
1 173 ASP n 
1 174 LYS n 
1 175 THR n 
1 176 ALA n 
1 177 ILE n 
1 178 GLU n 
1 179 SER n 
1 180 ALA n 
1 181 LEU n 
1 182 THR n 
1 183 ALA n 
1 184 LEU n 
1 185 GLU n 
1 186 THR n 
1 187 ALA n 
1 188 LEU n 
1 189 LYS n 
1 190 GLY n 
1 191 GLU n 
1 192 ASP n 
1 193 LYS n 
1 194 ALA n 
1 195 ALA n 
1 196 ILE n 
1 197 GLU n 
1 198 ALA n 
1 199 LYS n 
1 200 MET n 
1 201 GLN n 
1 202 GLU n 
1 203 LEU n 
1 204 ALA n 
1 205 GLN n 
1 206 VAL n 
1 207 SER n 
1 208 GLN n 
1 209 LYS n 
1 210 LEU n 
1 211 MET n 
1 212 GLU n 
1 213 ILE n 
1 214 ALA n 
1 215 GLN n 
1 216 GLN n 
1 217 GLN n 
1 218 HIS n 
1 219 ALA n 
2 1   ARG n 
2 2   ALA n 
2 3   LYS n 
2 4   ASN n 
2 5   ILE n 
2 6   ILE n 
2 7   LEU n 
2 8   LEU n 
2 9   SER n 
2 10  ARG n 
# 
_entity_src_gen.entity_id                          1 
_entity_src_gen.pdbx_src_id                        1 
_entity_src_gen.pdbx_alt_source_flag               sample 
_entity_src_gen.pdbx_seq_type                      'Biological sequence' 
_entity_src_gen.pdbx_beg_seq_num                   1 
_entity_src_gen.pdbx_end_seq_num                   219 
_entity_src_gen.gene_src_common_name               ? 
_entity_src_gen.gene_src_genus                     ? 
_entity_src_gen.pdbx_gene_src_gene                 'dnaK, groP, grpF, seg, b0014, JW0013' 
_entity_src_gen.gene_src_species                   ? 
_entity_src_gen.gene_src_strain                    K12 
_entity_src_gen.gene_src_tissue                    ? 
_entity_src_gen.gene_src_tissue_fraction           ? 
_entity_src_gen.gene_src_details                   ? 
_entity_src_gen.pdbx_gene_src_fragment             ? 
_entity_src_gen.pdbx_gene_src_scientific_name      'Escherichia coli (strain K12)' 
_entity_src_gen.pdbx_gene_src_ncbi_taxonomy_id     83333 
_entity_src_gen.pdbx_gene_src_variant              ? 
_entity_src_gen.pdbx_gene_src_cell_line            ? 
_entity_src_gen.pdbx_gene_src_atcc                 ? 
_entity_src_gen.pdbx_gene_src_organ                ? 
_entity_src_gen.pdbx_gene_src_organelle            ? 
_entity_src_gen.pdbx_gene_src_cell                 ? 
_entity_src_gen.pdbx_gene_src_cellular_location    ? 
_entity_src_gen.host_org_common_name               ? 
_entity_src_gen.pdbx_host_org_scientific_name      'Escherichia coli BL21(DE3)' 
_entity_src_gen.pdbx_host_org_ncbi_taxonomy_id     469008 
_entity_src_gen.host_org_genus                     ? 
_entity_src_gen.pdbx_host_org_gene                 ? 
_entity_src_gen.pdbx_host_org_organ                ? 
_entity_src_gen.host_org_species                   ? 
_entity_src_gen.pdbx_host_org_tissue               ? 
_entity_src_gen.pdbx_host_org_tissue_fraction      ? 
_entity_src_gen.pdbx_host_org_strain               'BL21(DE3)' 
_entity_src_gen.pdbx_host_org_variant              ? 
_entity_src_gen.pdbx_host_org_cell_line            ? 
_entity_src_gen.pdbx_host_org_atcc                 ? 
_entity_src_gen.pdbx_host_org_culture_collection   ? 
_entity_src_gen.pdbx_host_org_cell                 ? 
_entity_src_gen.pdbx_host_org_organelle            ? 
_entity_src_gen.pdbx_host_org_cellular_location    ? 
_entity_src_gen.pdbx_host_org_vector_type          ? 
_entity_src_gen.pdbx_host_org_vector               ? 
_entity_src_gen.host_org_details                   ? 
_entity_src_gen.expression_system_id               ? 
_entity_src_gen.plasmid_name                       ? 
_entity_src_gen.plasmid_details                    ? 
_entity_src_gen.pdbx_description                   ? 
# 
_pdbx_entity_src_syn.entity_id              2 
_pdbx_entity_src_syn.pdbx_src_id            1 
_pdbx_entity_src_syn.pdbx_alt_source_flag   sample 
_pdbx_entity_src_syn.pdbx_beg_seq_num       1 
_pdbx_entity_src_syn.pdbx_end_seq_num       10 
_pdbx_entity_src_syn.organism_scientific    'Escherichia coli (strain K12)' 
_pdbx_entity_src_syn.organism_common_name   ? 
_pdbx_entity_src_syn.ncbi_taxonomy_id       83333 
_pdbx_entity_src_syn.details                ? 
# 
loop_
_struct_ref.id 
_struct_ref.db_name 
_struct_ref.db_code 
_struct_ref.pdbx_db_accession 
_struct_ref.pdbx_db_isoform 
_struct_ref.entity_id 
_struct_ref.pdbx_seq_one_letter_code 
_struct_ref.pdbx_align_begin 
1 UNP DNAK_ECOLI P0A6Y8 ? 1 
;VLLLDVTPLSLGIETMGGVMTTLIAKNTTIPTKHSQVFSTAEDNQSAVTIHVLQGERKRAADNKSLGQFNLDGINPAPRG
MPQIEVTFDIDADGILHVSAKDKNSGKEQKITIKASSGLNEDEIQKMVRDAEANAEADRKFEELVQTRNQGDHLLHSTRK
QVEEAGDKLPADDKTAIESALTALETALKGEDKAAIEAKMQELAQVSQKLMEIAQQQHA
;
389 
2 UNP PPB_ECOLI  P00634 ? 2 PAKNIILLIG 63  
# 
loop_
_struct_ref_seq.align_id 
_struct_ref_seq.ref_id 
_struct_ref_seq.pdbx_PDB_id_code 
_struct_ref_seq.pdbx_strand_id 
_struct_ref_seq.seq_align_beg 
_struct_ref_seq.pdbx_seq_align_beg_ins_code 
_struct_ref_seq.seq_align_end 
_struct_ref_seq.pdbx_seq_align_end_ins_code 
_struct_ref_seq.pdbx_db_accession 
_struct_ref_seq.db_align_beg 
_struct_ref_seq.pdbx_db_align_beg_ins_code 
_struct_ref_seq.db_align_end 
_struct_ref_seq.pdbx_db_align_end_ins_code 
_struct_ref_seq.pdbx_auth_seq_align_beg 
_struct_ref_seq.pdbx_auth_seq_align_end 
1 1 7JMM A 1 ? 219 ? P0A6Y8 389 ? 607 ? 389 607 
2 2 7JMM B 1 ? 10  ? P00634 63  ? 72  ? 42  51  
# 
loop_
_struct_ref_seq_dif.align_id 
_struct_ref_seq_dif.pdbx_pdb_id_code 
_struct_ref_seq_dif.mon_id 
_struct_ref_seq_dif.pdbx_pdb_strand_id 
_struct_ref_seq_dif.seq_num 
_struct_ref_seq_dif.pdbx_pdb_ins_code 
_struct_ref_seq_dif.pdbx_seq_db_name 
_struct_ref_seq_dif.pdbx_seq_db_accession_code 
_struct_ref_seq_dif.db_mon_id 
_struct_ref_seq_dif.pdbx_seq_db_seq_num 
_struct_ref_seq_dif.details 
_struct_ref_seq_dif.pdbx_auth_seq_num 
_struct_ref_seq_dif.pdbx_ordinal 
2 7JMM ARG B 1  ? UNP P00634 PRO 63 'engineered mutation' 42 1 
2 7JMM SER B 9  ? UNP P00634 ILE 71 'engineered mutation' 50 2 
2 7JMM ARG B 10 ? UNP P00634 GLY 72 'engineered mutation' 51 3 
# 
loop_
_chem_comp.id 
_chem_comp.type 
_chem_comp.mon_nstd_flag 
_chem_comp.name 
_chem_comp.pdbx_synonyms 
_chem_comp.formula 
_chem_comp.formula_weight 
ALA 'L-peptide linking' y ALANINE         ? 'C3 H7 N O2'     89.093  
ARG 'L-peptide linking' y ARGININE        ? 'C6 H15 N4 O2 1' 175.209 
ASN 'L-peptide linking' y ASPARAGINE      ? 'C4 H8 N2 O3'    132.118 
ASP 'L-peptide linking' y 'ASPARTIC ACID' ? 'C4 H7 N O4'     133.103 
GLN 'L-peptide linking' y GLUTAMINE       ? 'C5 H10 N2 O3'   146.144 
GLU 'L-peptide linking' y 'GLUTAMIC ACID' ? 'C5 H9 N O4'     147.129 
GLY 'peptide linking'   y GLYCINE         ? 'C2 H5 N O2'     75.067  
HIS 'L-peptide linking' y HISTIDINE       ? 'C6 H10 N3 O2 1' 156.162 
HOH non-polymer         . WATER           ? 'H2 O'           18.015  
ILE 'L-peptide linking' y ISOLEUCINE      ? 'C6 H13 N O2'    131.173 
LEU 'L-peptide linking' y LEUCINE         ? 'C6 H13 N O2'    131.173 
LYS 'L-peptide linking' y LYSINE          ? 'C6 H15 N2 O2 1' 147.195 
MET 'L-peptide linking' y METHIONINE      ? 'C5 H11 N O2 S'  149.211 
PHE 'L-peptide linking' y PHENYLALANINE   ? 'C9 H11 N O2'    165.189 
PRO 'L-peptide linking' y PROLINE         ? 'C5 H9 N O2'     115.130 
SER 'L-peptide linking' y SERINE          ? 'C3 H7 N O3'     105.093 
SO4 non-polymer         . 'SULFATE ION'   ? 'O4 S -2'        96.063  
THR 'L-peptide linking' y THREONINE       ? 'C4 H9 N O3'     119.119 
VAL 'L-peptide linking' y VALINE          ? 'C5 H11 N O2'    117.146 
# 
_exptl.absorpt_coefficient_mu     ? 
_exptl.absorpt_correction_T_max   ? 
_exptl.absorpt_correction_T_min   ? 
_exptl.absorpt_correction_type    ? 
_exptl.absorpt_process_details    ? 
_exptl.entry_id                   7JMM 
_exptl.crystals_number            1 
_exptl.details                    ? 
_exptl.method                     'X-RAY DIFFRACTION' 
_exptl.method_details             ? 
# 
_exptl_crystal.colour                      ? 
_exptl_crystal.density_diffrn              ? 
_exptl_crystal.density_Matthews            2.14 
_exptl_crystal.density_method              ? 
_exptl_crystal.density_percent_sol         42.42 
_exptl_crystal.description                 ? 
_exptl_crystal.F_000                       ? 
_exptl_crystal.id                          1 
_exptl_crystal.preparation                 ? 
_exptl_crystal.size_max                    ? 
_exptl_crystal.size_mid                    ? 
_exptl_crystal.size_min                    ? 
_exptl_crystal.size_rad                    ? 
_exptl_crystal.colour_lustre               ? 
_exptl_crystal.colour_modifier             ? 
_exptl_crystal.colour_primary              ? 
_exptl_crystal.density_meas                ? 
_exptl_crystal.density_meas_esd            ? 
_exptl_crystal.density_meas_gt             ? 
_exptl_crystal.density_meas_lt             ? 
_exptl_crystal.density_meas_temp           ? 
_exptl_crystal.density_meas_temp_esd       ? 
_exptl_crystal.density_meas_temp_gt        ? 
_exptl_crystal.density_meas_temp_lt        ? 
_exptl_crystal.pdbx_crystal_image_url      ? 
_exptl_crystal.pdbx_crystal_image_format   ? 
_exptl_crystal.pdbx_mosaicity              ? 
_exptl_crystal.pdbx_mosaicity_esd          ? 
# 
_exptl_crystal_grow.apparatus       ? 
_exptl_crystal_grow.atmosphere      ? 
_exptl_crystal_grow.crystal_id      1 
_exptl_crystal_grow.details         ? 
_exptl_crystal_grow.method          'VAPOR DIFFUSION, HANGING DROP' 
_exptl_crystal_grow.method_ref      ? 
_exptl_crystal_grow.pH              7.0 
_exptl_crystal_grow.pressure        ? 
_exptl_crystal_grow.pressure_esd    ? 
_exptl_crystal_grow.seeding         ? 
_exptl_crystal_grow.seeding_ref     ? 
_exptl_crystal_grow.temp            293 
_exptl_crystal_grow.temp_details    ? 
_exptl_crystal_grow.temp_esd        ? 
_exptl_crystal_grow.time            ? 
_exptl_crystal_grow.pdbx_details    '2.4 M (NH4)2SO4, 0.1 M K3PO4' 
_exptl_crystal_grow.pdbx_pH_range   ? 
# 
_diffrn.ambient_environment              ? 
_diffrn.ambient_temp                     100 
_diffrn.ambient_temp_details             '100 K throughout the collection' 
_diffrn.ambient_temp_esd                 ? 
_diffrn.crystal_id                       1 
_diffrn.crystal_support                  ? 
_diffrn.crystal_treatment                ? 
_diffrn.details                          ? 
_diffrn.id                               1 
_diffrn.ambient_pressure                 ? 
_diffrn.ambient_pressure_esd             ? 
_diffrn.ambient_pressure_gt              ? 
_diffrn.ambient_pressure_lt              ? 
_diffrn.ambient_temp_gt                  ? 
_diffrn.ambient_temp_lt                  ? 
_diffrn.pdbx_serial_crystal_experiment   N 
# 
_diffrn_detector.details                      'Rigaku VariMax HF' 
_diffrn_detector.detector                     PIXEL 
_diffrn_detector.diffrn_id                    1 
_diffrn_detector.type                         'DECTRIS PILATUS3 R 200K-A' 
_diffrn_detector.area_resol_mean              ? 
_diffrn_detector.dtime                        ? 
_diffrn_detector.pdbx_frames_total            ? 
_diffrn_detector.pdbx_collection_time_total   ? 
_diffrn_detector.pdbx_collection_date         2019-06-27 
_diffrn_detector.pdbx_frequency               ? 
# 
_diffrn_radiation.collimation                      ? 
_diffrn_radiation.diffrn_id                        1 
_diffrn_radiation.filter_edge                      ? 
_diffrn_radiation.inhomogeneity                    ? 
_diffrn_radiation.monochromator                    ? 
_diffrn_radiation.polarisn_norm                    ? 
_diffrn_radiation.polarisn_ratio                   ? 
_diffrn_radiation.probe                            ? 
_diffrn_radiation.type                             ? 
_diffrn_radiation.xray_symbol                      ? 
_diffrn_radiation.wavelength_id                    1 
_diffrn_radiation.pdbx_monochromatic_or_laue_m_l   M 
_diffrn_radiation.pdbx_wavelength_list             ? 
_diffrn_radiation.pdbx_wavelength                  ? 
_diffrn_radiation.pdbx_diffrn_protocol             'SINGLE WAVELENGTH' 
_diffrn_radiation.pdbx_analyzer                    ? 
_diffrn_radiation.pdbx_scattering_type             x-ray 
# 
_diffrn_radiation_wavelength.id           1 
_diffrn_radiation_wavelength.wavelength   1.5418 
_diffrn_radiation_wavelength.wt           1.0 
# 
_diffrn_source.current                     ? 
_diffrn_source.details                     ? 
_diffrn_source.diffrn_id                   1 
_diffrn_source.power                       ? 
_diffrn_source.size                        ? 
_diffrn_source.source                      'ROTATING ANODE' 
_diffrn_source.target                      ? 
_diffrn_source.type                        'RIGAKU MICROMAX-007 HF' 
_diffrn_source.voltage                     ? 
_diffrn_source.take-off_angle              ? 
_diffrn_source.pdbx_wavelength_list        1.5418 
_diffrn_source.pdbx_wavelength             ? 
_diffrn_source.pdbx_synchrotron_beamline   ? 
_diffrn_source.pdbx_synchrotron_site       ? 
# 
_reflns.B_iso_Wilson_estimate            ? 
_reflns.entry_id                         7JMM 
_reflns.data_reduction_details           ? 
_reflns.data_reduction_method            ? 
_reflns.d_resolution_high                2.560 
_reflns.d_resolution_low                 50.000 
_reflns.details                          ? 
_reflns.limit_h_max                      ? 
_reflns.limit_h_min                      ? 
_reflns.limit_k_max                      ? 
_reflns.limit_k_min                      ? 
_reflns.limit_l_max                      ? 
_reflns.limit_l_min                      ? 
_reflns.number_all                       ? 
_reflns.number_obs                       7236 
_reflns.observed_criterion               ? 
_reflns.observed_criterion_F_max         ? 
_reflns.observed_criterion_F_min         ? 
_reflns.observed_criterion_I_max         ? 
_reflns.observed_criterion_I_min         ? 
_reflns.observed_criterion_sigma_F       ? 
_reflns.observed_criterion_sigma_I       ? 
_reflns.percent_possible_obs             99.900 
_reflns.R_free_details                   ? 
_reflns.Rmerge_F_all                     ? 
_reflns.Rmerge_F_obs                     ? 
_reflns.Friedel_coverage                 ? 
_reflns.number_gt                        ? 
_reflns.threshold_expression             ? 
_reflns.pdbx_redundancy                  6.100 
_reflns.pdbx_Rmerge_I_obs                0.148 
_reflns.pdbx_Rmerge_I_all                ? 
_reflns.pdbx_Rsym_value                  ? 
_reflns.pdbx_netI_over_av_sigmaI         ? 
_reflns.pdbx_netI_over_sigmaI            5.200 
_reflns.pdbx_res_netI_over_av_sigmaI_2   ? 
_reflns.pdbx_res_netI_over_sigmaI_2      ? 
_reflns.pdbx_chi_squared                 2.211 
_reflns.pdbx_scaling_rejects             ? 
_reflns.pdbx_d_res_high_opt              ? 
_reflns.pdbx_d_res_low_opt               ? 
_reflns.pdbx_d_res_opt_method            ? 
_reflns.phase_calculation_details        ? 
_reflns.pdbx_Rrim_I_all                  0.161 
_reflns.pdbx_Rpim_I_all                  0.079 
_reflns.pdbx_d_opt                       ? 
_reflns.pdbx_number_measured_all         43951 
_reflns.pdbx_diffrn_id                   1 
_reflns.pdbx_ordinal                     1 
_reflns.pdbx_CC_half                     ? 
_reflns.pdbx_CC_star                     ? 
_reflns.pdbx_R_split                     ? 
# 
loop_
_reflns_shell.d_res_high 
_reflns_shell.d_res_low 
_reflns_shell.meanI_over_sigI_all 
_reflns_shell.meanI_over_sigI_obs 
_reflns_shell.number_measured_all 
_reflns_shell.number_measured_obs 
_reflns_shell.number_possible 
_reflns_shell.number_unique_all 
_reflns_shell.number_unique_obs 
_reflns_shell.percent_possible_all 
_reflns_shell.percent_possible_obs 
_reflns_shell.Rmerge_F_all 
_reflns_shell.Rmerge_F_obs 
_reflns_shell.Rmerge_I_all 
_reflns_shell.Rmerge_I_obs 
_reflns_shell.meanI_over_sigI_gt 
_reflns_shell.meanI_over_uI_all 
_reflns_shell.meanI_over_uI_gt 
_reflns_shell.number_measured_gt 
_reflns_shell.number_unique_gt 
_reflns_shell.percent_possible_gt 
_reflns_shell.Rmerge_F_gt 
_reflns_shell.Rmerge_I_gt 
_reflns_shell.pdbx_redundancy 
_reflns_shell.pdbx_Rsym_value 
_reflns_shell.pdbx_chi_squared 
_reflns_shell.pdbx_netI_over_sigmaI_all 
_reflns_shell.pdbx_netI_over_sigmaI_obs 
_reflns_shell.pdbx_Rrim_I_all 
_reflns_shell.pdbx_Rpim_I_all 
_reflns_shell.pdbx_rejects 
_reflns_shell.pdbx_ordinal 
_reflns_shell.pdbx_diffrn_id 
_reflns_shell.pdbx_CC_half 
_reflns_shell.pdbx_CC_star 
_reflns_shell.pdbx_R_split 
2.560 2.600  ? ? ? ? ? ? 350 98.900  ? ? ? ? ?     ? ? ? ? ? ? ? ? 5.100 ? 1.306  ? ? ?     ?     ? 1  1 0.435 ? ? 
2.600 2.650  ? ? ? ? ? ? 343 100.000 ? ? ? ? ?     ? ? ? ? ? ? ? ? 5.500 ? 1.243  ? ? ?     0.710 ? 2  1 0.571 ? ? 
2.650 2.700  ? ? ? ? ? ? 360 99.700  ? ? ? ? ?     ? ? ? ? ? ? ? ? 5.500 ? 1.195  ? ? ?     0.804 ? 3  1 0.687 ? ? 
2.700 2.760  ? ? ? ? ? ? 344 100.000 ? ? ? ? ?     ? ? ? ? ? ? ? ? 5.800 ? 1.295  ? ? ?     0.561 ? 4  1 0.908 ? ? 
2.760 2.820  ? ? ? ? ? ? 346 100.000 ? ? ? ? ?     ? ? ? ? ? ? ? ? 5.800 ? 1.299  ? ? ?     0.480 ? 5  1 0.726 ? ? 
2.820 2.880  ? ? ? ? ? ? 373 100.000 ? ? ? ? ?     ? ? ? ? ? ? ? ? 5.800 ? 1.308  ? ? ?     0.487 ? 6  1 0.745 ? ? 
2.880 2.960  ? ? ? ? ? ? 355 99.700  ? ? ? ? 0.765 ? ? ? ? ? ? ? ? 6.000 ? 1.378  ? ? 0.839 0.338 ? 7  1 0.805 ? ? 
2.960 3.040  ? ? ? ? ? ? 347 100.000 ? ? ? ? 0.525 ? ? ? ? ? ? ? ? 6.100 ? 1.319  ? ? 0.575 0.228 ? 8  1 0.915 ? ? 
3.040 3.120  ? ? ? ? ? ? 362 100.000 ? ? ? ? 0.427 ? ? ? ? ? ? ? ? 6.200 ? 1.445  ? ? 0.467 0.186 ? 9  1 0.954 ? ? 
3.120 3.230  ? ? ? ? ? ? 350 100.000 ? ? ? ? 0.327 ? ? ? ? ? ? ? ? 6.400 ? 1.425  ? ? 0.357 0.139 ? 10 1 0.951 ? ? 
3.230 3.340  ? ? ? ? ? ? 353 100.000 ? ? ? ? 0.270 ? ? ? ? ? ? ? ? 6.700 ? 1.695  ? ? 0.293 0.112 ? 11 1 0.971 ? ? 
3.340 3.470  ? ? ? ? ? ? 373 100.000 ? ? ? ? 0.208 ? ? ? ? ? ? ? ? 6.600 ? 1.801  ? ? 0.227 0.088 ? 12 1 0.975 ? ? 
3.470 3.630  ? ? ? ? ? ? 343 100.000 ? ? ? ? 0.194 ? ? ? ? ? ? ? ? 6.600 ? 1.619  ? ? 0.211 0.081 ? 13 1 0.975 ? ? 
3.630 3.820  ? ? ? ? ? ? 379 100.000 ? ? ? ? 0.157 ? ? ? ? ? ? ? ? 6.600 ? 1.698  ? ? 0.171 0.066 ? 14 1 0.982 ? ? 
3.820 4.060  ? ? ? ? ? ? 356 100.000 ? ? ? ? 0.134 ? ? ? ? ? ? ? ? 6.600 ? 2.171  ? ? 0.146 0.056 ? 15 1 0.992 ? ? 
4.060 4.380  ? ? ? ? ? ? 366 100.000 ? ? ? ? 0.108 ? ? ? ? ? ? ? ? 6.500 ? 2.465  ? ? 0.118 0.046 ? 16 1 0.992 ? ? 
4.380 4.820  ? ? ? ? ? ? 373 100.000 ? ? ? ? 0.090 ? ? ? ? ? ? ? ? 6.300 ? 2.270  ? ? 0.099 0.039 ? 17 1 0.993 ? ? 
4.820 5.510  ? ? ? ? ? ? 372 99.700  ? ? ? ? 0.104 ? ? ? ? ? ? ? ? 6.400 ? 2.685  ? ? 0.113 0.044 ? 18 1 0.991 ? ? 
5.510 6.940  ? ? ? ? ? ? 372 100.000 ? ? ? ? 0.111 ? ? ? ? ? ? ? ? 6.000 ? 3.207  ? ? 0.121 0.049 ? 19 1 0.995 ? ? 
6.940 50.000 ? ? ? ? ? ? 419 100.000 ? ? ? ? 0.083 ? ? ? ? ? ? ? ? 5.300 ? 11.068 ? ? 0.093 0.040 ? 20 1 0.995 ? ? 
# 
_refine.aniso_B[1][1]                            3.8600 
_refine.aniso_B[1][2]                            0.0000 
_refine.aniso_B[1][3]                            -0.0000 
_refine.aniso_B[2][2]                            0.2500 
_refine.aniso_B[2][3]                            0.0000 
_refine.aniso_B[3][3]                            -4.1100 
_refine.B_iso_max                                92.240 
_refine.B_iso_mean                               46.2780 
_refine.B_iso_min                                30.170 
_refine.correlation_coeff_Fo_to_Fc               0.9440 
_refine.correlation_coeff_Fo_to_Fc_free          0.8450 
_refine.details                                  
'HYDROGENS HAVE BEEN ADDED IN THE RIDING POSITIONS U VALUES      : REFINED INDIVIDUALLY' 
_refine.diff_density_max                         ? 
_refine.diff_density_max_esd                     ? 
_refine.diff_density_min                         ? 
_refine.diff_density_min_esd                     ? 
_refine.diff_density_rms                         ? 
_refine.diff_density_rms_esd                     ? 
_refine.entry_id                                 7JMM 
_refine.pdbx_refine_id                           'X-RAY DIFFRACTION' 
_refine.ls_abs_structure_details                 ? 
_refine.ls_abs_structure_Flack                   ? 
_refine.ls_abs_structure_Flack_esd               ? 
_refine.ls_abs_structure_Rogers                  ? 
_refine.ls_abs_structure_Rogers_esd              ? 
_refine.ls_d_res_high                            2.5600 
_refine.ls_d_res_low                             47.7900 
_refine.ls_extinction_coef                       ? 
_refine.ls_extinction_coef_esd                   ? 
_refine.ls_extinction_expression                 ? 
_refine.ls_extinction_method                     ? 
_refine.ls_goodness_of_fit_all                   ? 
_refine.ls_goodness_of_fit_all_esd               ? 
_refine.ls_goodness_of_fit_obs                   ? 
_refine.ls_goodness_of_fit_obs_esd               ? 
_refine.ls_hydrogen_treatment                    ? 
_refine.ls_matrix_type                           ? 
_refine.ls_number_constraints                    ? 
_refine.ls_number_parameters                     ? 
_refine.ls_number_reflns_all                     ? 
_refine.ls_number_reflns_obs                     6925 
_refine.ls_number_reflns_R_free                  308 
_refine.ls_number_reflns_R_work                  ? 
_refine.ls_number_restraints                     ? 
_refine.ls_percent_reflns_obs                    99.3400 
_refine.ls_percent_reflns_R_free                 4.3000 
_refine.ls_R_factor_all                          ? 
_refine.ls_R_factor_obs                          0.2217 
_refine.ls_R_factor_R_free                       0.3267 
_refine.ls_R_factor_R_free_error                 ? 
_refine.ls_R_factor_R_free_error_details         ? 
_refine.ls_R_factor_R_work                       0.2168 
_refine.ls_R_Fsqd_factor_obs                     ? 
_refine.ls_R_I_factor_obs                        ? 
_refine.ls_redundancy_reflns_all                 ? 
_refine.ls_redundancy_reflns_obs                 ? 
_refine.ls_restrained_S_all                      ? 
_refine.ls_restrained_S_obs                      ? 
_refine.ls_shift_over_esd_max                    ? 
_refine.ls_shift_over_esd_mean                   ? 
_refine.ls_structure_factor_coef                 ? 
_refine.ls_weighting_details                     ? 
_refine.ls_weighting_scheme                      ? 
_refine.ls_wR_factor_all                         ? 
_refine.ls_wR_factor_obs                         ? 
_refine.ls_wR_factor_R_free                      ? 
_refine.ls_wR_factor_R_work                      ? 
_refine.occupancy_max                            ? 
_refine.occupancy_min                            ? 
_refine.solvent_model_details                    MASK 
_refine.solvent_model_param_bsol                 ? 
_refine.solvent_model_param_ksol                 ? 
_refine.pdbx_R_complete                          ? 
_refine.ls_R_factor_gt                           ? 
_refine.ls_goodness_of_fit_gt                    ? 
_refine.ls_goodness_of_fit_ref                   ? 
_refine.ls_shift_over_su_max                     ? 
_refine.ls_shift_over_su_max_lt                  ? 
_refine.ls_shift_over_su_mean                    ? 
_refine.ls_shift_over_su_mean_lt                 ? 
_refine.pdbx_ls_sigma_I                          ? 
_refine.pdbx_ls_sigma_F                          0.000 
_refine.pdbx_ls_sigma_Fsqd                       ? 
_refine.pdbx_data_cutoff_high_absF               ? 
_refine.pdbx_data_cutoff_high_rms_absF           ? 
_refine.pdbx_data_cutoff_low_absF                ? 
_refine.pdbx_isotropic_thermal_model             ? 
_refine.pdbx_ls_cross_valid_method               THROUGHOUT 
_refine.pdbx_method_to_determine_struct          'MOLECULAR REPLACEMENT' 
_refine.pdbx_starting_model                      1DKZ 
_refine.pdbx_stereochemistry_target_values       'MAXIMUM LIKELIHOOD' 
_refine.pdbx_R_Free_selection_details            RANDOM 
_refine.pdbx_stereochem_target_val_spec_case     ? 
_refine.pdbx_overall_ESU_R                       1.1080 
_refine.pdbx_overall_ESU_R_Free                  0.4110 
_refine.pdbx_solvent_vdw_probe_radii             1.2000 
_refine.pdbx_solvent_ion_probe_radii             0.8000 
_refine.pdbx_solvent_shrinkage_radii             0.8000 
_refine.pdbx_real_space_R                        ? 
_refine.pdbx_density_correlation                 ? 
_refine.pdbx_pd_number_of_powder_patterns        ? 
_refine.pdbx_pd_number_of_points                 ? 
_refine.pdbx_pd_meas_number_of_points            ? 
_refine.pdbx_pd_proc_ls_prof_R_factor            ? 
_refine.pdbx_pd_proc_ls_prof_wR_factor           ? 
_refine.pdbx_pd_Marquardt_correlation_coeff      ? 
_refine.pdbx_pd_Fsqrd_R_factor                   ? 
_refine.pdbx_pd_ls_matrix_band_width             ? 
_refine.pdbx_overall_phase_error                 ? 
_refine.pdbx_overall_SU_R_free_Cruickshank_DPI   ? 
_refine.pdbx_overall_SU_R_free_Blow_DPI          ? 
_refine.pdbx_overall_SU_R_Blow_DPI               ? 
_refine.pdbx_TLS_residual_ADP_flag               ? 
_refine.pdbx_diffrn_id                           1 
_refine.overall_SU_B                             19.9400 
_refine.overall_SU_ML                            0.4010 
_refine.overall_SU_R_Cruickshank_DPI             ? 
_refine.overall_SU_R_free                        ? 
_refine.overall_FOM_free_R_set                   ? 
_refine.overall_FOM_work_R_set                   ? 
_refine.pdbx_average_fsc_overall                 ? 
_refine.pdbx_average_fsc_work                    ? 
_refine.pdbx_average_fsc_free                    ? 
# 
_refine_hist.pdbx_refine_id                   'X-RAY DIFFRACTION' 
_refine_hist.cycle_id                         final 
_refine_hist.details                          ? 
_refine_hist.d_res_high                       2.5600 
_refine_hist.d_res_low                        47.7900 
_refine_hist.number_atoms_solvent             12 
_refine_hist.number_atoms_total               1626 
_refine_hist.number_reflns_all                ? 
_refine_hist.number_reflns_obs                ? 
_refine_hist.number_reflns_R_free             ? 
_refine_hist.number_reflns_R_work             ? 
_refine_hist.R_factor_all                     ? 
_refine_hist.R_factor_obs                     ? 
_refine_hist.R_factor_R_free                  ? 
_refine_hist.R_factor_R_work                  ? 
_refine_hist.pdbx_number_residues_total       220 
_refine_hist.pdbx_B_iso_mean_ligand           76.32 
_refine_hist.pdbx_B_iso_mean_solvent          38.82 
_refine_hist.pdbx_number_atoms_protein        1609 
_refine_hist.pdbx_number_atoms_nucleic_acid   0 
_refine_hist.pdbx_number_atoms_ligand         5 
_refine_hist.pdbx_number_atoms_lipid          ? 
_refine_hist.pdbx_number_atoms_carb           ? 
_refine_hist.pdbx_pseudo_atom_details         ? 
# 
loop_
_refine_ls_restr.pdbx_refine_id 
_refine_ls_restr.criterion 
_refine_ls_restr.dev_ideal 
_refine_ls_restr.dev_ideal_target 
_refine_ls_restr.number 
_refine_ls_restr.rejects 
_refine_ls_restr.type 
_refine_ls_restr.weight 
_refine_ls_restr.pdbx_restraint_function 
'X-RAY DIFFRACTION' ? 0.007  0.013  1626 ? r_bond_refined_d       ? ? 
'X-RAY DIFFRACTION' ? 0.001  0.017  1504 ? r_bond_other_d         ? ? 
'X-RAY DIFFRACTION' ? 1.523  1.635  2197 ? r_angle_refined_deg    ? ? 
'X-RAY DIFFRACTION' ? 1.217  1.578  3502 ? r_angle_other_deg      ? ? 
'X-RAY DIFFRACTION' ? 7.231  5.000  218  ? r_dihedral_angle_1_deg ? ? 
'X-RAY DIFFRACTION' ? 40.226 26.429 70   ? r_dihedral_angle_2_deg ? ? 
'X-RAY DIFFRACTION' ? 18.311 15.000 289  ? r_dihedral_angle_3_deg ? ? 
'X-RAY DIFFRACTION' ? 23.037 15.000 5    ? r_dihedral_angle_4_deg ? ? 
'X-RAY DIFFRACTION' ? 0.051  0.200  237  ? r_chiral_restr         ? ? 
'X-RAY DIFFRACTION' ? 0.005  0.020  1829 ? r_gen_planes_refined   ? ? 
'X-RAY DIFFRACTION' ? 0.001  0.020  263  ? r_gen_planes_other     ? ? 
# 
_refine_ls_shell.pdbx_refine_id                   'X-RAY DIFFRACTION' 
_refine_ls_shell.d_res_high                       2.5600 
_refine_ls_shell.d_res_low                        2.6220 
_refine_ls_shell.number_reflns_all                ? 
_refine_ls_shell.number_reflns_obs                ? 
_refine_ls_shell.number_reflns_R_free             14 
_refine_ls_shell.number_reflns_R_work             448 
_refine_ls_shell.percent_reflns_obs               91.8500 
_refine_ls_shell.percent_reflns_R_free            ? 
_refine_ls_shell.R_factor_all                     ? 
_refine_ls_shell.R_factor_obs                     ? 
_refine_ls_shell.R_factor_R_free                  0.3680 
_refine_ls_shell.R_factor_R_free_error            0.0000 
_refine_ls_shell.R_factor_R_work                  0.3680 
_refine_ls_shell.redundancy_reflns_all            ? 
_refine_ls_shell.redundancy_reflns_obs            ? 
_refine_ls_shell.wR_factor_all                    ? 
_refine_ls_shell.wR_factor_obs                    ? 
_refine_ls_shell.wR_factor_R_free                 ? 
_refine_ls_shell.wR_factor_R_work                 ? 
_refine_ls_shell.pdbx_R_complete                  ? 
_refine_ls_shell.pdbx_total_number_of_bins_used   ? 
_refine_ls_shell.pdbx_phase_error                 ? 
_refine_ls_shell.pdbx_fsc_work                    ? 
_refine_ls_shell.pdbx_fsc_free                    ? 
# 
_struct.entry_id                     7JMM 
_struct.title                        
'Crystal structure of the substrate-binding domain of E. coli DnaK in complex with the peptide RAKNIILLSR' 
_struct.pdbx_model_details           ? 
_struct.pdbx_formula_weight          ? 
_struct.pdbx_formula_weight_method   ? 
_struct.pdbx_model_type_details      ? 
_struct.pdbx_CASP_flag               N 
# 
_struct_keywords.entry_id        7JMM 
_struct_keywords.text            'Complex, Molecular chaperone, Protein/Peptide, CHAPERONE' 
_struct_keywords.pdbx_keywords   CHAPERONE 
# 
loop_
_struct_asym.id 
_struct_asym.pdbx_blank_PDB_chainid_flag 
_struct_asym.pdbx_modified 
_struct_asym.entity_id 
_struct_asym.details 
A N N 1 ? 
B N N 2 ? 
C N N 3 ? 
D N N 4 ? 
# 
loop_
_struct_conf.conf_type_id 
_struct_conf.id 
_struct_conf.pdbx_PDB_helix_id 
_struct_conf.beg_label_comp_id 
_struct_conf.beg_label_asym_id 
_struct_conf.beg_label_seq_id 
_struct_conf.pdbx_beg_PDB_ins_code 
_struct_conf.end_label_comp_id 
_struct_conf.end_label_asym_id 
_struct_conf.end_label_seq_id 
_struct_conf.pdbx_end_PDB_ins_code 
_struct_conf.beg_auth_comp_id 
_struct_conf.beg_auth_asym_id 
_struct_conf.beg_auth_seq_id 
_struct_conf.end_auth_comp_id 
_struct_conf.end_auth_asym_id 
_struct_conf.end_auth_seq_id 
_struct_conf.pdbx_PDB_helix_class 
_struct_conf.details 
_struct_conf.pdbx_PDB_helix_length 
HELX_P HELX_P1 AA1 ARG A 59  ? ASN A 63  ? ARG A 447 ASN A 451 5 ? 5  
HELX_P HELX_P2 AA2 ASN A 120 ? ASN A 134 ? ASN A 508 ASN A 522 1 ? 15 
HELX_P HELX_P3 AA3 ASN A 134 ? GLY A 166 ? ASN A 522 GLY A 554 1 ? 33 
HELX_P HELX_P4 AA4 ASP A 167 ? LEU A 169 ? ASP A 555 LEU A 557 5 ? 3  
HELX_P HELX_P5 AA5 PRO A 170 ? GLY A 190 ? PRO A 558 GLY A 578 1 ? 21 
HELX_P HELX_P6 AA6 ASP A 192 ? SER A 207 ? ASP A 580 SER A 595 1 ? 16 
HELX_P HELX_P7 AA7 SER A 207 ? ALA A 214 ? SER A 595 ALA A 602 1 ? 8  
# 
_struct_conf_type.id          HELX_P 
_struct_conf_type.criteria    ? 
_struct_conf_type.reference   ? 
# 
_struct_mon_prot_cis.pdbx_id                1 
_struct_mon_prot_cis.label_comp_id          ILE 
_struct_mon_prot_cis.label_seq_id           30 
_struct_mon_prot_cis.label_asym_id          A 
_struct_mon_prot_cis.label_alt_id           . 
_struct_mon_prot_cis.pdbx_PDB_ins_code      ? 
_struct_mon_prot_cis.auth_comp_id           ILE 
_struct_mon_prot_cis.auth_seq_id            418 
_struct_mon_prot_cis.auth_asym_id           A 
_struct_mon_prot_cis.pdbx_label_comp_id_2   PRO 
_struct_mon_prot_cis.pdbx_label_seq_id_2    31 
_struct_mon_prot_cis.pdbx_label_asym_id_2   A 
_struct_mon_prot_cis.pdbx_PDB_ins_code_2    ? 
_struct_mon_prot_cis.pdbx_auth_comp_id_2    PRO 
_struct_mon_prot_cis.pdbx_auth_seq_id_2     419 
_struct_mon_prot_cis.pdbx_auth_asym_id_2    A 
_struct_mon_prot_cis.pdbx_PDB_model_num     1 
_struct_mon_prot_cis.pdbx_omega_angle       -2.11 
# 
loop_
_struct_sheet.id 
_struct_sheet.type 
_struct_sheet.number_strands 
_struct_sheet.details 
AA1 ? 4 ? 
AA2 ? 5 ? 
# 
loop_
_struct_sheet_order.sheet_id 
_struct_sheet_order.range_id_1 
_struct_sheet_order.range_id_2 
_struct_sheet_order.offset 
_struct_sheet_order.sense 
AA1 1 2 ? anti-parallel 
AA1 2 3 ? anti-parallel 
AA1 3 4 ? anti-parallel 
AA2 1 2 ? anti-parallel 
AA2 2 3 ? anti-parallel 
AA2 3 4 ? anti-parallel 
AA2 4 5 ? anti-parallel 
# 
loop_
_struct_sheet_range.sheet_id 
_struct_sheet_range.id 
_struct_sheet_range.beg_label_comp_id 
_struct_sheet_range.beg_label_asym_id 
_struct_sheet_range.beg_label_seq_id 
_struct_sheet_range.pdbx_beg_PDB_ins_code 
_struct_sheet_range.end_label_comp_id 
_struct_sheet_range.end_label_asym_id 
_struct_sheet_range.end_label_seq_id 
_struct_sheet_range.pdbx_end_PDB_ins_code 
_struct_sheet_range.beg_auth_comp_id 
_struct_sheet_range.beg_auth_asym_id 
_struct_sheet_range.beg_auth_seq_id 
_struct_sheet_range.end_auth_comp_id 
_struct_sheet_range.end_auth_asym_id 
_struct_sheet_range.end_auth_seq_id 
AA1 1 VAL A 19  ? ILE A 24  ? VAL A 407 ILE A 412 
AA1 2 LEU A 11  ? THR A 15  ? LEU A 399 THR A 403 
AA1 3 VAL A 48  ? GLN A 54  ? VAL A 436 GLN A 442 
AA1 4 LYS A 64  ? LEU A 71  ? LYS A 452 LEU A 459 
AA2 1 GLU A 108 ? ILE A 113 ? GLU A 496 ILE A 501 
AA2 2 LEU A 96  ? ASP A 102 ? LEU A 484 ASP A 490 
AA2 3 ILE A 84  ? ILE A 90  ? ILE A 472 ILE A 478 
AA2 4 THR A 32  ? THR A 40  ? THR A 420 THR A 428 
AA2 5 ILE B 5   ? ILE B 6   ? ILE B 46  ILE B 47  
# 
loop_
_pdbx_struct_sheet_hbond.sheet_id 
_pdbx_struct_sheet_hbond.range_id_1 
_pdbx_struct_sheet_hbond.range_id_2 
_pdbx_struct_sheet_hbond.range_1_label_atom_id 
_pdbx_struct_sheet_hbond.range_1_label_comp_id 
_pdbx_struct_sheet_hbond.range_1_label_asym_id 
_pdbx_struct_sheet_hbond.range_1_label_seq_id 
_pdbx_struct_sheet_hbond.range_1_PDB_ins_code 
_pdbx_struct_sheet_hbond.range_1_auth_atom_id 
_pdbx_struct_sheet_hbond.range_1_auth_comp_id 
_pdbx_struct_sheet_hbond.range_1_auth_asym_id 
_pdbx_struct_sheet_hbond.range_1_auth_seq_id 
_pdbx_struct_sheet_hbond.range_2_label_atom_id 
_pdbx_struct_sheet_hbond.range_2_label_comp_id 
_pdbx_struct_sheet_hbond.range_2_label_asym_id 
_pdbx_struct_sheet_hbond.range_2_label_seq_id 
_pdbx_struct_sheet_hbond.range_2_PDB_ins_code 
_pdbx_struct_sheet_hbond.range_2_auth_atom_id 
_pdbx_struct_sheet_hbond.range_2_auth_comp_id 
_pdbx_struct_sheet_hbond.range_2_auth_asym_id 
_pdbx_struct_sheet_hbond.range_2_auth_seq_id 
AA1 1 2 O LEU A 23  ? O LEU A 411 N LEU A 11 ? N LEU A 399 
AA1 2 3 N GLY A 12  ? N GLY A 400 O LEU A 53 ? O LEU A 441 
AA1 3 4 N ILE A 50  ? N ILE A 438 O PHE A 69 ? O PHE A 457 
AA2 1 2 O ILE A 113 ? O ILE A 501 N LEU A 96 ? N LEU A 484 
AA2 2 3 O HIS A 97  ? O HIS A 485 N ASP A 89 ? N ASP A 477 
AA2 3 4 O ILE A 84  ? O ILE A 472 N PHE A 38 ? N PHE A 426 
AA2 4 5 N SER A 39  ? N SER A 427 O ILE B 6  ? O ILE B 47  
# 
_struct_site.id                   AC1 
_struct_site.pdbx_evidence_code   Software 
_struct_site.pdbx_auth_asym_id    A 
_struct_site.pdbx_auth_comp_id    SO4 
_struct_site.pdbx_auth_seq_id     701 
_struct_site.pdbx_auth_ins_code   ? 
_struct_site.pdbx_num_residues    3 
_struct_site.details              'binding site for residue SO4 A 701' 
# 
loop_
_struct_site_gen.id 
_struct_site_gen.site_id 
_struct_site_gen.pdbx_num_res 
_struct_site_gen.label_comp_id 
_struct_site_gen.label_asym_id 
_struct_site_gen.label_seq_id 
_struct_site_gen.pdbx_auth_ins_code 
_struct_site_gen.auth_comp_id 
_struct_site_gen.auth_asym_id 
_struct_site_gen.auth_seq_id 
_struct_site_gen.label_atom_id 
_struct_site_gen.label_alt_id 
_struct_site_gen.symmetry 
_struct_site_gen.details 
1 AC1 3 ARG A 79  ? ARG A 467 . ? 1_555 ? 
2 AC1 3 HIS A 153 ? HIS A 541 . ? 1_555 ? 
3 AC1 3 HIS A 156 ? HIS A 544 . ? 1_555 ? 
# 
_atom_sites.entry_id                    7JMM 
_atom_sites.Cartn_transf_matrix[1][1]   ? 
_atom_sites.Cartn_transf_matrix[1][2]   ? 
_atom_sites.Cartn_transf_matrix[1][3]   ? 
_atom_sites.Cartn_transf_matrix[2][1]   ? 
_atom_sites.Cartn_transf_matrix[2][2]   ? 
_atom_sites.Cartn_transf_matrix[2][3]   ? 
_atom_sites.Cartn_transf_matrix[3][1]   ? 
_atom_sites.Cartn_transf_matrix[3][2]   ? 
_atom_sites.Cartn_transf_matrix[3][3]   ? 
_atom_sites.Cartn_transf_vector[1]      ? 
_atom_sites.Cartn_transf_vector[2]      ? 
_atom_sites.Cartn_transf_vector[3]      ? 
_atom_sites.fract_transf_matrix[1][1]   0.01975176 
_atom_sites.fract_transf_matrix[1][2]   -0.01526401 
_atom_sites.fract_transf_matrix[1][3]   -0.00805224 
_atom_sites.fract_transf_matrix[2][1]   -0.00297221 
_atom_sites.fract_transf_matrix[2][2]   0.00139937 
_atom_sites.fract_transf_matrix[2][3]   -0.00994337 
_atom_sites.fract_transf_matrix[3][1]   0.00505746 
_atom_sites.fract_transf_matrix[3][2]   0.00683448 
_atom_sites.fract_transf_matrix[3][3]   -0.00054990 
_atom_sites.fract_transf_vector[1]      -0.311631 
_atom_sites.fract_transf_vector[2]      -0.057288 
_atom_sites.fract_transf_vector[3]      -0.223088 
_atom_sites.solution_primary            ? 
_atom_sites.solution_secondary          ? 
_atom_sites.solution_hydrogens          ? 
_atom_sites.special_details             ? 
# 
loop_
_atom_type.symbol 
C 
N 
O 
S 
# 
loop_
_atom_site.group_PDB 
_atom_site.id 
_atom_site.type_symbol 
_atom_site.label_atom_id 
_atom_site.label_alt_id 
_atom_site.label_comp_id 
_atom_site.label_asym_id 
_atom_site.label_entity_id 
_atom_site.label_seq_id 
_atom_site.pdbx_PDB_ins_code 
_atom_site.Cartn_x 
_atom_site.Cartn_y 
_atom_site.Cartn_z 
_atom_site.occupancy 
_atom_site.B_iso_or_equiv 
_atom_site.pdbx_formal_charge 
_atom_site.auth_seq_id 
_atom_site.auth_comp_id 
_atom_site.auth_asym_id 
_atom_site.auth_atom_id 
_atom_site.pdbx_PDB_model_num 
ATOM   1    N N   . VAL A 1 1   ? 9.664   31.617  16.537  1.00 48.55 ? 389 VAL A N   1 
ATOM   2    C CA  . VAL A 1 1   ? 9.415   32.917  15.842  1.00 50.78 ? 389 VAL A CA  1 
ATOM   3    C C   . VAL A 1 1   ? 10.677  33.408  15.112  1.00 48.85 ? 389 VAL A C   1 
ATOM   4    O O   . VAL A 1 1   ? 10.513  34.177  14.158  1.00 55.46 ? 389 VAL A O   1 
ATOM   5    C CB  . VAL A 1 1   ? 8.860   33.988  16.803  1.00 49.27 ? 389 VAL A CB  1 
ATOM   6    N N   . LEU A 1 2   ? 11.884  33.000  15.505  1.00 43.84 ? 390 LEU A N   1 
ATOM   7    C CA  . LEU A 1 2   ? 13.114  33.293  14.720  1.00 47.43 ? 390 LEU A CA  1 
ATOM   8    C C   . LEU A 1 2   ? 13.562  32.040  13.957  1.00 52.62 ? 390 LEU A C   1 
ATOM   9    O O   . LEU A 1 2   ? 14.116  32.199  12.850  1.00 47.54 ? 390 LEU A O   1 
ATOM   10   C CB  . LEU A 1 2   ? 14.219  33.799  15.647  1.00 52.65 ? 390 LEU A CB  1 
ATOM   11   C CG  . LEU A 1 2   ? 14.752  35.197  15.318  1.00 58.61 ? 390 LEU A CG  1 
ATOM   12   C CD1 . LEU A 1 2   ? 13.654  36.253  15.451  1.00 59.25 ? 390 LEU A CD1 1 
ATOM   13   C CD2 . LEU A 1 2   ? 15.937  35.565  16.208  1.00 56.57 ? 390 LEU A CD2 1 
ATOM   14   N N   . LEU A 1 3   ? 13.351  30.843  14.526  1.00 59.71 ? 391 LEU A N   1 
ATOM   15   C CA  . LEU A 1 3   ? 13.540  29.553  13.807  1.00 62.09 ? 391 LEU A CA  1 
ATOM   16   C C   . LEU A 1 3   ? 12.309  28.652  14.009  1.00 63.24 ? 391 LEU A C   1 
ATOM   17   O O   . LEU A 1 3   ? 11.363  29.060  14.720  1.00 61.21 ? 391 LEU A O   1 
ATOM   18   C CB  . LEU A 1 3   ? 14.845  28.884  14.256  1.00 63.91 ? 391 LEU A CB  1 
ATOM   19   C CG  . LEU A 1 3   ? 14.948  28.472  15.730  1.00 72.97 ? 391 LEU A CG  1 
ATOM   20   C CD1 . LEU A 1 3   ? 14.156  27.199  16.031  1.00 74.71 ? 391 LEU A CD1 1 
ATOM   21   C CD2 . LEU A 1 3   ? 16.403  28.259  16.127  1.00 71.33 ? 391 LEU A CD2 1 
ATOM   22   N N   . LEU A 1 4   ? 12.326  27.486  13.355  1.00 62.53 ? 392 LEU A N   1 
ATOM   23   C CA  . LEU A 1 4   ? 11.341  26.373  13.461  1.00 58.83 ? 392 LEU A CA  1 
ATOM   24   C C   . LEU A 1 4   ? 12.099  25.047  13.420  1.00 59.24 ? 392 LEU A C   1 
ATOM   25   O O   . LEU A 1 4   ? 12.993  24.926  12.586  1.00 63.24 ? 392 LEU A O   1 
ATOM   26   C CB  . LEU A 1 4   ? 10.393  26.405  12.258  1.00 58.08 ? 392 LEU A CB  1 
ATOM   27   C CG  . LEU A 1 4   ? 9.230   27.388  12.319  1.00 57.76 ? 392 LEU A CG  1 
ATOM   28   C CD1 . LEU A 1 4   ? 8.362   27.247  11.071  1.00 51.19 ? 392 LEU A CD1 1 
ATOM   29   C CD2 . LEU A 1 4   ? 8.407   27.174  13.581  1.00 58.58 ? 392 LEU A CD2 1 
ATOM   30   N N   . ASP A 1 5   ? 11.721  24.076  14.248  1.00 64.10 ? 393 ASP A N   1 
ATOM   31   C CA  . ASP A 1 5   ? 11.951  22.641  13.944  1.00 58.58 ? 393 ASP A CA  1 
ATOM   32   C C   . ASP A 1 5   ? 10.909  22.225  12.912  1.00 51.52 ? 393 ASP A C   1 
ATOM   33   O O   . ASP A 1 5   ? 9.727   22.473  13.142  1.00 46.37 ? 393 ASP A O   1 
ATOM   34   C CB  . ASP A 1 5   ? 11.886  21.785  15.196  1.00 61.99 ? 393 ASP A CB  1 
ATOM   35   C CG  . ASP A 1 5   ? 13.020  22.144  16.122  1.00 73.28 ? 393 ASP A CG  1 
ATOM   36   O OD1 . ASP A 1 5   ? 14.178  21.824  15.763  1.00 92.24 ? 393 ASP A OD1 1 
ATOM   37   O OD2 . ASP A 1 5   ? 12.739  22.787  17.157  1.00 82.54 ? 393 ASP A OD2 1 
ATOM   38   N N   . VAL A 1 6   ? 11.364  21.686  11.789  1.00 50.39 ? 394 VAL A N   1 
ATOM   39   C CA  . VAL A 1 6   ? 10.501  21.074  10.748  1.00 52.37 ? 394 VAL A CA  1 
ATOM   40   C C   . VAL A 1 6   ? 11.113  19.727  10.346  1.00 56.81 ? 394 VAL A C   1 
ATOM   41   O O   . VAL A 1 6   ? 12.323  19.526  10.555  1.00 55.27 ? 394 VAL A O   1 
ATOM   42   C CB  . VAL A 1 6   ? 10.354  21.999  9.530   1.00 48.68 ? 394 VAL A CB  1 
ATOM   43   C CG1 . VAL A 1 6   ? 9.843   23.373  9.917   1.00 44.81 ? 394 VAL A CG1 1 
ATOM   44   C CG2 . VAL A 1 6   ? 11.657  22.090  8.763   1.00 49.49 ? 394 VAL A CG2 1 
ATOM   45   N N   . THR A 1 7   ? 10.289  18.836  9.799   1.00 56.90 ? 395 THR A N   1 
ATOM   46   C CA  . THR A 1 7   ? 10.736  17.603  9.109   1.00 52.87 ? 395 THR A CA  1 
ATOM   47   C C   . THR A 1 7   ? 11.230  17.998  7.729   1.00 45.68 ? 395 THR A C   1 
ATOM   48   O O   . THR A 1 7   ? 10.483  18.577  6.955   1.00 45.15 ? 395 THR A O   1 
ATOM   49   C CB  . THR A 1 7   ? 9.593   16.599  8.982   1.00 54.63 ? 395 THR A CB  1 
ATOM   50   O OG1 . THR A 1 7   ? 8.528   17.286  8.318   1.00 57.82 ? 395 THR A OG1 1 
ATOM   51   C CG2 . THR A 1 7   ? 9.148   16.064  10.324  1.00 52.03 ? 395 THR A CG2 1 
ATOM   52   N N   . PRO A 1 8   ? 12.494  17.702  7.395   1.00 42.83 ? 396 PRO A N   1 
ATOM   53   C CA  . PRO A 1 8   ? 13.046  18.015  6.078   1.00 44.67 ? 396 PRO A CA  1 
ATOM   54   C C   . PRO A 1 8   ? 12.661  17.039  4.954   1.00 42.61 ? 396 PRO A C   1 
ATOM   55   O O   . PRO A 1 8   ? 12.776  17.378  3.800   1.00 41.29 ? 396 PRO A O   1 
ATOM   56   C CB  . PRO A 1 8   ? 14.546  17.902  6.365   1.00 44.65 ? 396 PRO A CB  1 
ATOM   57   C CG  . PRO A 1 8   ? 14.620  16.761  7.331   1.00 43.87 ? 396 PRO A CG  1 
ATOM   58   C CD  . PRO A 1 8   ? 13.468  17.042  8.272   1.00 44.26 ? 396 PRO A CD  1 
ATOM   59   N N   . LEU A 1 9   ? 12.276  15.821  5.306   1.00 43.69 ? 397 LEU A N   1 
ATOM   60   C CA  . LEU A 1 9   ? 11.765  14.822  4.338   1.00 45.72 ? 397 LEU A CA  1 
ATOM   61   C C   . LEU A 1 9   ? 10.473  14.198  4.885   1.00 48.51 ? 397 LEU A C   1 
ATOM   62   O O   . LEU A 1 9   ? 10.188  14.282  6.116   1.00 51.63 ? 397 LEU A O   1 
ATOM   63   C CB  . LEU A 1 9   ? 12.856  13.779  4.099   1.00 46.95 ? 397 LEU A CB  1 
ATOM   64   C CG  . LEU A 1 9   ? 14.153  14.333  3.513   1.00 48.13 ? 397 LEU A CG  1 
ATOM   65   C CD1 . LEU A 1 9   ? 15.283  13.320  3.599   1.00 45.80 ? 397 LEU A CD1 1 
ATOM   66   C CD2 . LEU A 1 9   ? 13.945  14.772  2.081   1.00 46.89 ? 397 LEU A CD2 1 
ATOM   67   N N   . SER A 1 10  ? 9.676   13.635  3.987   1.00 46.20 ? 398 SER A N   1 
ATOM   68   C CA  . SER A 1 10  ? 8.384   12.995  4.323   1.00 42.35 ? 398 SER A CA  1 
ATOM   69   C C   . SER A 1 10  ? 8.671   11.695  5.091   1.00 41.17 ? 398 SER A C   1 
ATOM   70   O O   . SER A 1 10  ? 9.787   11.105  4.919   1.00 37.40 ? 398 SER A O   1 
ATOM   71   C CB  . SER A 1 10  ? 7.573   12.787  3.073   1.00 42.91 ? 398 SER A CB  1 
ATOM   72   O OG  . SER A 1 10  ? 7.366   14.020  2.397   1.00 39.14 ? 398 SER A OG  1 
ATOM   73   N N   . LEU A 1 11  ? 7.718   11.289  5.933   1.00 39.54 ? 399 LEU A N   1 
ATOM   74   C CA  . LEU A 1 11  ? 7.810   10.075  6.788   1.00 39.67 ? 399 LEU A CA  1 
ATOM   75   C C   . LEU A 1 11  ? 6.546   9.240   6.609   1.00 38.34 ? 399 LEU A C   1 
ATOM   76   O O   . LEU A 1 11  ? 5.427   9.732   6.861   1.00 39.20 ? 399 LEU A O   1 
ATOM   77   C CB  . LEU A 1 11  ? 8.000   10.473  8.252   1.00 36.24 ? 399 LEU A CB  1 
ATOM   78   C CG  . LEU A 1 11  ? 9.274   11.258  8.520   1.00 35.78 ? 399 LEU A CG  1 
ATOM   79   C CD1 . LEU A 1 11  ? 9.213   11.904  9.890   1.00 36.83 ? 399 LEU A CD1 1 
ATOM   80   C CD2 . LEU A 1 11  ? 10.501  10.372  8.375   1.00 31.58 ? 399 LEU A CD2 1 
ATOM   81   N N   . GLY A 1 12  ? 6.729   7.996   6.207   1.00 38.37 ? 400 GLY A N   1 
ATOM   82   C CA  . GLY A 1 12  ? 5.607   7.070   6.040   1.00 38.55 ? 400 GLY A CA  1 
ATOM   83   C C   . GLY A 1 12  ? 6.072   5.640   6.008   1.00 37.31 ? 400 GLY A C   1 
ATOM   84   O O   . GLY A 1 12  ? 7.129   5.328   6.564   1.00 38.06 ? 400 GLY A O   1 
ATOM   85   N N   . ILE A 1 13  ? 5.284   4.800   5.361   1.00 39.21 ? 401 ILE A N   1 
ATOM   86   C CA  . ILE A 1 13  ? 5.425   3.329   5.479   1.00 40.55 ? 401 ILE A CA  1 
ATOM   87   C C   . ILE A 1 13  ? 5.330   2.749   4.076   1.00 36.86 ? 401 ILE A C   1 
ATOM   88   O O   . ILE A 1 13  ? 4.835   3.468   3.189   1.00 33.21 ? 401 ILE A O   1 
ATOM   89   C CB  . ILE A 1 13  ? 4.368   2.767   6.450   1.00 39.29 ? 401 ILE A CB  1 
ATOM   90   C CG1 . ILE A 1 13  ? 2.947   2.939   5.912   1.00 37.24 ? 401 ILE A CG1 1 
ATOM   91   C CG2 . ILE A 1 13  ? 4.540   3.406   7.826   1.00 39.16 ? 401 ILE A CG2 1 
ATOM   92   C CD1 . ILE A 1 13  ? 2.032   1.820   6.292   1.00 39.90 ? 401 ILE A CD1 1 
ATOM   93   N N   . GLU A 1 14  ? 5.857   1.537   3.912   1.00 33.63 ? 402 GLU A N   1 
ATOM   94   C CA  . GLU A 1 14  ? 5.728   0.745   2.683   1.00 34.45 ? 402 GLU A CA  1 
ATOM   95   C C   . GLU A 1 14  ? 4.306   0.235   2.677   1.00 37.26 ? 402 GLU A C   1 
ATOM   96   O O   . GLU A 1 14  ? 3.871   -0.205  3.742   1.00 41.91 ? 402 GLU A O   1 
ATOM   97   C CB  . GLU A 1 14  ? 6.727   -0.400  2.672   1.00 35.04 ? 402 GLU A CB  1 
ATOM   98   C CG  . GLU A 1 14  ? 6.737   -1.171  1.372   1.00 37.61 ? 402 GLU A CG  1 
ATOM   99   C CD  . GLU A 1 14  ? 8.014   -1.965  1.197   1.00 41.67 ? 402 GLU A CD  1 
ATOM   100  O OE1 . GLU A 1 14  ? 8.843   -1.887  2.130   1.00 43.39 ? 402 GLU A OE1 1 
ATOM   101  O OE2 . GLU A 1 14  ? 8.187   -2.644  0.133   1.00 42.42 ? 402 GLU A OE2 1 
ATOM   102  N N   . THR A 1 15  ? 3.625   0.363   1.540   1.00 40.65 ? 403 THR A N   1 
ATOM   103  C CA  . THR A 1 15  ? 2.298   -0.238  1.269   1.00 41.52 ? 403 THR A CA  1 
ATOM   104  C C   . THR A 1 15  ? 2.381   -1.065  -0.024  1.00 43.25 ? 403 THR A C   1 
ATOM   105  O O   . THR A 1 15  ? 3.374   -0.941  -0.755  1.00 39.79 ? 403 THR A O   1 
ATOM   106  C CB  . THR A 1 15  ? 1.208   0.837   1.223   1.00 41.94 ? 403 THR A CB  1 
ATOM   107  O OG1 . THR A 1 15  ? 1.514   1.734   0.156   1.00 44.30 ? 403 THR A OG1 1 
ATOM   108  C CG2 . THR A 1 15  ? 1.088   1.585   2.530   1.00 41.92 ? 403 THR A CG2 1 
ATOM   109  N N   . MET A 1 16  ? 1.376   -1.909  -0.245  1.00 48.41 ? 404 MET A N   1 
ATOM   110  C CA  . MET A 1 16  ? 1.306   -2.926  -1.322  1.00 53.54 ? 404 MET A CA  1 
ATOM   111  C C   . MET A 1 16  ? 1.805   -2.325  -2.640  1.00 55.77 ? 404 MET A C   1 
ATOM   112  O O   . MET A 1 16  ? 1.360   -1.211  -2.984  1.00 57.73 ? 404 MET A O   1 
ATOM   113  C CB  . MET A 1 16  ? -0.144  -3.365  -1.493  1.00 57.97 ? 404 MET A CB  1 
ATOM   114  C CG  . MET A 1 16  ? -0.303  -4.794  -1.933  1.00 64.97 ? 404 MET A CG  1 
ATOM   115  S SD  . MET A 1 16  ? -1.984  -5.064  -2.549  1.00 74.18 ? 404 MET A SD  1 
ATOM   116  C CE  . MET A 1 16  ? -1.910  -6.829  -2.875  1.00 81.55 ? 404 MET A CE  1 
ATOM   117  N N   . GLY A 1 17  ? 2.691   -3.039  -3.338  1.00 52.86 ? 405 GLY A N   1 
ATOM   118  C CA  . GLY A 1 17  ? 3.356   -2.560  -4.568  1.00 52.04 ? 405 GLY A CA  1 
ATOM   119  C C   . GLY A 1 17  ? 4.743   -1.986  -4.298  1.00 47.92 ? 405 GLY A C   1 
ATOM   120  O O   . GLY A 1 17  ? 5.400   -1.586  -5.269  1.00 49.14 ? 405 GLY A O   1 
ATOM   121  N N   . GLY A 1 18  ? 5.201   -1.973  -3.043  1.00 41.16 ? 406 GLY A N   1 
ATOM   122  C CA  . GLY A 1 18  ? 6.496   -1.378  -2.655  1.00 42.66 ? 406 GLY A CA  1 
ATOM   123  C C   . GLY A 1 18  ? 6.498   0.135   -2.825  1.00 42.53 ? 406 GLY A C   1 
ATOM   124  O O   . GLY A 1 18  ? 7.519   0.701   -3.237  1.00 46.66 ? 406 GLY A O   1 
ATOM   125  N N   . VAL A 1 19  ? 5.362   0.764   -2.561  1.00 41.23 ? 407 VAL A N   1 
ATOM   126  C CA  . VAL A 1 19  ? 5.152   2.222   -2.684  1.00 38.54 ? 407 VAL A CA  1 
ATOM   127  C C   . VAL A 1 19  ? 5.299   2.800   -1.280  1.00 43.07 ? 407 VAL A C   1 
ATOM   128  O O   . VAL A 1 19  ? 4.912   2.119   -0.319  1.00 43.20 ? 407 VAL A O   1 
ATOM   129  C CB  . VAL A 1 19  ? 3.767   2.508   -3.279  1.00 39.90 ? 407 VAL A CB  1 
ATOM   130  C CG1 . VAL A 1 19  ? 2.711   2.719   -2.205  1.00 41.81 ? 407 VAL A CG1 1 
ATOM   131  C CG2 . VAL A 1 19  ? 3.810   3.690   -4.223  1.00 43.90 ? 407 VAL A CG2 1 
ATOM   132  N N   . MET A 1 20  ? 5.880   3.989   -1.162  1.00 44.33 ? 408 MET A N   1 
ATOM   133  C CA  . MET A 1 20  ? 5.872   4.762   0.096   1.00 41.30 ? 408 MET A CA  1 
ATOM   134  C C   . MET A 1 20  ? 4.503   5.411   0.196   1.00 39.00 ? 408 MET A C   1 
ATOM   135  O O   . MET A 1 20  ? 4.073   5.960   -0.802  1.00 40.17 ? 408 MET A O   1 
ATOM   136  C CB  . MET A 1 20  ? 6.929   5.859   0.104   1.00 41.49 ? 408 MET A CB  1 
ATOM   137  C CG  . MET A 1 20  ? 6.969   6.614   1.402   1.00 44.81 ? 408 MET A CG  1 
ATOM   138  S SD  . MET A 1 20  ? 8.314   7.813   1.423   1.00 55.31 ? 408 MET A SD  1 
ATOM   139  C CE  . MET A 1 20  ? 8.077   8.531   3.045   1.00 54.85 ? 408 MET A CE  1 
ATOM   140  N N   . THR A 1 21  ? 3.854   5.306   1.351   1.00 38.63 ? 409 THR A N   1 
ATOM   141  C CA  . THR A 1 21  ? 2.685   6.142   1.711   1.00 39.72 ? 409 THR A CA  1 
ATOM   142  C C   . THR A 1 21  ? 3.105   7.096   2.835   1.00 39.29 ? 409 THR A C   1 
ATOM   143  O O   . THR A 1 21  ? 3.545   6.603   3.869   1.00 41.82 ? 409 THR A O   1 
ATOM   144  C CB  . THR A 1 21  ? 1.462   5.275   2.020   1.00 36.86 ? 409 THR A CB  1 
ATOM   145  O OG1 . THR A 1 21  ? 1.084   4.591   0.824   1.00 35.55 ? 409 THR A OG1 1 
ATOM   146  C CG2 . THR A 1 21  ? 0.301   6.099   2.519   1.00 36.85 ? 409 THR A CG2 1 
ATOM   147  N N   . THR A 1 22  ? 2.991   8.406   2.597   1.00 38.58 ? 410 THR A N   1 
ATOM   148  C CA  . THR A 1 22  ? 3.400   9.490   3.518   1.00 35.28 ? 410 THR A CA  1 
ATOM   149  C C   . THR A 1 22  ? 2.376   9.629   4.638   1.00 34.44 ? 410 THR A C   1 
ATOM   150  O O   . THR A 1 22  ? 1.200   9.661   4.339   1.00 34.12 ? 410 THR A O   1 
ATOM   151  C CB  . THR A 1 22  ? 3.515   10.813  2.769   1.00 35.10 ? 410 THR A CB  1 
ATOM   152  O OG1 . THR A 1 22  ? 4.566   10.604  1.831   1.00 37.04 ? 410 THR A OG1 1 
ATOM   153  C CG2 . THR A 1 22  ? 3.817   11.991  3.665   1.00 36.21 ? 410 THR A CG2 1 
ATOM   154  N N   . LEU A 1 23  ? 2.841   9.674   5.881   1.00 39.67 ? 411 LEU A N   1 
ATOM   155  C CA  . LEU A 1 23  ? 2.014   9.950   7.082   1.00 44.19 ? 411 LEU A CA  1 
ATOM   156  C C   . LEU A 1 23  ? 2.232   11.402  7.510   1.00 41.33 ? 411 LEU A C   1 
ATOM   157  O O   . LEU A 1 23  ? 1.247   12.060  7.879   1.00 45.25 ? 411 LEU A O   1 
ATOM   158  C CB  . LEU A 1 23  ? 2.416   8.979   8.196   1.00 47.04 ? 411 LEU A CB  1 
ATOM   159  C CG  . LEU A 1 23  ? 1.556   7.728   8.311   1.00 47.48 ? 411 LEU A CG  1 
ATOM   160  C CD1 . LEU A 1 23  ? 0.143   8.099   8.719   1.00 50.31 ? 411 LEU A CD1 1 
ATOM   161  C CD2 . LEU A 1 23  ? 1.565   6.955   7.004   1.00 48.54 ? 411 LEU A CD2 1 
ATOM   162  N N   . ILE A 1 24  ? 3.482   11.854  7.471   1.00 37.63 ? 412 ILE A N   1 
ATOM   163  C CA  . ILE A 1 24  ? 3.893   13.238  7.827   1.00 41.24 ? 412 ILE A CA  1 
ATOM   164  C C   . ILE A 1 24  ? 4.657   13.852  6.656   1.00 41.60 ? 412 ILE A C   1 
ATOM   165  O O   . ILE A 1 24  ? 5.752   13.370  6.339   1.00 44.55 ? 412 ILE A O   1 
ATOM   166  C CB  . ILE A 1 24  ? 4.731   13.224  9.107   1.00 42.36 ? 412 ILE A CB  1 
ATOM   167  C CG1 . ILE A 1 24  ? 3.970   12.487  10.216  1.00 40.91 ? 412 ILE A CG1 1 
ATOM   168  C CG2 . ILE A 1 24  ? 5.136   14.651  9.468   1.00 41.21 ? 412 ILE A CG2 1 
ATOM   169  C CD1 . ILE A 1 24  ? 4.559   12.624  11.590  1.00 42.13 ? 412 ILE A CD1 1 
ATOM   170  N N   . ALA A 1 25  ? 4.063   14.874  6.049   1.00 39.60 ? 413 ALA A N   1 
ATOM   171  C CA  . ALA A 1 25  ? 4.598   15.596  4.877   1.00 40.99 ? 413 ALA A CA  1 
ATOM   172  C C   . ALA A 1 25  ? 5.898   16.306  5.252   1.00 38.52 ? 413 ALA A C   1 
ATOM   173  O O   . ALA A 1 25  ? 6.010   16.752  6.389   1.00 38.30 ? 413 ALA A O   1 
ATOM   174  C CB  . ALA A 1 25  ? 3.565   16.589  4.391   1.00 40.02 ? 413 ALA A CB  1 
ATOM   175  N N   . LYS A 1 26  ? 6.826   16.384  4.303   1.00 41.79 ? 414 LYS A N   1 
ATOM   176  C CA  . LYS A 1 26  ? 8.023   17.269  4.303   1.00 46.71 ? 414 LYS A CA  1 
ATOM   177  C C   . LYS A 1 26  ? 7.636   18.654  4.824   1.00 48.78 ? 414 LYS A C   1 
ATOM   178  O O   . LYS A 1 26  ? 6.539   19.123  4.485   1.00 51.06 ? 414 LYS A O   1 
ATOM   179  C CB  . LYS A 1 26  ? 8.564   17.350  2.871   1.00 50.41 ? 414 LYS A CB  1 
ATOM   180  C CG  . LYS A 1 26  ? 9.779   18.235  2.616   1.00 53.36 ? 414 LYS A CG  1 
ATOM   181  C CD  . LYS A 1 26  ? 9.786   18.807  1.193   1.00 57.38 ? 414 LYS A CD  1 
ATOM   182  C CE  . LYS A 1 26  ? 11.088  18.622  0.439   1.00 62.67 ? 414 LYS A CE  1 
ATOM   183  N NZ  . LYS A 1 26  ? 12.067  19.699  0.738   1.00 67.23 ? 414 LYS A NZ  1 
ATOM   184  N N   . ASN A 1 27  ? 8.508   19.271  5.627   1.00 53.11 ? 415 ASN A N   1 
ATOM   185  C CA  . ASN A 1 27  ? 8.433   20.701  6.037   1.00 54.79 ? 415 ASN A CA  1 
ATOM   186  C C   . ASN A 1 27  ? 7.208   20.910  6.932   1.00 51.88 ? 415 ASN A C   1 
ATOM   187  O O   . ASN A 1 27  ? 6.590   21.974  6.844   1.00 64.64 ? 415 ASN A O   1 
ATOM   188  C CB  . ASN A 1 27  ? 8.411   21.647  4.824   1.00 54.83 ? 415 ASN A CB  1 
ATOM   189  C CG  . ASN A 1 27  ? 9.655   21.562  3.962   1.00 57.05 ? 415 ASN A CG  1 
ATOM   190  O OD1 . ASN A 1 27  ? 10.714  21.142  4.435   1.00 65.80 ? 415 ASN A OD1 1 
ATOM   191  N ND2 . ASN A 1 27  ? 9.550   21.979  2.708   1.00 50.17 ? 415 ASN A ND2 1 
ATOM   192  N N   . THR A 1 28  ? 6.880   19.925  7.760   1.00 48.63 ? 416 THR A N   1 
ATOM   193  C CA  . THR A 1 28  ? 5.851   20.004  8.832   1.00 44.27 ? 416 THR A CA  1 
ATOM   194  C C   . THR A 1 28  ? 6.561   20.430  10.118  1.00 49.02 ? 416 THR A C   1 
ATOM   195  O O   . THR A 1 28  ? 7.670   19.909  10.364  1.00 51.79 ? 416 THR A O   1 
ATOM   196  C CB  . THR A 1 28  ? 5.154   18.647  8.989   1.00 39.69 ? 416 THR A CB  1 
ATOM   197  O OG1 . THR A 1 28  ? 4.764   18.200  7.686   1.00 35.36 ? 416 THR A OG1 1 
ATOM   198  C CG2 . THR A 1 28  ? 3.967   18.696  9.923   1.00 38.41 ? 416 THR A CG2 1 
ATOM   199  N N   . THR A 1 29  ? 5.978   21.349  10.893  1.00 51.17 ? 417 THR A N   1 
ATOM   200  C CA  . THR A 1 29  ? 6.546   21.830  12.181  1.00 51.07 ? 417 THR A CA  1 
ATOM   201  C C   . THR A 1 29  ? 6.338   20.720  13.218  1.00 51.92 ? 417 THR A C   1 
ATOM   202  O O   . THR A 1 29  ? 5.226   20.187  13.270  1.00 55.76 ? 417 THR A O   1 
ATOM   203  C CB  . THR A 1 29  ? 5.953   23.191  12.591  1.00 54.16 ? 417 THR A CB  1 
ATOM   204  O OG1 . THR A 1 29  ? 4.542   23.226  12.364  1.00 68.43 ? 417 THR A OG1 1 
ATOM   205  C CG2 . THR A 1 29  ? 6.526   24.354  11.820  1.00 52.26 ? 417 THR A CG2 1 
ATOM   206  N N   . ILE A 1 30  ? 7.378   20.344  13.963  1.00 52.46 ? 418 ILE A N   1 
ATOM   207  C CA  . ILE A 1 30  ? 7.266   19.431  15.139  1.00 56.08 ? 418 ILE A CA  1 
ATOM   208  C C   . ILE A 1 30  ? 7.102   20.328  16.365  1.00 59.41 ? 418 ILE A C   1 
ATOM   209  O O   . ILE A 1 30  ? 7.597   21.461  16.340  1.00 50.45 ? 418 ILE A O   1 
ATOM   210  C CB  . ILE A 1 30  ? 8.486   18.485  15.268  1.00 58.41 ? 418 ILE A CB  1 
ATOM   211  C CG1 . ILE A 1 30  ? 9.632   19.111  16.062  1.00 59.41 ? 418 ILE A CG1 1 
ATOM   212  C CG2 . ILE A 1 30  ? 8.971   18.006  13.914  1.00 59.54 ? 418 ILE A CG2 1 
ATOM   213  N N   . PRO A 1 31  ? 6.412   19.883  17.456  1.00 59.80 ? 419 PRO A N   1 
ATOM   214  C CA  . PRO A 1 31  ? 5.757   18.570  17.517  1.00 56.48 ? 419 PRO A CA  1 
ATOM   215  C C   . PRO A 1 31  ? 4.517   18.394  16.615  1.00 57.56 ? 419 PRO A C   1 
ATOM   216  O O   . PRO A 1 31  ? 4.045   19.378  16.075  1.00 58.20 ? 419 PRO A O   1 
ATOM   217  C CB  . PRO A 1 31  ? 5.357   18.458  19.000  1.00 56.57 ? 419 PRO A CB  1 
ATOM   218  C CG  . PRO A 1 31  ? 5.160   19.883  19.441  1.00 56.18 ? 419 PRO A CG  1 
ATOM   219  C CD  . PRO A 1 31  ? 6.257   20.633  18.720  1.00 57.11 ? 419 PRO A CD  1 
ATOM   220  N N   . THR A 1 32  ? 4.027   17.149  16.468  1.00 50.93 ? 420 THR A N   1 
ATOM   221  C CA  . THR A 1 32  ? 2.993   16.754  15.482  1.00 44.28 ? 420 THR A CA  1 
ATOM   222  C C   . THR A 1 32  ? 2.647   15.273  15.639  1.00 47.56 ? 420 THR A C   1 
ATOM   223  O O   . THR A 1 32  ? 3.519   14.501  16.072  1.00 52.99 ? 420 THR A O   1 
ATOM   224  C CB  . THR A 1 32  ? 3.491   17.041  14.065  1.00 42.80 ? 420 THR A CB  1 
ATOM   225  O OG1 . THR A 1 32  ? 2.367   17.000  13.189  1.00 41.61 ? 420 THR A OG1 1 
ATOM   226  C CG2 . THR A 1 32  ? 4.570   16.083  13.612  1.00 43.52 ? 420 THR A CG2 1 
ATOM   227  N N   . LYS A 1 33  ? 1.418   14.904  15.267  1.00 49.62 ? 421 LYS A N   1 
ATOM   228  C CA  . LYS A 1 33  ? 0.852   13.532  15.374  1.00 54.58 ? 421 LYS A CA  1 
ATOM   229  C C   . LYS A 1 33  ? -0.206  13.347  14.274  1.00 58.68 ? 421 LYS A C   1 
ATOM   230  O O   . LYS A 1 33  ? -1.197  14.110  14.282  1.00 64.83 ? 421 LYS A O   1 
ATOM   231  C CB  . LYS A 1 33  ? 0.255   13.307  16.768  1.00 52.41 ? 421 LYS A CB  1 
ATOM   232  C CG  . LYS A 1 33  ? -0.473  11.982  16.956  1.00 53.62 ? 421 LYS A CG  1 
ATOM   233  C CD  . LYS A 1 33  ? -1.257  11.897  18.252  1.00 54.96 ? 421 LYS A CD  1 
ATOM   234  N N   . HIS A 1 34  ? -0.004  12.396  13.354  1.00 57.59 ? 422 HIS A N   1 
ATOM   235  C CA  . HIS A 1 34  ? -0.950  12.110  12.241  1.00 58.57 ? 422 HIS A CA  1 
ATOM   236  C C   . HIS A 1 34  ? -1.247  10.618  12.213  1.00 52.95 ? 422 HIS A C   1 
ATOM   237  O O   . HIS A 1 34  ? -0.328  9.832   12.474  1.00 46.68 ? 422 HIS A O   1 
ATOM   238  C CB  . HIS A 1 34  ? -0.414  12.615  10.892  1.00 63.86 ? 422 HIS A CB  1 
ATOM   239  C CG  . HIS A 1 34  ? -0.500  14.100  10.740  1.00 74.80 ? 422 HIS A CG  1 
ATOM   240  N ND1 . HIS A 1 34  ? 0.602   14.881  10.419  1.00 77.81 ? 422 HIS A ND1 1 
ATOM   241  C CD2 . HIS A 1 34  ? -1.538  14.956  10.896  1.00 75.74 ? 422 HIS A CD2 1 
ATOM   242  C CE1 . HIS A 1 34  ? 0.238   16.150  10.364  1.00 77.94 ? 422 HIS A CE1 1 
ATOM   243  N NE2 . HIS A 1 34  ? -1.071  16.222  10.655  1.00 75.47 ? 422 HIS A NE2 1 
ATOM   244  N N   . SER A 1 35  ? -2.496  10.256  11.920  1.00 52.62 ? 423 SER A N   1 
ATOM   245  C CA  . SER A 1 35  ? -2.950  8.845   11.876  1.00 49.31 ? 423 SER A CA  1 
ATOM   246  C C   . SER A 1 35  ? -3.628  8.526   10.547  1.00 47.58 ? 423 SER A C   1 
ATOM   247  O O   . SER A 1 35  ? -4.147  9.425   9.898   1.00 44.09 ? 423 SER A O   1 
ATOM   248  C CB  . SER A 1 35  ? -3.828  8.570   13.029  1.00 51.33 ? 423 SER A CB  1 
ATOM   249  O OG  . SER A 1 35  ? -3.145  8.973   14.209  1.00 60.59 ? 423 SER A OG  1 
ATOM   250  N N   . GLN A 1 36  ? -3.558  7.268   10.140  1.00 48.96 ? 424 GLN A N   1 
ATOM   251  C CA  . GLN A 1 36  ? -4.219  6.753   8.919   1.00 45.26 ? 424 GLN A CA  1 
ATOM   252  C C   . GLN A 1 36  ? -4.504  5.283   9.194   1.00 41.31 ? 424 GLN A C   1 
ATOM   253  O O   . GLN A 1 36  ? -3.761  4.661   9.962   1.00 37.74 ? 424 GLN A O   1 
ATOM   254  C CB  . GLN A 1 36  ? -3.339  6.979   7.681   1.00 48.11 ? 424 GLN A CB  1 
ATOM   255  C CG  . GLN A 1 36  ? -4.098  7.419   6.423   1.00 51.42 ? 424 GLN A CG  1 
ATOM   256  C CD  . GLN A 1 36  ? -3.233  7.888   5.266   1.00 50.52 ? 424 GLN A CD  1 
ATOM   257  O OE1 . GLN A 1 36  ? -3.344  7.375   4.146   1.00 48.75 ? 424 GLN A OE1 1 
ATOM   258  N NE2 . GLN A 1 36  ? -2.380  8.879   5.512   1.00 42.41 ? 424 GLN A NE2 1 
ATOM   259  N N   . VAL A 1 37  ? -5.570  4.774   8.601   1.00 40.61 ? 425 VAL A N   1 
ATOM   260  C CA  . VAL A 1 37  ? -6.023  3.382   8.801   1.00 36.15 ? 425 VAL A CA  1 
ATOM   261  C C   . VAL A 1 37  ? -5.658  2.609   7.549   1.00 35.71 ? 425 VAL A C   1 
ATOM   262  O O   . VAL A 1 37  ? -6.050  3.019   6.460   1.00 32.32 ? 425 VAL A O   1 
ATOM   263  C CB  . VAL A 1 37  ? -7.527  3.325   9.094   1.00 37.06 ? 425 VAL A CB  1 
ATOM   264  C CG1 . VAL A 1 37  ? -8.026  1.891   9.231   1.00 38.19 ? 425 VAL A CG1 1 
ATOM   265  C CG2 . VAL A 1 37  ? -7.862  4.135   10.334  1.00 37.76 ? 425 VAL A CG2 1 
ATOM   266  N N   . PHE A 1 38  ? -4.935  1.518   7.743   1.00 39.13 ? 426 PHE A N   1 
ATOM   267  C CA  . PHE A 1 38  ? -4.579  0.538   6.700   1.00 39.98 ? 426 PHE A CA  1 
ATOM   268  C C   . PHE A 1 38  ? -5.246  -0.793  7.052   1.00 42.52 ? 426 PHE A C   1 
ATOM   269  O O   . PHE A 1 38  ? -5.821  -0.912  8.149   1.00 42.34 ? 426 PHE A O   1 
ATOM   270  C CB  . PHE A 1 38  ? -3.058  0.464   6.633   1.00 44.22 ? 426 PHE A CB  1 
ATOM   271  C CG  . PHE A 1 38  ? -2.361  1.790   6.446   1.00 44.72 ? 426 PHE A CG  1 
ATOM   272  C CD1 . PHE A 1 38  ? -2.211  2.670   7.507   1.00 45.79 ? 426 PHE A CD1 1 
ATOM   273  C CD2 . PHE A 1 38  ? -1.819  2.132   5.219   1.00 45.66 ? 426 PHE A CD2 1 
ATOM   274  C CE1 . PHE A 1 38  ? -1.550  3.874   7.339   1.00 47.32 ? 426 PHE A CE1 1 
ATOM   275  C CE2 . PHE A 1 38  ? -1.148  3.334   5.052   1.00 50.55 ? 426 PHE A CE2 1 
ATOM   276  C CZ  . PHE A 1 38  ? -1.026  4.211   6.110   1.00 49.54 ? 426 PHE A CZ  1 
ATOM   277  N N   . SER A 1 39  ? -5.170  -1.758  6.139   1.00 44.46 ? 427 SER A N   1 
ATOM   278  C CA  . SER A 1 39  ? -5.808  -3.096  6.247   1.00 44.88 ? 427 SER A CA  1 
ATOM   279  C C   . SER A 1 39  ? -4.851  -4.150  5.671   1.00 44.09 ? 427 SER A C   1 
ATOM   280  O O   . SER A 1 39  ? -3.677  -3.805  5.427   1.00 43.43 ? 427 SER A O   1 
ATOM   281  C CB  . SER A 1 39  ? -7.146  -3.104  5.547   1.00 44.66 ? 427 SER A CB  1 
ATOM   282  O OG  . SER A 1 39  ? -7.885  -4.282  5.846   1.00 42.91 ? 427 SER A OG  1 
ATOM   283  N N   . THR A 1 40  ? -5.329  -5.382  5.474   1.00 41.35 ? 428 THR A N   1 
ATOM   284  C CA  . THR A 1 40  ? -4.505  -6.538  5.042   1.00 42.47 ? 428 THR A CA  1 
ATOM   285  C C   . THR A 1 40  ? -4.565  -6.685  3.524   1.00 42.16 ? 428 THR A C   1 
ATOM   286  O O   . THR A 1 40  ? -5.626  -6.411  2.937   1.00 40.79 ? 428 THR A O   1 
ATOM   287  C CB  . THR A 1 40  ? -4.969  -7.827  5.719   1.00 43.77 ? 428 THR A CB  1 
ATOM   288  O OG1 . THR A 1 40  ? -6.397  -7.855  5.657   1.00 46.14 ? 428 THR A OG1 1 
ATOM   289  C CG2 . THR A 1 40  ? -4.507  -7.898  7.154   1.00 48.35 ? 428 THR A CG2 1 
ATOM   290  N N   . ALA A 1 41  ? -3.464  -7.157  2.938   1.00 42.75 ? 429 ALA A N   1 
ATOM   291  C CA  . ALA A 1 41  ? -3.283  -7.337  1.482   1.00 42.99 ? 429 ALA A CA  1 
ATOM   292  C C   . ALA A 1 41  ? -3.928  -8.644  0.991   1.00 43.56 ? 429 ALA A C   1 
ATOM   293  O O   . ALA A 1 41  ? -4.334  -8.651  -0.176  1.00 43.71 ? 429 ALA A O   1 
ATOM   294  C CB  . ALA A 1 41  ? -1.813  -7.290  1.160   1.00 45.18 ? 429 ALA A CB  1 
ATOM   295  N N   . GLU A 1 42  ? -4.000  -9.692  1.829   1.00 45.10 ? 430 GLU A N   1 
ATOM   296  C CA  . GLU A 1 42  ? -4.529  -11.040 1.462   1.00 50.83 ? 430 GLU A CA  1 
ATOM   297  C C   . GLU A 1 42  ? -5.446  -11.592 2.572   1.00 50.18 ? 430 GLU A C   1 
ATOM   298  O O   . GLU A 1 42  ? -5.367  -11.122 3.719   1.00 51.95 ? 430 GLU A O   1 
ATOM   299  C CB  . GLU A 1 42  ? -3.383  -12.013 1.157   1.00 52.95 ? 430 GLU A CB  1 
ATOM   300  C CG  . GLU A 1 42  ? -2.042  -11.605 1.739   1.00 56.77 ? 430 GLU A CG  1 
ATOM   301  N N   . ASP A 1 43  ? -6.301  -12.561 2.238   1.00 44.58 ? 431 ASP A N   1 
ATOM   302  C CA  . ASP A 1 43  ? -7.288  -13.165 3.175   1.00 50.82 ? 431 ASP A CA  1 
ATOM   303  C C   . ASP A 1 43  ? -6.577  -13.825 4.377   1.00 53.43 ? 431 ASP A C   1 
ATOM   304  O O   . ASP A 1 43  ? -5.418  -14.254 4.218   1.00 53.96 ? 431 ASP A O   1 
ATOM   305  C CB  . ASP A 1 43  ? -8.137  -14.212 2.448   1.00 49.27 ? 431 ASP A CB  1 
ATOM   306  C CG  . ASP A 1 43  ? -9.050  -13.693 1.354   1.00 46.93 ? 431 ASP A CG  1 
ATOM   307  O OD1 . ASP A 1 43  ? -9.229  -12.464 1.233   1.00 46.13 ? 431 ASP A OD1 1 
ATOM   308  O OD2 . ASP A 1 43  ? -9.599  -14.544 0.649   1.00 51.25 ? 431 ASP A OD2 1 
ATOM   309  N N   . ASN A 1 44  ? -7.249  -13.951 5.530   1.00 53.00 ? 432 ASN A N   1 
ATOM   310  C CA  . ASN A 1 44  ? -6.776  -14.785 6.676   1.00 52.73 ? 432 ASN A CA  1 
ATOM   311  C C   . ASN A 1 44  ? -5.377  -14.326 7.110   1.00 48.11 ? 432 ASN A C   1 
ATOM   312  O O   . ASN A 1 44  ? -4.639  -15.145 7.681   1.00 51.51 ? 432 ASN A O   1 
ATOM   313  C CB  . ASN A 1 44  ? -6.769  -16.274 6.296   1.00 53.01 ? 432 ASN A CB  1 
ATOM   314  C CG  . ASN A 1 44  ? -6.721  -17.228 7.476   1.00 56.66 ? 432 ASN A CG  1 
ATOM   315  O OD1 . ASN A 1 44  ? -7.164  -16.897 8.575   1.00 61.50 ? 432 ASN A OD1 1 
ATOM   316  N ND2 . ASN A 1 44  ? -6.208  -18.430 7.259   1.00 54.06 ? 432 ASN A ND2 1 
ATOM   317  N N   . GLN A 1 45  ? -5.019  -13.073 6.827   1.00 48.28 ? 433 GLN A N   1 
ATOM   318  C CA  . GLN A 1 45  ? -3.665  -12.502 7.060   1.00 48.60 ? 433 GLN A CA  1 
ATOM   319  C C   . GLN A 1 45  ? -3.567  -12.191 8.551   1.00 47.90 ? 433 GLN A C   1 
ATOM   320  O O   . GLN A 1 45  ? -4.418  -11.440 9.041   1.00 45.63 ? 433 GLN A O   1 
ATOM   321  C CB  . GLN A 1 45  ? -3.436  -11.250 6.198   1.00 50.89 ? 433 GLN A CB  1 
ATOM   322  C CG  . GLN A 1 45  ? -1.975  -10.822 6.077   1.00 50.45 ? 433 GLN A CG  1 
ATOM   323  C CD  . GLN A 1 45  ? -1.721  -9.541  5.304   1.00 48.08 ? 433 GLN A CD  1 
ATOM   324  O OE1 . GLN A 1 45  ? -2.186  -9.341  4.178   1.00 41.79 ? 433 GLN A OE1 1 
ATOM   325  N NE2 . GLN A 1 45  ? -0.922  -8.671  5.901   1.00 43.45 ? 433 GLN A NE2 1 
ATOM   326  N N   . SER A 1 46  ? -2.588  -12.783 9.239   1.00 50.37 ? 434 SER A N   1 
ATOM   327  C CA  . SER A 1 46  ? -2.472  -12.782 10.719  1.00 47.88 ? 434 SER A CA  1 
ATOM   328  C C   . SER A 1 46  ? -1.602  -11.611 11.182  1.00 46.29 ? 434 SER A C   1 
ATOM   329  O O   . SER A 1 46  ? -1.712  -11.214 12.365  1.00 43.98 ? 434 SER A O   1 
ATOM   330  C CB  . SER A 1 46  ? -1.938  -14.104 11.215  1.00 46.81 ? 434 SER A CB  1 
ATOM   331  O OG  . SER A 1 46  ? -0.602  -14.304 10.801  1.00 43.02 ? 434 SER A OG  1 
ATOM   332  N N   . ALA A 1 47  ? -0.753  -11.092 10.297  1.00 47.44 ? 435 ALA A N   1 
ATOM   333  C CA  . ALA A 1 47  ? 0.219   -10.019 10.620  1.00 52.42 ? 435 ALA A CA  1 
ATOM   334  C C   . ALA A 1 47  ? 0.400   -9.060  9.432   1.00 54.40 ? 435 ALA A C   1 
ATOM   335  O O   . ALA A 1 47  ? 0.121   -9.435  8.265   1.00 57.98 ? 435 ALA A O   1 
ATOM   336  C CB  . ALA A 1 47  ? 1.542   -10.622 11.053  1.00 48.91 ? 435 ALA A CB  1 
ATOM   337  N N   . VAL A 1 48  ? 0.845   -7.846  9.753   1.00 53.20 ? 436 VAL A N   1 
ATOM   338  C CA  . VAL A 1 48  ? 1.351   -6.820  8.798   1.00 50.31 ? 436 VAL A CA  1 
ATOM   339  C C   . VAL A 1 48  ? 2.764   -6.479  9.244   1.00 48.74 ? 436 VAL A C   1 
ATOM   340  O O   . VAL A 1 48  ? 3.045   -6.575  10.483  1.00 42.71 ? 436 VAL A O   1 
ATOM   341  C CB  . VAL A 1 48  ? 0.474   -5.554  8.759   1.00 47.22 ? 436 VAL A CB  1 
ATOM   342  C CG1 . VAL A 1 48  ? -0.917  -5.838  8.219   1.00 51.25 ? 436 VAL A CG1 1 
ATOM   343  C CG2 . VAL A 1 48  ? 0.386   -4.877  10.117  1.00 46.00 ? 436 VAL A CG2 1 
ATOM   344  N N   . THR A 1 49  ? 3.602   -6.114  8.270   1.00 48.21 ? 437 THR A N   1 
ATOM   345  C CA  . THR A 1 49  ? 4.941   -5.506  8.476   1.00 48.06 ? 437 THR A CA  1 
ATOM   346  C C   . THR A 1 49  ? 4.772   -3.990  8.380   1.00 43.77 ? 437 THR A C   1 
ATOM   347  O O   . THR A 1 49  ? 4.203   -3.559  7.397   1.00 40.97 ? 437 THR A O   1 
ATOM   348  C CB  . THR A 1 49  ? 5.934   -6.057  7.446   1.00 49.75 ? 437 THR A CB  1 
ATOM   349  O OG1 . THR A 1 49  ? 5.601   -7.429  7.264   1.00 48.04 ? 437 THR A OG1 1 
ATOM   350  C CG2 . THR A 1 49  ? 7.379   -5.942  7.871   1.00 51.65 ? 437 THR A CG2 1 
ATOM   351  N N   . ILE A 1 50  ? 5.203   -3.228  9.385   1.00 41.50 ? 438 ILE A N   1 
ATOM   352  C CA  . ILE A 1 50  ? 5.212   -1.737  9.337   1.00 40.76 ? 438 ILE A CA  1 
ATOM   353  C C   . ILE A 1 50  ? 6.644   -1.303  9.058   1.00 41.43 ? 438 ILE A C   1 
ATOM   354  O O   . ILE A 1 50  ? 7.413   -1.224  10.011  1.00 45.05 ? 438 ILE A O   1 
ATOM   355  C CB  . ILE A 1 50  ? 4.665   -1.133  10.645  1.00 39.65 ? 438 ILE A CB  1 
ATOM   356  C CG1 . ILE A 1 50  ? 3.261   -1.647  10.964  1.00 43.21 ? 438 ILE A CG1 1 
ATOM   357  C CG2 . ILE A 1 50  ? 4.682   0.370   10.599  1.00 37.80 ? 438 ILE A CG2 1 
ATOM   358  C CD1 . ILE A 1 50  ? 2.361   -1.756  9.759   1.00 44.31 ? 438 ILE A CD1 1 
ATOM   359  N N   . HIS A 1 51  ? 6.974   -1.052  7.791   1.00 43.63 ? 439 HIS A N   1 
ATOM   360  C CA  . HIS A 1 51  ? 8.318   -0.605  7.325   1.00 44.84 ? 439 HIS A CA  1 
ATOM   361  C C   . HIS A 1 51  ? 8.315   0.929   7.233   1.00 43.36 ? 439 HIS A C   1 
ATOM   362  O O   . HIS A 1 51  ? 7.587   1.472   6.399   1.00 39.28 ? 439 HIS A O   1 
ATOM   363  C CB  . HIS A 1 51  ? 8.695   -1.349  6.029   1.00 45.48 ? 439 HIS A CB  1 
ATOM   364  C CG  . HIS A 1 51  ? 10.058  -1.051  5.489   1.00 47.31 ? 439 HIS A CG  1 
ATOM   365  N ND1 . HIS A 1 51  ? 10.366  -1.193  4.135   1.00 43.01 ? 439 HIS A ND1 1 
ATOM   366  C CD2 . HIS A 1 51  ? 11.186  -0.615  6.093   1.00 44.95 ? 439 HIS A CD2 1 
ATOM   367  C CE1 . HIS A 1 51  ? 11.624  -0.865  3.936   1.00 46.41 ? 439 HIS A CE1 1 
ATOM   368  N NE2 . HIS A 1 51  ? 12.152  -0.506  5.124   1.00 47.99 ? 439 HIS A NE2 1 
ATOM   369  N N   . VAL A 1 52  ? 9.091   1.601   8.088   1.00 46.26 ? 440 VAL A N   1 
ATOM   370  C CA  . VAL A 1 52  ? 9.121   3.093   8.195   1.00 43.43 ? 440 VAL A CA  1 
ATOM   371  C C   . VAL A 1 52  ? 10.120  3.691   7.198   1.00 40.92 ? 440 VAL A C   1 
ATOM   372  O O   . VAL A 1 52  ? 11.269  3.223   7.115   1.00 39.27 ? 440 VAL A O   1 
ATOM   373  C CB  . VAL A 1 52  ? 9.422   3.533   9.628   1.00 40.36 ? 440 VAL A CB  1 
ATOM   374  C CG1 . VAL A 1 52  ? 9.454   5.038   9.738   1.00 42.87 ? 440 VAL A CG1 1 
ATOM   375  C CG2 . VAL A 1 52  ? 8.395   2.959   10.581  1.00 40.89 ? 440 VAL A CG2 1 
ATOM   376  N N   . LEU A 1 53  ? 9.674   4.703   6.460   1.00 41.12 ? 441 LEU A N   1 
ATOM   377  C CA  . LEU A 1 53  ? 10.435  5.307   5.338   1.00 40.78 ? 441 LEU A CA  1 
ATOM   378  C C   . LEU A 1 53  ? 10.620  6.807   5.600   1.00 37.82 ? 441 LEU A C   1 
ATOM   379  O O   . LEU A 1 53  ? 9.686   7.428   6.135   1.00 35.56 ? 441 LEU A O   1 
ATOM   380  C CB  . LEU A 1 53  ? 9.651   5.052   4.052   1.00 41.16 ? 441 LEU A CB  1 
ATOM   381  C CG  . LEU A 1 53  ? 9.365   3.586   3.718   1.00 43.11 ? 441 LEU A CG  1 
ATOM   382  C CD1 . LEU A 1 53  ? 8.493   3.493   2.475   1.00 43.53 ? 441 LEU A CD1 1 
ATOM   383  C CD2 . LEU A 1 53  ? 10.653  2.794   3.511   1.00 42.99 ? 441 LEU A CD2 1 
ATOM   384  N N   . GLN A 1 54  ? 11.810  7.332   5.296   1.00 37.55 ? 442 GLN A N   1 
ATOM   385  C CA  . GLN A 1 54  ? 12.127  8.786   5.209   1.00 38.20 ? 442 GLN A CA  1 
ATOM   386  C C   . GLN A 1 54  ? 12.636  9.065   3.799   1.00 37.74 ? 442 GLN A C   1 
ATOM   387  O O   . GLN A 1 54  ? 13.527  8.319   3.344   1.00 39.17 ? 442 GLN A O   1 
ATOM   388  C CB  . GLN A 1 54  ? 13.206  9.199   6.209   1.00 38.87 ? 442 GLN A CB  1 
ATOM   389  C CG  . GLN A 1 54  ? 13.499  10.689  6.171   1.00 39.61 ? 442 GLN A CG  1 
ATOM   390  C CD  . GLN A 1 54  ? 14.657  11.134  7.039   1.00 40.01 ? 442 GLN A CD  1 
ATOM   391  O OE1 . GLN A 1 54  ? 15.724  10.514  7.077   1.00 35.98 ? 442 GLN A OE1 1 
ATOM   392  N NE2 . GLN A 1 54  ? 14.458  12.254  7.719   1.00 39.09 ? 442 GLN A NE2 1 
ATOM   393  N N   . GLY A 1 55  ? 12.075  10.070  3.132   1.00 38.95 ? 443 GLY A N   1 
ATOM   394  C CA  . GLY A 1 55  ? 12.391  10.387  1.728   1.00 38.96 ? 443 GLY A CA  1 
ATOM   395  C C   . GLY A 1 55  ? 11.167  10.871  0.964   1.00 42.17 ? 443 GLY A C   1 
ATOM   396  O O   . GLY A 1 55  ? 10.067  10.887  1.565   1.00 41.35 ? 443 GLY A O   1 
ATOM   397  N N   . GLU A 1 56  ? 11.370  11.298  -0.291  1.00 42.71 ? 444 GLU A N   1 
ATOM   398  C CA  . GLU A 1 56  ? 10.352  11.936  -1.168  1.00 43.41 ? 444 GLU A CA  1 
ATOM   399  C C   . GLU A 1 56  ? 10.102  11.082  -2.410  1.00 45.21 ? 444 GLU A C   1 
ATOM   400  O O   . GLU A 1 56  ? 9.314   11.549  -3.260  1.00 39.16 ? 444 GLU A O   1 
ATOM   401  C CB  . GLU A 1 56  ? 10.842  13.290  -1.679  1.00 45.36 ? 444 GLU A CB  1 
ATOM   402  C CG  . GLU A 1 56  ? 11.115  14.278  -0.582  1.00 46.60 ? 444 GLU A CG  1 
ATOM   403  C CD  . GLU A 1 56  ? 9.918   14.451  0.308   1.00 48.03 ? 444 GLU A CD  1 
ATOM   404  O OE1 . GLU A 1 56  ? 8.824   14.654  -0.241  1.00 49.31 ? 444 GLU A OE1 1 
ATOM   405  O OE2 . GLU A 1 56  ? 10.087  14.336  1.531   1.00 55.52 ? 444 GLU A OE2 1 
ATOM   406  N N   . ARG A 1 57  ? 10.803  9.945   -2.538  1.00 46.96 ? 445 ARG A N   1 
ATOM   407  C CA  . ARG A 1 57  ? 10.702  9.008   -3.689  1.00 46.55 ? 445 ARG A CA  1 
ATOM   408  C C   . ARG A 1 57  ? 9.444   8.168   -3.475  1.00 44.55 ? 445 ARG A C   1 
ATOM   409  O O   . ARG A 1 57  ? 9.130   7.922   -2.306  1.00 44.58 ? 445 ARG A O   1 
ATOM   410  C CB  . ARG A 1 57  ? 11.983  8.175   -3.830  1.00 46.31 ? 445 ARG A CB  1 
ATOM   411  C CG  . ARG A 1 57  ? 13.203  9.018   -4.180  1.00 47.81 ? 445 ARG A CG  1 
ATOM   412  C CD  . ARG A 1 57  ? 13.323  9.409   -5.656  1.00 49.28 ? 445 ARG A CD  1 
ATOM   413  N NE  . ARG A 1 57  ? 14.412  8.684   -6.324  1.00 46.88 ? 445 ARG A NE  1 
ATOM   414  C CZ  . ARG A 1 57  ? 14.295  7.948   -7.431  1.00 50.37 ? 445 ARG A CZ  1 
ATOM   415  N NH1 . ARG A 1 57  ? 13.133  7.849   -8.052  1.00 53.15 ? 445 ARG A NH1 1 
ATOM   416  N NH2 . ARG A 1 57  ? 15.346  7.315   -7.930  1.00 51.34 ? 445 ARG A NH2 1 
ATOM   417  N N   . LYS A 1 58  ? 8.746   7.801   -4.564  1.00 49.26 ? 446 LYS A N   1 
ATOM   418  C CA  . LYS A 1 58  ? 7.476   7.014   -4.550  1.00 51.24 ? 446 LYS A CA  1 
ATOM   419  C C   . LYS A 1 58  ? 7.800   5.523   -4.353  1.00 48.47 ? 446 LYS A C   1 
ATOM   420  O O   . LYS A 1 58  ? 7.116   4.873   -3.536  1.00 45.40 ? 446 LYS A O   1 
ATOM   421  C CB  . LYS A 1 58  ? 6.625   7.279   -5.801  1.00 50.10 ? 446 LYS A CB  1 
ATOM   422  C CG  . LYS A 1 58  ? 6.016   8.684   -5.891  1.00 57.46 ? 446 LYS A CG  1 
ATOM   423  C CD  . LYS A 1 58  ? 4.914   9.028   -4.881  1.00 55.90 ? 446 LYS A CD  1 
ATOM   424  N N   . ARG A 1 59  ? 8.805   4.999   -5.054  1.00 46.85 ? 447 ARG A N   1 
ATOM   425  C CA  . ARG A 1 59  ? 9.289   3.612   -4.846  1.00 46.84 ? 447 ARG A CA  1 
ATOM   426  C C   . ARG A 1 59  ? 9.904   3.523   -3.438  1.00 49.04 ? 447 ARG A C   1 
ATOM   427  O O   . ARG A 1 59  ? 10.887  4.228   -3.160  1.00 53.58 ? 447 ARG A O   1 
ATOM   428  C CB  . ARG A 1 59  ? 10.264  3.271   -5.974  1.00 49.05 ? 447 ARG A CB  1 
ATOM   429  C CG  . ARG A 1 59  ? 10.681  1.812   -6.062  1.00 52.23 ? 447 ARG A CG  1 
ATOM   430  C CD  . ARG A 1 59  ? 11.744  1.638   -7.130  1.00 57.38 ? 447 ARG A CD  1 
ATOM   431  N NE  . ARG A 1 59  ? 11.308  1.967   -8.490  1.00 60.18 ? 447 ARG A NE  1 
ATOM   432  C CZ  . ARG A 1 59  ? 10.612  1.159   -9.304  1.00 63.73 ? 447 ARG A CZ  1 
ATOM   433  N NH1 . ARG A 1 59  ? 10.230  -0.047  -8.908  1.00 69.26 ? 447 ARG A NH1 1 
ATOM   434  N NH2 . ARG A 1 59  ? 10.277  1.573   -10.515 1.00 57.24 ? 447 ARG A NH2 1 
ATOM   435  N N   . ALA A 1 60  ? 9.335   2.698   -2.560  1.00 52.59 ? 448 ALA A N   1 
ATOM   436  C CA  . ALA A 1 60  ? 9.812   2.482   -1.173  1.00 51.38 ? 448 ALA A CA  1 
ATOM   437  C C   . ALA A 1 60  ? 11.321  2.226   -1.154  1.00 51.40 ? 448 ALA A C   1 
ATOM   438  O O   . ALA A 1 60  ? 11.980  2.759   -0.252  1.00 53.79 ? 448 ALA A O   1 
ATOM   439  C CB  . ALA A 1 60  ? 9.069   1.334   -0.540  1.00 52.48 ? 448 ALA A CB  1 
ATOM   440  N N   . ALA A 1 61  ? 11.843  1.449   -2.113  1.00 49.98 ? 449 ALA A N   1 
ATOM   441  C CA  . ALA A 1 61  ? 13.272  1.043   -2.195  1.00 45.73 ? 449 ALA A CA  1 
ATOM   442  C C   . ALA A 1 61  ? 14.203  2.254   -2.370  1.00 46.32 ? 449 ALA A C   1 
ATOM   443  O O   . ALA A 1 61  ? 15.393  2.113   -2.050  1.00 52.15 ? 449 ALA A O   1 
ATOM   444  C CB  . ALA A 1 61  ? 13.470  0.070   -3.324  1.00 42.49 ? 449 ALA A CB  1 
ATOM   445  N N   . ASP A 1 62  ? 13.703  3.382   -2.882  1.00 43.08 ? 450 ASP A N   1 
ATOM   446  C CA  . ASP A 1 62  ? 14.499  4.608   -3.162  1.00 46.14 ? 450 ASP A CA  1 
ATOM   447  C C   . ASP A 1 62  ? 14.558  5.538   -1.936  1.00 47.22 ? 450 ASP A C   1 
ATOM   448  O O   . ASP A 1 62  ? 15.238  6.595   -2.033  1.00 46.79 ? 450 ASP A O   1 
ATOM   449  C CB  . ASP A 1 62  ? 13.886  5.385   -4.335  1.00 51.85 ? 450 ASP A CB  1 
ATOM   450  C CG  . ASP A 1 62  ? 13.945  4.663   -5.671  1.00 50.66 ? 450 ASP A CG  1 
ATOM   451  O OD1 . ASP A 1 62  ? 14.855  3.831   -5.848  1.00 45.92 ? 450 ASP A OD1 1 
ATOM   452  O OD2 . ASP A 1 62  ? 13.075  4.952   -6.516  1.00 53.94 ? 450 ASP A OD2 1 
ATOM   453  N N   . ASN A 1 63  ? 13.832  5.223   -0.856  1.00 44.53 ? 451 ASN A N   1 
ATOM   454  C CA  . ASN A 1 63  ? 13.770  6.078   0.359   1.00 46.73 ? 451 ASN A CA  1 
ATOM   455  C C   . ASN A 1 63  ? 14.657  5.453   1.440   1.00 46.60 ? 451 ASN A C   1 
ATOM   456  O O   . ASN A 1 63  ? 15.051  4.275   1.280   1.00 42.22 ? 451 ASN A O   1 
ATOM   457  C CB  . ASN A 1 63  ? 12.328  6.301   0.826   1.00 47.74 ? 451 ASN A CB  1 
ATOM   458  C CG  . ASN A 1 63  ? 11.478  7.032   -0.195  1.00 47.59 ? 451 ASN A CG  1 
ATOM   459  O OD1 . ASN A 1 63  ? 11.696  8.206   -0.474  1.00 42.41 ? 451 ASN A OD1 1 
ATOM   460  N ND2 . ASN A 1 63  ? 10.493  6.347   -0.748  1.00 48.66 ? 451 ASN A ND2 1 
ATOM   461  N N   . LYS A 1 64  ? 14.972  6.214   2.494   1.00 44.99 ? 452 LYS A N   1 
ATOM   462  C CA  . LYS A 1 64  ? 15.790  5.712   3.630   1.00 46.25 ? 452 LYS A CA  1 
ATOM   463  C C   . LYS A 1 64  ? 14.888  4.947   4.599   1.00 44.51 ? 452 LYS A C   1 
ATOM   464  O O   . LYS A 1 64  ? 13.853  5.504   5.037   1.00 41.21 ? 452 LYS A O   1 
ATOM   465  C CB  . LYS A 1 64  ? 16.490  6.861   4.356   1.00 49.89 ? 452 LYS A CB  1 
ATOM   466  C CG  . LYS A 1 64  ? 17.267  6.476   5.610   1.00 50.90 ? 452 LYS A CG  1 
ATOM   467  C CD  . LYS A 1 64  ? 18.225  5.320   5.411   1.00 51.88 ? 452 LYS A CD  1 
ATOM   468  C CE  . LYS A 1 64  ? 19.405  5.359   6.359   1.00 49.20 ? 452 LYS A CE  1 
ATOM   469  N NZ  . LYS A 1 64  ? 20.114  4.063   6.359   1.00 49.79 ? 452 LYS A NZ  1 
ATOM   470  N N   . SER A 1 65  ? 15.272  3.715   4.920   1.00 40.95 ? 453 SER A N   1 
ATOM   471  C CA  . SER A 1 65  ? 14.566  2.886   5.919   1.00 41.59 ? 453 SER A CA  1 
ATOM   472  C C   . SER A 1 65  ? 14.961  3.365   7.322   1.00 42.99 ? 453 SER A C   1 
ATOM   473  O O   . SER A 1 65  ? 16.149  3.596   7.528   1.00 49.39 ? 453 SER A O   1 
ATOM   474  C CB  . SER A 1 65  ? 14.851  1.436   5.696   1.00 38.67 ? 453 SER A CB  1 
ATOM   475  O OG  . SER A 1 65  ? 14.261  0.673   6.724   1.00 41.66 ? 453 SER A OG  1 
ATOM   476  N N   . LEU A 1 66  ? 14.004  3.530   8.243   1.00 41.84 ? 454 LEU A N   1 
ATOM   477  C CA  . LEU A 1 66  ? 14.255  3.920   9.659   1.00 41.81 ? 454 LEU A CA  1 
ATOM   478  C C   . LEU A 1 66  ? 13.967  2.754   10.602  1.00 41.66 ? 454 LEU A C   1 
ATOM   479  O O   . LEU A 1 66  ? 14.088  2.960   11.833  1.00 37.78 ? 454 LEU A O   1 
ATOM   480  C CB  . LEU A 1 66  ? 13.338  5.084   10.023  1.00 43.50 ? 454 LEU A CB  1 
ATOM   481  C CG  . LEU A 1 66  ? 13.486  6.324   9.160   1.00 42.30 ? 454 LEU A CG  1 
ATOM   482  C CD1 . LEU A 1 66  ? 12.583  7.414   9.694   1.00 42.31 ? 454 LEU A CD1 1 
ATOM   483  C CD2 . LEU A 1 66  ? 14.934  6.768   9.126   1.00 42.56 ? 454 LEU A CD2 1 
ATOM   484  N N   . GLY A 1 67  ? 13.592  1.601   10.041  1.00 42.95 ? 455 GLY A N   1 
ATOM   485  C CA  . GLY A 1 67  ? 13.199  0.404   10.802  1.00 47.49 ? 455 GLY A CA  1 
ATOM   486  C C   . GLY A 1 67  ? 11.948  -0.240  10.232  1.00 53.04 ? 455 GLY A C   1 
ATOM   487  O O   . GLY A 1 67  ? 11.304  0.353   9.318   1.00 46.34 ? 455 GLY A O   1 
ATOM   488  N N   . GLN A 1 68  ? 11.632  -1.437  10.731  1.00 55.78 ? 456 GLN A N   1 
ATOM   489  C CA  . GLN A 1 68  ? 10.322  -2.097  10.521  1.00 54.36 ? 456 GLN A CA  1 
ATOM   490  C C   . GLN A 1 68  ? 9.980   -2.938  11.748  1.00 48.69 ? 456 GLN A C   1 
ATOM   491  O O   . GLN A 1 68  ? 10.883  -3.295  12.472  1.00 47.39 ? 456 GLN A O   1 
ATOM   492  C CB  . GLN A 1 68  ? 10.331  -2.911  9.228   1.00 61.91 ? 456 GLN A CB  1 
ATOM   493  C CG  . GLN A 1 68  ? 11.340  -4.046  9.168   1.00 61.36 ? 456 GLN A CG  1 
ATOM   494  C CD  . GLN A 1 68  ? 11.320  -4.658  7.785   1.00 67.65 ? 456 GLN A CD  1 
ATOM   495  O OE1 . GLN A 1 68  ? 10.304  -5.177  7.321   1.00 65.23 ? 456 GLN A OE1 1 
ATOM   496  N NE2 . GLN A 1 68  ? 12.443  -4.577  7.091   1.00 74.76 ? 456 GLN A NE2 1 
ATOM   497  N N   . PHE A 1 69  ? 8.694   -3.194  11.970  1.00 52.52 ? 457 PHE A N   1 
ATOM   498  C CA  . PHE A 1 69  ? 8.152   -4.015  13.082  1.00 51.33 ? 457 PHE A CA  1 
ATOM   499  C C   . PHE A 1 69  ? 6.902   -4.743  12.588  1.00 50.78 ? 457 PHE A C   1 
ATOM   500  O O   . PHE A 1 69  ? 6.266   -4.267  11.611  1.00 45.79 ? 457 PHE A O   1 
ATOM   501  C CB  . PHE A 1 69  ? 7.863   -3.154  14.319  1.00 50.44 ? 457 PHE A CB  1 
ATOM   502  C CG  . PHE A 1 69  ? 6.758   -2.142  14.167  1.00 50.24 ? 457 PHE A CG  1 
ATOM   503  C CD1 . PHE A 1 69  ? 7.010   -0.881  13.646  1.00 48.68 ? 457 PHE A CD1 1 
ATOM   504  C CD2 . PHE A 1 69  ? 5.465   -2.431  14.582  1.00 49.68 ? 457 PHE A CD2 1 
ATOM   505  C CE1 . PHE A 1 69  ? 5.995   0.061   13.545  1.00 45.97 ? 457 PHE A CE1 1 
ATOM   506  C CE2 . PHE A 1 69  ? 4.448   -1.491  14.461  1.00 46.10 ? 457 PHE A CE2 1 
ATOM   507  C CZ  . PHE A 1 69  ? 4.718   -0.244  13.950  1.00 45.31 ? 457 PHE A CZ  1 
ATOM   508  N N   . ASN A 1 70  ? 6.583   -5.874  13.228  1.00 51.79 ? 458 ASN A N   1 
ATOM   509  C CA  . ASN A 1 70  ? 5.349   -6.649  12.939  1.00 54.13 ? 458 ASN A CA  1 
ATOM   510  C C   . ASN A 1 70  ? 4.294   -6.294  13.990  1.00 52.68 ? 458 ASN A C   1 
ATOM   511  O O   . ASN A 1 70  ? 4.672   -5.923  15.126  1.00 48.78 ? 458 ASN A O   1 
ATOM   512  C CB  . ASN A 1 70  ? 5.613   -8.153  12.859  1.00 53.95 ? 458 ASN A CB  1 
ATOM   513  C CG  . ASN A 1 70  ? 6.698   -8.491  11.860  1.00 58.58 ? 458 ASN A CG  1 
ATOM   514  O OD1 . ASN A 1 70  ? 6.849   -7.824  10.833  1.00 59.01 ? 458 ASN A OD1 1 
ATOM   515  N ND2 . ASN A 1 70  ? 7.475   -9.517  12.167  1.00 65.43 ? 458 ASN A ND2 1 
ATOM   516  N N   . LEU A 1 71  ? 3.031   -6.324  13.575  1.00 48.48 ? 459 LEU A N   1 
ATOM   517  C CA  . LEU A 1 71  ? 1.865   -6.539  14.458  1.00 48.97 ? 459 LEU A CA  1 
ATOM   518  C C   . LEU A 1 71  ? 1.209   -7.827  13.965  1.00 50.47 ? 459 LEU A C   1 
ATOM   519  O O   . LEU A 1 71  ? 0.715   -7.811  12.834  1.00 44.83 ? 459 LEU A O   1 
ATOM   520  C CB  . LEU A 1 71  ? 0.924   -5.336  14.356  1.00 49.77 ? 459 LEU A CB  1 
ATOM   521  C CG  . LEU A 1 71  ? -0.425  -5.476  15.050  1.00 48.73 ? 459 LEU A CG  1 
ATOM   522  C CD1 . LEU A 1 71  ? -0.246  -5.512  16.554  1.00 57.70 ? 459 LEU A CD1 1 
ATOM   523  C CD2 . LEU A 1 71  ? -1.354  -4.350  14.655  1.00 45.77 ? 459 LEU A CD2 1 
ATOM   524  N N   . ASP A 1 72  ? 1.279   -8.902  14.755  1.00 53.44 ? 460 ASP A N   1 
ATOM   525  C CA  . ASP A 1 72  ? 0.517   -10.157 14.515  1.00 60.13 ? 460 ASP A CA  1 
ATOM   526  C C   . ASP A 1 72  ? -0.745  -10.147 15.388  1.00 59.20 ? 460 ASP A C   1 
ATOM   527  O O   . ASP A 1 72  ? -1.027  -9.108  16.027  1.00 65.35 ? 460 ASP A O   1 
ATOM   528  C CB  . ASP A 1 72  ? 1.385   -11.405 14.733  1.00 64.86 ? 460 ASP A CB  1 
ATOM   529  C CG  . ASP A 1 72  ? 1.637   -11.808 16.177  1.00 65.67 ? 460 ASP A CG  1 
ATOM   530  O OD1 . ASP A 1 72  ? 1.209   -11.063 17.086  1.00 74.54 ? 460 ASP A OD1 1 
ATOM   531  O OD2 . ASP A 1 72  ? 2.272   -12.869 16.381  1.00 67.19 ? 460 ASP A OD2 1 
ATOM   532  N N   . GLY A 1 73  ? -1.473  -11.264 15.403  1.00 55.26 ? 461 GLY A N   1 
ATOM   533  C CA  . GLY A 1 73  ? -2.713  -11.423 16.178  1.00 51.31 ? 461 GLY A CA  1 
ATOM   534  C C   . GLY A 1 73  ? -3.913  -10.861 15.444  1.00 47.81 ? 461 GLY A C   1 
ATOM   535  O O   . GLY A 1 73  ? -4.928  -10.569 16.099  1.00 53.69 ? 461 GLY A O   1 
ATOM   536  N N   . ILE A 1 74  ? -3.806  -10.699 14.130  1.00 49.30 ? 462 ILE A N   1 
ATOM   537  C CA  . ILE A 1 74  ? -4.937  -10.231 13.277  1.00 49.95 ? 462 ILE A CA  1 
ATOM   538  C C   . ILE A 1 74  ? -5.853  -11.440 13.057  1.00 47.36 ? 462 ILE A C   1 
ATOM   539  O O   . ILE A 1 74  ? -5.387  -12.498 12.576  1.00 49.32 ? 462 ILE A O   1 
ATOM   540  C CB  . ILE A 1 74  ? -4.438  -9.565  11.975  1.00 49.22 ? 462 ILE A CB  1 
ATOM   541  C CG1 . ILE A 1 74  ? -3.519  -8.377  12.276  1.00 52.57 ? 462 ILE A CG1 1 
ATOM   542  C CG2 . ILE A 1 74  ? -5.594  -9.138  11.094  1.00 49.22 ? 462 ILE A CG2 1 
ATOM   543  C CD1 . ILE A 1 74  ? -2.752  -7.867  11.071  1.00 52.22 ? 462 ILE A CD1 1 
ATOM   544  N N   . ASN A 1 75  ? -7.105  -11.300 13.475  1.00 47.66 ? 463 ASN A N   1 
ATOM   545  C CA  . ASN A 1 75  ? -8.098  -12.400 13.453  1.00 52.05 ? 463 ASN A CA  1 
ATOM   546  C C   . ASN A 1 75  ? -8.490  -12.621 12.000  1.00 51.89 ? 463 ASN A C   1 
ATOM   547  O O   . ASN A 1 75  ? -8.662  -11.668 11.243  1.00 49.28 ? 463 ASN A O   1 
ATOM   548  C CB  . ASN A 1 75  ? -9.287  -12.130 14.387  1.00 51.00 ? 463 ASN A CB  1 
ATOM   549  C CG  . ASN A 1 75  ? -8.871  -12.101 15.848  1.00 52.81 ? 463 ASN A CG  1 
ATOM   550  O OD1 . ASN A 1 75  ? -8.225  -13.029 16.339  1.00 49.32 ? 463 ASN A OD1 1 
ATOM   551  N ND2 . ASN A 1 75  ? -9.207  -11.030 16.552  1.00 52.61 ? 463 ASN A ND2 1 
ATOM   552  N N   . PRO A 1 76  ? -8.657  -13.893 11.589  1.00 54.39 ? 464 PRO A N   1 
ATOM   553  C CA  . PRO A 1 76  ? -9.059  -14.220 10.223  1.00 53.64 ? 464 PRO A CA  1 
ATOM   554  C C   . PRO A 1 76  ? -10.234 -13.357 9.747   1.00 49.75 ? 464 PRO A C   1 
ATOM   555  O O   . PRO A 1 76  ? -11.175 -13.190 10.491  1.00 45.70 ? 464 PRO A O   1 
ATOM   556  C CB  . PRO A 1 76  ? -9.518  -15.683 10.299  1.00 52.97 ? 464 PRO A CB  1 
ATOM   557  C CG  . PRO A 1 76  ? -9.595  -15.991 11.786  1.00 56.27 ? 464 PRO A CG  1 
ATOM   558  C CD  . PRO A 1 76  ? -8.590  -15.081 12.454  1.00 53.30 ? 464 PRO A CD  1 
ATOM   559  N N   . ALA A 1 77  ? -10.141 -12.844 8.520   1.00 49.40 ? 465 ALA A N   1 
ATOM   560  C CA  . ALA A 1 77  ? -11.167 -11.995 7.879   1.00 46.49 ? 465 ALA A CA  1 
ATOM   561  C C   . ALA A 1 77  ? -10.824 -11.842 6.408   1.00 43.17 ? 465 ALA A C   1 
ATOM   562  O O   . ALA A 1 77  ? -9.687  -12.122 6.025   1.00 46.63 ? 465 ALA A O   1 
ATOM   563  C CB  . ALA A 1 77  ? -11.210 -10.657 8.566   1.00 49.88 ? 465 ALA A CB  1 
ATOM   564  N N   . PRO A 1 78  ? -11.774 -11.399 5.546   1.00 41.70 ? 466 PRO A N   1 
ATOM   565  C CA  . PRO A 1 78  ? -11.455 -11.040 4.168   1.00 41.59 ? 466 PRO A CA  1 
ATOM   566  C C   . PRO A 1 78  ? -10.416 -9.921  4.217   1.00 41.46 ? 466 PRO A C   1 
ATOM   567  O O   . PRO A 1 78  ? -10.432 -9.166  5.169   1.00 47.33 ? 466 PRO A O   1 
ATOM   568  C CB  . PRO A 1 78  ? -12.770 -10.542 3.558   1.00 38.54 ? 466 PRO A CB  1 
ATOM   569  C CG  . PRO A 1 78  ? -13.822 -11.149 4.443   1.00 40.65 ? 466 PRO A CG  1 
ATOM   570  C CD  . PRO A 1 78  ? -13.202 -11.222 5.826   1.00 41.58 ? 466 PRO A CD  1 
ATOM   571  N N   . ARG A 1 79  ? -9.555  -9.831  3.213   1.00 41.90 ? 467 ARG A N   1 
ATOM   572  C CA  . ARG A 1 79  ? -8.587  -8.707  3.126   1.00 44.57 ? 467 ARG A CA  1 
ATOM   573  C C   . ARG A 1 79  ? -9.341  -7.382  2.939   1.00 39.67 ? 467 ARG A C   1 
ATOM   574  O O   . ARG A 1 79  ? -10.396 -7.372  2.297   1.00 36.21 ? 467 ARG A O   1 
ATOM   575  C CB  . ARG A 1 79  ? -7.613  -8.945  1.980   1.00 45.70 ? 467 ARG A CB  1 
ATOM   576  C CG  . ARG A 1 79  ? -8.294  -8.877  0.628   1.00 51.87 ? 467 ARG A CG  1 
ATOM   577  C CD  . ARG A 1 79  ? -7.282  -9.210  -0.426  1.00 61.13 ? 467 ARG A CD  1 
ATOM   578  N NE  . ARG A 1 79  ? -7.737  -8.840  -1.753  1.00 68.60 ? 467 ARG A NE  1 
ATOM   579  C CZ  . ARG A 1 79  ? -7.004  -8.984  -2.848  1.00 73.79 ? 467 ARG A CZ  1 
ATOM   580  N NH1 . ARG A 1 79  ? -5.792  -9.512  -2.770  1.00 74.82 ? 467 ARG A NH1 1 
ATOM   581  N NH2 . ARG A 1 79  ? -7.491  -8.608  -4.016  1.00 76.65 ? 467 ARG A NH2 1 
ATOM   582  N N   . GLY A 1 80  ? -8.799  -6.298  3.485   1.00 40.22 ? 468 GLY A N   1 
ATOM   583  C CA  . GLY A 1 80  ? -9.382  -4.953  3.371   1.00 40.55 ? 468 GLY A CA  1 
ATOM   584  C C   . GLY A 1 80  ? -10.486 -4.739  4.382   1.00 41.85 ? 468 GLY A C   1 
ATOM   585  O O   . GLY A 1 80  ? -11.140 -3.676  4.315   1.00 48.67 ? 468 GLY A O   1 
ATOM   586  N N   . MET A 1 81  ? -10.725 -5.719  5.259   1.00 38.30 ? 469 MET A N   1 
ATOM   587  C CA  . MET A 1 81  ? -11.771 -5.635  6.310   1.00 35.56 ? 469 MET A CA  1 
ATOM   588  C C   . MET A 1 81  ? -11.165 -5.240  7.660   1.00 35.21 ? 469 MET A C   1 
ATOM   589  O O   . MET A 1 81  ? -11.735 -4.408  8.357   1.00 35.73 ? 469 MET A O   1 
ATOM   590  C CB  . MET A 1 81  ? -12.511 -6.966  6.395   1.00 35.85 ? 469 MET A CB  1 
ATOM   591  C CG  . MET A 1 81  ? -13.269 -7.294  5.124   1.00 37.40 ? 469 MET A CG  1 
ATOM   592  S SD  . MET A 1 81  ? -14.528 -6.051  4.723   1.00 41.85 ? 469 MET A SD  1 
ATOM   593  C CE  . MET A 1 81  ? -15.623 -6.261  6.125   1.00 41.00 ? 469 MET A CE  1 
ATOM   594  N N   . PRO A 1 82  ? -9.991  -5.777  8.076   1.00 33.27 ? 470 PRO A N   1 
ATOM   595  C CA  . PRO A 1 82  ? -9.325  -5.315  9.292   1.00 32.12 ? 470 PRO A CA  1 
ATOM   596  C C   . PRO A 1 82  ? -8.874  -3.840  9.303   1.00 32.17 ? 470 PRO A C   1 
ATOM   597  O O   . PRO A 1 82  ? -8.354  -3.380  8.313   1.00 37.66 ? 470 PRO A O   1 
ATOM   598  C CB  . PRO A 1 82  ? -8.071  -6.201  9.386   1.00 31.60 ? 470 PRO A CB  1 
ATOM   599  C CG  . PRO A 1 82  ? -8.347  -7.383  8.526   1.00 31.60 ? 470 PRO A CG  1 
ATOM   600  C CD  . PRO A 1 82  ? -9.264  -6.883  7.436   1.00 32.48 ? 470 PRO A CD  1 
ATOM   601  N N   . GLN A 1 83  ? -8.998  -3.170  10.452  1.00 32.22 ? 471 GLN A N   1 
ATOM   602  C CA  . GLN A 1 83  ? -8.570  -1.765  10.688  1.00 34.68 ? 471 GLN A CA  1 
ATOM   603  C C   . GLN A 1 83  ? -7.258  -1.726  11.481  1.00 34.06 ? 471 GLN A C   1 
ATOM   604  O O   . GLN A 1 83  ? -7.270  -1.946  12.705  1.00 30.17 ? 471 GLN A O   1 
ATOM   605  C CB  . GLN A 1 83  ? -9.689  -0.994  11.376  1.00 36.10 ? 471 GLN A CB  1 
ATOM   606  C CG  . GLN A 1 83  ? -10.882 -0.756  10.456  1.00 38.75 ? 471 GLN A CG  1 
ATOM   607  C CD  . GLN A 1 83  ? -12.104 -0.382  11.257  1.00 42.59 ? 471 GLN A CD  1 
ATOM   608  O OE1 . GLN A 1 83  ? -12.144 0.661   11.911  1.00 44.52 ? 471 GLN A OE1 1 
ATOM   609  N NE2 . GLN A 1 83  ? -13.085 -1.275  11.268  1.00 44.34 ? 471 GLN A NE2 1 
ATOM   610  N N   . ILE A 1 84  ? -6.153  -1.472  10.776  1.00 36.28 ? 472 ILE A N   1 
ATOM   611  C CA  . ILE A 1 84  ? -4.800  -1.331  11.372  1.00 36.89 ? 472 ILE A CA  1 
ATOM   612  C C   . ILE A 1 84  ? -4.486  0.159   11.354  1.00 40.14 ? 472 ILE A C   1 
ATOM   613  O O   . ILE A 1 84  ? -4.023  0.642   10.313  1.00 42.93 ? 472 ILE A O   1 
ATOM   614  C CB  . ILE A 1 84  ? -3.737  -2.135  10.606  1.00 37.30 ? 472 ILE A CB  1 
ATOM   615  C CG1 . ILE A 1 84  ? -4.139  -3.584  10.335  1.00 35.86 ? 472 ILE A CG1 1 
ATOM   616  C CG2 . ILE A 1 84  ? -2.414  -2.051  11.339  1.00 38.81 ? 472 ILE A CG2 1 
ATOM   617  C CD1 . ILE A 1 84  ? -4.663  -4.314  11.552  1.00 36.99 ? 472 ILE A CD1 1 
ATOM   618  N N   . GLU A 1 85  ? -4.762  0.857   12.453  1.00 39.99 ? 473 GLU A N   1 
ATOM   619  C CA  . GLU A 1 85  ? -4.456  2.296   12.566  1.00 42.75 ? 473 GLU A CA  1 
ATOM   620  C C   . GLU A 1 85  ? -2.950  2.467   12.804  1.00 44.97 ? 473 GLU A C   1 
ATOM   621  O O   . GLU A 1 85  ? -2.430  1.877   13.770  1.00 54.83 ? 473 GLU A O   1 
ATOM   622  C CB  . GLU A 1 85  ? -5.284  2.941   13.668  1.00 43.80 ? 473 GLU A CB  1 
ATOM   623  C CG  . GLU A 1 85  ? -5.022  4.429   13.773  1.00 46.71 ? 473 GLU A CG  1 
ATOM   624  C CD  . GLU A 1 85  ? -5.797  5.067   14.900  1.00 52.94 ? 473 GLU A CD  1 
ATOM   625  O OE1 . GLU A 1 85  ? -5.431  4.828   16.084  1.00 51.06 ? 473 GLU A OE1 1 
ATOM   626  O OE2 . GLU A 1 85  ? -6.789  5.761   14.586  1.00 57.61 ? 473 GLU A OE2 1 
ATOM   627  N N   . VAL A 1 86  ? -2.287  3.252   11.952  1.00 39.78 ? 474 VAL A N   1 
ATOM   628  C CA  . VAL A 1 86  ? -0.841  3.585   12.045  1.00 35.06 ? 474 VAL A CA  1 
ATOM   629  C C   . VAL A 1 86  ? -0.799  5.049   12.429  1.00 36.24 ? 474 VAL A C   1 
ATOM   630  O O   . VAL A 1 86  ? -1.509  5.804   11.778  1.00 41.46 ? 474 VAL A O   1 
ATOM   631  C CB  . VAL A 1 86  ? -0.099  3.349   10.719  1.00 33.32 ? 474 VAL A CB  1 
ATOM   632  C CG1 . VAL A 1 86  ? 1.369   3.706   10.806  1.00 33.85 ? 474 VAL A CG1 1 
ATOM   633  C CG2 . VAL A 1 86  ? -0.221  1.927   10.260  1.00 34.84 ? 474 VAL A CG2 1 
ATOM   634  N N   . THR A 1 87  ? -0.023  5.402   13.455  1.00 41.01 ? 475 THR A N   1 
ATOM   635  C CA  . THR A 1 87  ? 0.133   6.776   13.996  1.00 40.70 ? 475 THR A CA  1 
ATOM   636  C C   . THR A 1 87  ? 1.616   7.116   14.012  1.00 40.22 ? 475 THR A C   1 
ATOM   637  O O   . THR A 1 87  ? 2.373   6.331   14.576  1.00 40.49 ? 475 THR A O   1 
ATOM   638  C CB  . THR A 1 87  ? -0.391  6.906   15.427  1.00 44.77 ? 475 THR A CB  1 
ATOM   639  O OG1 . THR A 1 87  ? -1.771  6.561   15.400  1.00 44.77 ? 475 THR A OG1 1 
ATOM   640  C CG2 . THR A 1 87  ? -0.216  8.296   16.005  1.00 46.79 ? 475 THR A CG2 1 
ATOM   641  N N   . PHE A 1 88  ? 1.985   8.218   13.369  1.00 37.81 ? 476 PHE A N   1 
ATOM   642  C CA  . PHE A 1 88  ? 3.320   8.843   13.443  1.00 37.57 ? 476 PHE A CA  1 
ATOM   643  C C   . PHE A 1 88  ? 3.178   10.028  14.392  1.00 41.28 ? 476 PHE A C   1 
ATOM   644  O O   . PHE A 1 88  ? 2.258   10.860  14.188  1.00 40.10 ? 476 PHE A O   1 
ATOM   645  C CB  . PHE A 1 88  ? 3.795   9.255   12.050  1.00 38.77 ? 476 PHE A CB  1 
ATOM   646  C CG  . PHE A 1 88  ? 4.423   8.172   11.213  1.00 33.01 ? 476 PHE A CG  1 
ATOM   647  C CD1 . PHE A 1 88  ? 3.805   6.957   11.044  1.00 32.07 ? 476 PHE A CD1 1 
ATOM   648  C CD2 . PHE A 1 88  ? 5.613   8.399   10.563  1.00 31.08 ? 476 PHE A CD2 1 
ATOM   649  C CE1 . PHE A 1 88  ? 4.378   5.980   10.253  1.00 32.90 ? 476 PHE A CE1 1 
ATOM   650  C CE2 . PHE A 1 88  ? 6.193   7.423   9.778   1.00 32.20 ? 476 PHE A CE2 1 
ATOM   651  C CZ  . PHE A 1 88  ? 5.579   6.211   9.633   1.00 34.64 ? 476 PHE A CZ  1 
ATOM   652  N N   . ASP A 1 89  ? 3.990   10.020  15.449  1.00 50.27 ? 477 ASP A N   1 
ATOM   653  C CA  . ASP A 1 89  ? 4.014   11.032  16.537  1.00 55.55 ? 477 ASP A CA  1 
ATOM   654  C C   . ASP A 1 89  ? 5.460   11.488  16.703  1.00 52.34 ? 477 ASP A C   1 
ATOM   655  O O   . ASP A 1 89  ? 6.306   10.636  17.068  1.00 47.81 ? 477 ASP A O   1 
ATOM   656  C CB  . ASP A 1 89  ? 3.487   10.486  17.868  1.00 58.77 ? 477 ASP A CB  1 
ATOM   657  C CG  . ASP A 1 89  ? 3.360   11.543  18.959  1.00 67.36 ? 477 ASP A CG  1 
ATOM   658  O OD1 . ASP A 1 89  ? 4.178   12.497  18.969  1.00 66.55 ? 477 ASP A OD1 1 
ATOM   659  O OD2 . ASP A 1 89  ? 2.431   11.417  19.794  1.00 75.75 ? 477 ASP A OD2 1 
ATOM   660  N N   . ILE A 1 90  ? 5.717   12.765  16.409  1.00 50.56 ? 478 ILE A N   1 
ATOM   661  C CA  . ILE A 1 90  ? 7.016   13.436  16.701  1.00 55.08 ? 478 ILE A CA  1 
ATOM   662  C C   . ILE A 1 90  ? 6.740   14.484  17.778  1.00 59.62 ? 478 ILE A C   1 
ATOM   663  O O   . ILE A 1 90  ? 5.898   15.375  17.529  1.00 52.30 ? 478 ILE A O   1 
ATOM   664  C CB  . ILE A 1 90  ? 7.666   14.050  15.447  1.00 52.97 ? 478 ILE A CB  1 
ATOM   665  C CG1 . ILE A 1 90  ? 7.371   13.220  14.196  1.00 52.32 ? 478 ILE A CG1 1 
ATOM   666  C CG2 . ILE A 1 90  ? 9.159   14.226  15.667  1.00 49.17 ? 478 ILE A CG2 1 
ATOM   667  C CD1 . ILE A 1 90  ? 7.834   13.849  12.914  1.00 51.82 ? 478 ILE A CD1 1 
ATOM   668  N N   . ASP A 1 91  ? 7.385   14.311  18.939  1.00 66.90 ? 479 ASP A N   1 
ATOM   669  C CA  . ASP A 1 91  ? 7.296   15.195  20.131  1.00 65.68 ? 479 ASP A CA  1 
ATOM   670  C C   . ASP A 1 91  ? 8.330   16.310  19.981  1.00 59.95 ? 479 ASP A C   1 
ATOM   671  O O   . ASP A 1 91  ? 9.122   16.252  19.024  1.00 56.40 ? 479 ASP A O   1 
ATOM   672  C CB  . ASP A 1 91  ? 7.517   14.395  21.414  1.00 68.76 ? 479 ASP A CB  1 
ATOM   673  C CG  . ASP A 1 91  ? 8.751   13.496  21.378  1.00 77.74 ? 479 ASP A CG  1 
ATOM   674  O OD1 . ASP A 1 91  ? 9.788   13.912  20.792  1.00 67.90 ? 479 ASP A OD1 1 
ATOM   675  O OD2 . ASP A 1 91  ? 8.666   12.378  21.936  1.00 80.76 ? 479 ASP A OD2 1 
ATOM   676  N N   . ALA A 1 92  ? 8.340   17.257  20.916  1.00 64.65 ? 480 ALA A N   1 
ATOM   677  C CA  . ALA A 1 92  ? 9.256   18.427  20.944  1.00 64.66 ? 480 ALA A CA  1 
ATOM   678  C C   . ALA A 1 92  ? 10.738  18.010  20.876  1.00 61.91 ? 480 ALA A C   1 
ATOM   679  O O   . ALA A 1 92  ? 11.511  18.794  20.320  1.00 58.55 ? 480 ALA A O   1 
ATOM   680  C CB  . ALA A 1 92  ? 8.975   19.255  22.172  1.00 67.14 ? 480 ALA A CB  1 
ATOM   681  N N   . ASP A 1 93  ? 11.124  16.828  21.384  1.00 63.70 ? 481 ASP A N   1 
ATOM   682  C CA  . ASP A 1 93  ? 12.540  16.347  21.445  1.00 63.84 ? 481 ASP A CA  1 
ATOM   683  C C   . ASP A 1 93  ? 13.014  15.719  20.109  1.00 59.75 ? 481 ASP A C   1 
ATOM   684  O O   . ASP A 1 93  ? 14.187  15.239  20.051  1.00 51.53 ? 481 ASP A O   1 
ATOM   685  C CB  . ASP A 1 93  ? 12.721  15.383  22.627  1.00 67.25 ? 481 ASP A CB  1 
ATOM   686  C CG  . ASP A 1 93  ? 12.625  16.039  24.002  1.00 71.97 ? 481 ASP A CG  1 
ATOM   687  O OD1 . ASP A 1 93  ? 12.884  17.262  24.108  1.00 69.99 ? 481 ASP A OD1 1 
ATOM   688  O OD2 . ASP A 1 93  ? 12.308  15.317  24.974  1.00 74.22 ? 481 ASP A OD2 1 
ATOM   689  N N   . GLY A 1 94  ? 12.172  15.699  19.065  1.00 54.83 ? 482 GLY A N   1 
ATOM   690  C CA  . GLY A 1 94  ? 12.541  15.221  17.715  1.00 52.30 ? 482 GLY A CA  1 
ATOM   691  C C   . GLY A 1 94  ? 12.530  13.700  17.591  1.00 51.71 ? 482 GLY A C   1 
ATOM   692  O O   . GLY A 1 94  ? 13.089  13.151  16.598  1.00 52.98 ? 482 GLY A O   1 
ATOM   693  N N   . ILE A 1 95  ? 11.901  13.020  18.545  1.00 45.05 ? 483 ILE A N   1 
ATOM   694  C CA  . ILE A 1 95  ? 11.721  11.545  18.521  1.00 45.92 ? 483 ILE A CA  1 
ATOM   695  C C   . ILE A 1 95  ? 10.403  11.248  17.773  1.00 44.34 ? 483 ILE A C   1 
ATOM   696  O O   . ILE A 1 95  ? 9.348   11.891  18.079  1.00 43.95 ? 483 ILE A O   1 
ATOM   697  C CB  . ILE A 1 95  ? 11.787  10.989  19.965  1.00 45.58 ? 483 ILE A CB  1 
ATOM   698  C CG1 . ILE A 1 95  ? 13.081  11.404  20.674  1.00 43.11 ? 483 ILE A CG1 1 
ATOM   699  C CG2 . ILE A 1 95  ? 11.614  9.481   19.988  1.00 44.41 ? 483 ILE A CG2 1 
ATOM   700  N N   . LEU A 1 96  ? 10.472  10.353  16.788  1.00 37.91 ? 484 LEU A N   1 
ATOM   701  C CA  . LEU A 1 96  ? 9.296   9.752   16.109  1.00 40.10 ? 484 LEU A CA  1 
ATOM   702  C C   . LEU A 1 96  ? 8.910   8.450   16.832  1.00 42.67 ? 484 LEU A C   1 
ATOM   703  O O   . LEU A 1 96  ? 9.736   7.495   16.886  1.00 41.48 ? 484 LEU A O   1 
ATOM   704  C CB  . LEU A 1 96  ? 9.657   9.482   14.645  1.00 38.82 ? 484 LEU A CB  1 
ATOM   705  C CG  . LEU A 1 96  ? 8.701   8.588   13.858  1.00 36.43 ? 484 LEU A CG  1 
ATOM   706  C CD1 . LEU A 1 96  ? 7.419   9.326   13.548  1.00 36.30 ? 484 LEU A CD1 1 
ATOM   707  C CD2 . LEU A 1 96  ? 9.353   8.115   12.574  1.00 36.54 ? 484 LEU A CD2 1 
ATOM   708  N N   . HIS A 1 97  ? 7.704   8.415   17.389  1.00 44.77 ? 485 HIS A N   1 
ATOM   709  C CA  . HIS A 1 97  ? 7.028   7.167   17.821  1.00 48.57 ? 485 HIS A CA  1 
ATOM   710  C C   . HIS A 1 97  ? 6.079   6.764   16.695  1.00 46.25 ? 485 HIS A C   1 
ATOM   711  O O   . HIS A 1 97  ? 5.361   7.635   16.204  1.00 43.92 ? 485 HIS A O   1 
ATOM   712  C CB  . HIS A 1 97  ? 6.305   7.368   19.168  1.00 48.82 ? 485 HIS A CB  1 
ATOM   713  C CG  . HIS A 1 97  ? 7.176   7.916   20.251  1.00 52.33 ? 485 HIS A CG  1 
ATOM   714  N ND1 . HIS A 1 97  ? 7.907   7.091   21.113  1.00 49.67 ? 485 HIS A ND1 1 
ATOM   715  C CD2 . HIS A 1 97  ? 7.461   9.199   20.595  1.00 52.02 ? 485 HIS A CD2 1 
ATOM   716  C CE1 . HIS A 1 97  ? 8.584   7.853   21.952  1.00 55.19 ? 485 HIS A CE1 1 
ATOM   717  N NE2 . HIS A 1 97  ? 8.322   9.158   21.655  1.00 52.86 ? 485 HIS A NE2 1 
ATOM   718  N N   . VAL A 1 98  ? 6.106   5.499   16.294  1.00 47.36 ? 486 VAL A N   1 
ATOM   719  C CA  . VAL A 1 98  ? 5.140   4.907   15.328  1.00 43.50 ? 486 VAL A CA  1 
ATOM   720  C C   . VAL A 1 98  ? 4.468   3.720   16.010  1.00 40.43 ? 486 VAL A C   1 
ATOM   721  O O   . VAL A 1 98  ? 5.186   2.878   16.523  1.00 43.95 ? 486 VAL A O   1 
ATOM   722  C CB  . VAL A 1 98  ? 5.834   4.481   14.024  1.00 46.50 ? 486 VAL A CB  1 
ATOM   723  C CG1 . VAL A 1 98  ? 4.871   3.778   13.080  1.00 48.22 ? 486 VAL A CG1 1 
ATOM   724  C CG2 . VAL A 1 98  ? 6.487   5.661   13.319  1.00 48.76 ? 486 VAL A CG2 1 
ATOM   725  N N   . SER A 1 99  ? 3.136   3.677   15.999  1.00 43.87 ? 487 SER A N   1 
ATOM   726  C CA  . SER A 1 99  ? 2.289   2.558   16.496  1.00 44.22 ? 487 SER A CA  1 
ATOM   727  C C   . SER A 1 99  ? 1.461   1.951   15.359  1.00 46.32 ? 487 SER A C   1 
ATOM   728  O O   . SER A 1 99  ? 1.126   2.667   14.386  1.00 45.64 ? 487 SER A O   1 
ATOM   729  C CB  . SER A 1 99  ? 1.386   3.004   17.623  1.00 43.18 ? 487 SER A CB  1 
ATOM   730  O OG  . SER A 1 99  ? 1.234   4.410   17.605  1.00 45.27 ? 487 SER A OG  1 
ATOM   731  N N   . ALA A 1 100 ? 1.135   0.668   15.505  1.00 46.09 ? 488 ALA A N   1 
ATOM   732  C CA  . ALA A 1 100 ? 0.091   -0.050  14.745  1.00 45.95 ? 488 ALA A CA  1 
ATOM   733  C C   . ALA A 1 100 ? -0.892  -0.688  15.744  1.00 49.39 ? 488 ALA A C   1 
ATOM   734  O O   . ALA A 1 100 ? -0.449  -1.534  16.556  1.00 47.03 ? 488 ALA A O   1 
ATOM   735  C CB  . ALA A 1 100 ? 0.756   -1.059  13.853  1.00 45.08 ? 488 ALA A CB  1 
ATOM   736  N N   . LYS A 1 101 ? -2.156  -0.246  15.735  1.00 50.33 ? 489 LYS A N   1 
ATOM   737  C CA  . LYS A 1 101 ? -3.252  -0.815  16.559  1.00 49.71 ? 489 LYS A CA  1 
ATOM   738  C C   . LYS A 1 101 ? -4.258  -1.532  15.635  1.00 47.08 ? 489 LYS A C   1 
ATOM   739  O O   . LYS A 1 101 ? -4.880  -0.849  14.792  1.00 43.92 ? 489 LYS A O   1 
ATOM   740  C CB  . LYS A 1 101 ? -3.928  0.258   17.421  1.00 48.81 ? 489 LYS A CB  1 
ATOM   741  C CG  . LYS A 1 101 ? -4.747  -0.308  18.589  1.00 56.56 ? 489 LYS A CG  1 
ATOM   742  C CD  . LYS A 1 101 ? -6.003  0.470   18.986  1.00 50.45 ? 489 LYS A CD  1 
ATOM   743  N N   . ASP A 1 102 ? -4.401  -2.859  15.800  1.00 42.43 ? 490 ASP A N   1 
ATOM   744  C CA  . ASP A 1 102 ? -5.557  -3.665  15.314  1.00 44.65 ? 490 ASP A CA  1 
ATOM   745  C C   . ASP A 1 102 ? -6.784  -3.219  16.122  1.00 46.08 ? 490 ASP A C   1 
ATOM   746  O O   . ASP A 1 102 ? -6.829  -3.520  17.338  1.00 45.35 ? 490 ASP A O   1 
ATOM   747  C CB  . ASP A 1 102 ? -5.280  -5.174  15.406  1.00 42.04 ? 490 ASP A CB  1 
ATOM   748  C CG  . ASP A 1 102 ? -6.402  -6.098  14.937  1.00 44.36 ? 490 ASP A CG  1 
ATOM   749  O OD1 . ASP A 1 102 ? -7.596  -5.734  15.073  1.00 38.58 ? 490 ASP A OD1 1 
ATOM   750  O OD2 . ASP A 1 102 ? -6.076  -7.213  14.474  1.00 50.81 ? 490 ASP A OD2 1 
ATOM   751  N N   . LYS A 1 103 ? -7.713  -2.499  15.475  1.00 45.36 ? 491 LYS A N   1 
ATOM   752  C CA  . LYS A 1 103 ? -8.861  -1.810  16.125  1.00 48.24 ? 491 LYS A CA  1 
ATOM   753  C C   . LYS A 1 103 ? -9.888  -2.835  16.621  1.00 51.27 ? 491 LYS A C   1 
ATOM   754  O O   . LYS A 1 103 ? -10.680 -2.470  17.510  1.00 51.56 ? 491 LYS A O   1 
ATOM   755  C CB  . LYS A 1 103 ? -9.513  -0.807  15.168  1.00 51.11 ? 491 LYS A CB  1 
ATOM   756  C CG  . LYS A 1 103 ? -9.131  0.650   15.406  1.00 56.13 ? 491 LYS A CG  1 
ATOM   757  C CD  . LYS A 1 103 ? -9.637  1.583   14.323  1.00 59.16 ? 491 LYS A CD  1 
ATOM   758  C CE  . LYS A 1 103 ? -9.704  3.029   14.757  1.00 61.20 ? 491 LYS A CE  1 
ATOM   759  N NZ  . LYS A 1 103 ? -10.442 3.839   13.759  1.00 67.42 ? 491 LYS A NZ  1 
ATOM   760  N N   . ASN A 1 104 ? -9.890  -4.053  16.064  1.00 52.87 ? 492 ASN A N   1 
ATOM   761  C CA  . ASN A 1 104 ? -10.716 -5.185  16.571  1.00 56.28 ? 492 ASN A CA  1 
ATOM   762  C C   . ASN A 1 104 ? -10.055 -5.803  17.811  1.00 53.33 ? 492 ASN A C   1 
ATOM   763  O O   . ASN A 1 104 ? -10.710 -5.802  18.859  1.00 55.29 ? 492 ASN A O   1 
ATOM   764  C CB  . ASN A 1 104 ? -10.980 -6.250  15.504  1.00 56.98 ? 492 ASN A CB  1 
ATOM   765  C CG  . ASN A 1 104 ? -11.409 -7.576  16.095  1.00 57.18 ? 492 ASN A CG  1 
ATOM   766  O OD1 . ASN A 1 104 ? -10.561 -8.359  16.520  1.00 52.59 ? 492 ASN A OD1 1 
ATOM   767  N ND2 . ASN A 1 104 ? -12.709 -7.838  16.102  1.00 55.56 ? 492 ASN A ND2 1 
ATOM   768  N N   . SER A 1 105 ? -8.811  -6.280  17.679  1.00 50.04 ? 493 SER A N   1 
ATOM   769  C CA  . SER A 1 105 ? -8.087  -7.118  18.670  1.00 49.27 ? 493 SER A CA  1 
ATOM   770  C C   . SER A 1 105 ? -7.423  -6.265  19.756  1.00 51.03 ? 493 SER A C   1 
ATOM   771  O O   . SER A 1 105 ? -6.769  -6.864  20.612  1.00 61.51 ? 493 SER A O   1 
ATOM   772  C CB  . SER A 1 105 ? -7.088  -8.062  17.982  1.00 53.29 ? 493 SER A CB  1 
ATOM   773  O OG  . SER A 1 105 ? -5.856  -7.433  17.640  1.00 57.52 ? 493 SER A OG  1 
ATOM   774  N N   . GLY A 1 106 ? -7.545  -4.933  19.725  1.00 55.21 ? 494 GLY A N   1 
ATOM   775  C CA  . GLY A 1 106 ? -6.967  -4.017  20.740  1.00 54.46 ? 494 GLY A CA  1 
ATOM   776  C C   . GLY A 1 106 ? -5.438  -4.076  20.866  1.00 53.31 ? 494 GLY A C   1 
ATOM   777  O O   . GLY A 1 106 ? -4.900  -3.237  21.631  1.00 53.57 ? 494 GLY A O   1 
ATOM   778  N N   . LYS A 1 107 ? -4.754  -4.988  20.146  1.00 46.74 ? 495 LYS A N   1 
ATOM   779  C CA  . LYS A 1 107 ? -3.280  -5.220  20.210  1.00 47.78 ? 495 LYS A CA  1 
ATOM   780  C C   . LYS A 1 107 ? -2.513  -4.053  19.548  1.00 52.72 ? 495 LYS A C   1 
ATOM   781  O O   . LYS A 1 107 ? -3.111  -3.275  18.772  1.00 53.19 ? 495 LYS A O   1 
ATOM   782  C CB  . LYS A 1 107 ? -2.919  -6.547  19.528  1.00 51.35 ? 495 LYS A CB  1 
ATOM   783  C CG  . LYS A 1 107 ? -3.722  -7.774  19.951  1.00 50.17 ? 495 LYS A CG  1 
ATOM   784  N N   . GLU A 1 108 ? -1.215  -3.931  19.823  1.00 55.40 ? 496 GLU A N   1 
ATOM   785  C CA  . GLU A 1 108 ? -0.430  -2.701  19.523  1.00 57.06 ? 496 GLU A CA  1 
ATOM   786  C C   . GLU A 1 108 ? 1.069   -3.013  19.505  1.00 50.84 ? 496 GLU A C   1 
ATOM   787  O O   . GLU A 1 108 ? 1.535   -3.718  20.392  1.00 47.11 ? 496 GLU A O   1 
ATOM   788  C CB  . GLU A 1 108 ? -0.738  -1.592  20.540  1.00 57.16 ? 496 GLU A CB  1 
ATOM   789  C CG  . GLU A 1 108 ? -0.135  -0.239  20.172  1.00 58.49 ? 496 GLU A CG  1 
ATOM   790  C CD  . GLU A 1 108 ? -0.807  0.954   20.839  1.00 63.55 ? 496 GLU A CD  1 
ATOM   791  O OE1 . GLU A 1 108 ? -0.558  2.099   20.397  1.00 66.52 ? 496 GLU A OE1 1 
ATOM   792  O OE2 . GLU A 1 108 ? -1.601  0.737   21.789  1.00 63.01 ? 496 GLU A OE2 1 
ATOM   793  N N   . GLN A 1 109 ? 1.787   -2.470  18.521  1.00 51.44 ? 497 GLN A N   1 
ATOM   794  C CA  . GLN A 1 109 ? 3.259   -2.594  18.389  1.00 49.79 ? 497 GLN A CA  1 
ATOM   795  C C   . GLN A 1 109 ? 3.828   -1.232  18.008  1.00 50.22 ? 497 GLN A C   1 
ATOM   796  O O   . GLN A 1 109 ? 3.315   -0.623  17.073  1.00 53.99 ? 497 GLN A O   1 
ATOM   797  C CB  . GLN A 1 109 ? 3.622   -3.646  17.349  1.00 53.40 ? 497 GLN A CB  1 
ATOM   798  C CG  . GLN A 1 109 ? 3.408   -5.067  17.838  1.00 58.61 ? 497 GLN A CG  1 
ATOM   799  C CD  . GLN A 1 109 ? 4.330   -5.395  18.987  1.00 58.03 ? 497 GLN A CD  1 
ATOM   800  O OE1 . GLN A 1 109 ? 5.548   -5.225  18.902  1.00 61.78 ? 497 GLN A OE1 1 
ATOM   801  N NE2 . GLN A 1 109 ? 3.739   -5.845  20.084  1.00 55.87 ? 497 GLN A NE2 1 
ATOM   802  N N   . LYS A 1 110 ? 4.834   -0.773  18.746  1.00 51.19 ? 498 LYS A N   1 
ATOM   803  C CA  . LYS A 1 110 ? 5.484   0.541   18.544  1.00 47.33 ? 498 LYS A CA  1 
ATOM   804  C C   . LYS A 1 110 ? 6.931   0.322   18.110  1.00 50.84 ? 498 LYS A C   1 
ATOM   805  O O   . LYS A 1 110 ? 7.517   -0.774  18.342  1.00 49.02 ? 498 LYS A O   1 
ATOM   806  C CB  . LYS A 1 110 ? 5.450   1.385   19.819  1.00 45.09 ? 498 LYS A CB  1 
ATOM   807  C CG  . LYS A 1 110 ? 4.057   1.658   20.364  1.00 47.65 ? 498 LYS A CG  1 
ATOM   808  C CD  . LYS A 1 110 ? 4.017   2.754   21.405  1.00 51.82 ? 498 LYS A CD  1 
ATOM   809  C CE  . LYS A 1 110 ? 2.603   3.088   21.833  1.00 55.46 ? 498 LYS A CE  1 
ATOM   810  N NZ  . LYS A 1 110 ? 2.565   3.687   23.191  1.00 56.76 ? 498 LYS A NZ  1 
ATOM   811  N N   . ILE A 1 111 ? 7.482   1.355   17.492  1.00 49.47 ? 499 ILE A N   1 
ATOM   812  C CA  . ILE A 1 111 ? 8.947   1.534   17.355  1.00 48.36 ? 499 ILE A CA  1 
ATOM   813  C C   . ILE A 1 111 ? 9.237   3.004   17.659  1.00 46.05 ? 499 ILE A C   1 
ATOM   814  O O   . ILE A 1 111 ? 8.366   3.862   17.411  1.00 45.46 ? 499 ILE A O   1 
ATOM   815  C CB  . ILE A 1 111 ? 9.428   1.059   15.974  1.00 46.23 ? 499 ILE A CB  1 
ATOM   816  C CG1 . ILE A 1 111 ? 10.945  1.188   15.839  1.00 45.67 ? 499 ILE A CG1 1 
ATOM   817  C CG2 . ILE A 1 111 ? 8.688   1.795   14.869  1.00 49.28 ? 499 ILE A CG2 1 
ATOM   818  C CD1 . ILE A 1 111 ? 11.515  0.421   14.666  1.00 47.68 ? 499 ILE A CD1 1 
ATOM   819  N N   . THR A 1 112 ? 10.369  3.255   18.298  1.00 46.50 ? 500 THR A N   1 
ATOM   820  C CA  . THR A 1 112 ? 10.870  4.611   18.596  1.00 45.35 ? 500 THR A CA  1 
ATOM   821  C C   . THR A 1 112 ? 12.153  4.801   17.795  1.00 49.62 ? 500 THR A C   1 
ATOM   822  O O   . THR A 1 112 ? 13.030  3.864   17.807  1.00 42.87 ? 500 THR A O   1 
ATOM   823  C CB  . THR A 1 112 ? 10.995  4.821   20.102  1.00 42.08 ? 500 THR A CB  1 
ATOM   824  O OG1 . THR A 1 112 ? 9.676   4.570   20.582  1.00 44.46 ? 500 THR A OG1 1 
ATOM   825  C CG2 . THR A 1 112 ? 11.452  6.214   20.471  1.00 39.31 ? 500 THR A CG2 1 
ATOM   826  N N   . ILE A 1 113 ? 12.198  5.921   17.063  1.00 46.91 ? 501 ILE A N   1 
ATOM   827  C CA  . ILE A 1 113 ? 13.317  6.291   16.155  1.00 46.60 ? 501 ILE A CA  1 
ATOM   828  C C   . ILE A 1 113 ? 13.845  7.648   16.622  1.00 48.65 ? 501 ILE A C   1 
ATOM   829  O O   . ILE A 1 113 ? 13.073  8.620   16.577  1.00 47.29 ? 501 ILE A O   1 
ATOM   830  C CB  . ILE A 1 113 ? 12.831  6.272   14.696  1.00 45.39 ? 501 ILE A CB  1 
ATOM   831  C CG1 . ILE A 1 113 ? 12.348  4.875   14.278  1.00 43.98 ? 501 ILE A CG1 1 
ATOM   832  C CG2 . ILE A 1 113 ? 13.912  6.783   13.757  1.00 46.52 ? 501 ILE A CG2 1 
ATOM   833  C CD1 . ILE A 1 113 ? 11.296  4.890   13.185  1.00 43.57 ? 501 ILE A CD1 1 
ATOM   834  N N   . LYS A 1 114 ? 15.085  7.672   17.123  1.00 53.14 ? 502 LYS A N   1 
ATOM   835  C CA  . LYS A 1 114 ? 15.735  8.866   17.727  1.00 54.37 ? 502 LYS A CA  1 
ATOM   836  C C   . LYS A 1 114 ? 15.791  9.978   16.683  1.00 55.13 ? 502 LYS A C   1 
ATOM   837  O O   . LYS A 1 114 ? 15.769  9.648   15.469  1.00 50.72 ? 502 LYS A O   1 
ATOM   838  C CB  . LYS A 1 114 ? 17.184  8.588   18.132  1.00 56.52 ? 502 LYS A CB  1 
ATOM   839  C CG  . LYS A 1 114 ? 17.385  7.568   19.233  1.00 60.55 ? 502 LYS A CG  1 
ATOM   840  C CD  . LYS A 1 114 ? 18.816  7.077   19.320  1.00 66.32 ? 502 LYS A CD  1 
ATOM   841  C CE  . LYS A 1 114 ? 19.163  6.002   18.308  1.00 67.31 ? 502 LYS A CE  1 
ATOM   842  N NZ  . LYS A 1 114 ? 20.251  5.129   18.812  1.00 68.98 ? 502 LYS A NZ  1 
ATOM   843  N N   . ALA A 1 115 ? 15.914  11.227  17.152  1.00 52.77 ? 503 ALA A N   1 
ATOM   844  C CA  . ALA A 1 115 ? 16.029  12.445  16.322  1.00 50.73 ? 503 ALA A CA  1 
ATOM   845  C C   . ALA A 1 115 ? 17.263  12.320  15.424  1.00 51.62 ? 503 ALA A C   1 
ATOM   846  O O   . ALA A 1 115 ? 17.205  12.801  14.275  1.00 45.93 ? 503 ALA A O   1 
ATOM   847  C CB  . ALA A 1 115 ? 16.105  13.652  17.213  1.00 49.99 ? 503 ALA A CB  1 
ATOM   848  N N   . SER A 1 116 ? 18.321  11.677  15.933  1.00 51.09 ? 504 SER A N   1 
ATOM   849  C CA  . SER A 1 116 ? 19.625  11.503  15.248  1.00 53.93 ? 504 SER A CA  1 
ATOM   850  C C   . SER A 1 116 ? 19.468  10.592  14.023  1.00 56.98 ? 504 SER A C   1 
ATOM   851  O O   . SER A 1 116 ? 20.312  10.695  13.107  1.00 60.33 ? 504 SER A O   1 
ATOM   852  C CB  . SER A 1 116 ? 20.685  10.990  16.203  1.00 58.65 ? 504 SER A CB  1 
ATOM   853  O OG  . SER A 1 116 ? 20.490  9.625   16.555  1.00 57.75 ? 504 SER A OG  1 
ATOM   854  N N   . SER A 1 117 ? 18.430  9.743   13.982  1.00 56.29 ? 505 SER A N   1 
ATOM   855  C CA  . SER A 1 117 ? 18.226  8.715   12.921  1.00 52.73 ? 505 SER A CA  1 
ATOM   856  C C   . SER A 1 117 ? 17.987  9.384   11.560  1.00 49.81 ? 505 SER A C   1 
ATOM   857  O O   . SER A 1 117 ? 17.729  10.595  11.511  1.00 47.72 ? 505 SER A O   1 
ATOM   858  C CB  . SER A 1 117 ? 17.103  7.778   13.274  1.00 49.76 ? 505 SER A CB  1 
ATOM   859  O OG  . SER A 1 117 ? 17.257  7.286   14.598  1.00 53.94 ? 505 SER A OG  1 
ATOM   860  N N   . GLY A 1 118 ? 18.060  8.612   10.483  1.00 46.97 ? 506 GLY A N   1 
ATOM   861  C CA  . GLY A 1 118 ? 17.723  9.110   9.141   1.00 50.38 ? 506 GLY A CA  1 
ATOM   862  C C   . GLY A 1 118 ? 18.902  9.785   8.462   1.00 52.30 ? 506 GLY A C   1 
ATOM   863  O O   . GLY A 1 118 ? 20.039  9.634   8.925   1.00 57.87 ? 506 GLY A O   1 
ATOM   864  N N   . LEU A 1 119 ? 18.633  10.478  7.367   1.00 48.72 ? 507 LEU A N   1 
ATOM   865  C CA  . LEU A 1 119 ? 19.657  11.066  6.483   1.00 51.32 ? 507 LEU A CA  1 
ATOM   866  C C   . LEU A 1 119 ? 20.115  12.389  7.117   1.00 57.33 ? 507 LEU A C   1 
ATOM   867  O O   . LEU A 1 119 ? 19.295  12.989  7.856   1.00 57.36 ? 507 LEU A O   1 
ATOM   868  C CB  . LEU A 1 119 ? 19.026  11.266  5.098   1.00 51.20 ? 507 LEU A CB  1 
ATOM   869  C CG  . LEU A 1 119 ? 18.388  10.029  4.457   1.00 51.71 ? 507 LEU A CG  1 
ATOM   870  C CD1 . LEU A 1 119 ? 17.724  10.379  3.135   1.00 50.53 ? 507 LEU A CD1 1 
ATOM   871  C CD2 . LEU A 1 119 ? 19.401  8.916   4.236   1.00 53.14 ? 507 LEU A CD2 1 
ATOM   872  N N   . ASN A 1 120 ? 21.366  12.796  6.858   1.00 54.76 ? 508 ASN A N   1 
ATOM   873  C CA  . ASN A 1 120 ? 21.984  14.068  7.333   1.00 59.04 ? 508 ASN A CA  1 
ATOM   874  C C   . ASN A 1 120 ? 21.665  15.200  6.345   1.00 60.81 ? 508 ASN A C   1 
ATOM   875  O O   . ASN A 1 120 ? 21.128  14.907  5.259   1.00 60.91 ? 508 ASN A O   1 
ATOM   876  C CB  . ASN A 1 120 ? 23.499  13.932  7.504   1.00 63.52 ? 508 ASN A CB  1 
ATOM   877  C CG  . ASN A 1 120 ? 24.180  13.522  6.215   1.00 67.63 ? 508 ASN A CG  1 
ATOM   878  O OD1 . ASN A 1 120 ? 23.811  13.997  5.140   1.00 68.69 ? 508 ASN A OD1 1 
ATOM   879  N ND2 . ASN A 1 120 ? 25.147  12.627  6.309   1.00 63.52 ? 508 ASN A ND2 1 
ATOM   880  N N   . GLU A 1 121 ? 22.006  16.445  6.704   1.00 62.99 ? 509 GLU A N   1 
ATOM   881  C CA  . GLU A 1 121 ? 21.653  17.665  5.927   1.00 62.49 ? 509 GLU A CA  1 
ATOM   882  C C   . GLU A 1 121 ? 22.030  17.425  4.470   1.00 59.75 ? 509 GLU A C   1 
ATOM   883  O O   . GLU A 1 121 ? 21.245  17.827  3.614   1.00 58.43 ? 509 GLU A O   1 
ATOM   884  C CB  . GLU A 1 121 ? 22.339  18.927  6.456   1.00 66.68 ? 509 GLU A CB  1 
ATOM   885  C CG  . GLU A 1 121 ? 21.773  19.419  7.778   1.00 70.32 ? 509 GLU A CG  1 
ATOM   886  C CD  . GLU A 1 121 ? 22.283  20.765  8.283   1.00 72.30 ? 509 GLU A CD  1 
ATOM   887  O OE1 . GLU A 1 121 ? 22.356  20.946  9.537   1.00 63.62 ? 509 GLU A OE1 1 
ATOM   888  O OE2 . GLU A 1 121 ? 22.565  21.651  7.436   1.00 73.96 ? 509 GLU A OE2 1 
ATOM   889  N N   . ASP A 1 122 ? 23.164  16.758  4.230   1.00 58.44 ? 510 ASP A N   1 
ATOM   890  C CA  . ASP A 1 122 ? 23.752  16.542  2.881   1.00 61.73 ? 510 ASP A CA  1 
ATOM   891  C C   . ASP A 1 122 ? 22.845  15.576  2.110   1.00 60.94 ? 510 ASP A C   1 
ATOM   892  O O   . ASP A 1 122 ? 22.242  15.993  1.092   1.00 64.43 ? 510 ASP A O   1 
ATOM   893  C CB  . ASP A 1 122 ? 25.199  16.050  3.003   1.00 69.00 ? 510 ASP A CB  1 
ATOM   894  C CG  . ASP A 1 122 ? 26.122  16.365  1.833   1.00 74.34 ? 510 ASP A CG  1 
ATOM   895  O OD1 . ASP A 1 122 ? 25.703  17.086  0.899   1.00 80.05 ? 510 ASP A OD1 1 
ATOM   896  O OD2 . ASP A 1 122 ? 27.264  15.888  1.872   1.00 75.34 ? 510 ASP A OD2 1 
ATOM   897  N N   . GLU A 1 123 ? 22.709  14.350  2.620   1.00 58.69 ? 511 GLU A N   1 
ATOM   898  C CA  . GLU A 1 123 ? 21.882  13.259  2.036   1.00 53.38 ? 511 GLU A CA  1 
ATOM   899  C C   . GLU A 1 123 ? 20.459  13.768  1.780   1.00 52.26 ? 511 GLU A C   1 
ATOM   900  O O   . GLU A 1 123 ? 19.828  13.318  0.806   1.00 51.36 ? 511 GLU A O   1 
ATOM   901  C CB  . GLU A 1 123 ? 21.891  12.055  2.975   1.00 54.52 ? 511 GLU A CB  1 
ATOM   902  C CG  . GLU A 1 123 ? 23.179  11.248  2.898   1.00 58.45 ? 511 GLU A CG  1 
ATOM   903  C CD  . GLU A 1 123 ? 23.518  10.368  4.096   1.00 60.23 ? 511 GLU A CD  1 
ATOM   904  O OE1 . GLU A 1 123 ? 22.618  10.073  4.917   1.00 68.03 ? 511 GLU A OE1 1 
ATOM   905  O OE2 . GLU A 1 123 ? 24.690  9.971   4.208   1.00 56.53 ? 511 GLU A OE2 1 
ATOM   906  N N   . ILE A 1 124 ? 19.965  14.683  2.613   1.00 52.35 ? 512 ILE A N   1 
ATOM   907  C CA  . ILE A 1 124 ? 18.602  15.253  2.453   1.00 53.50 ? 512 ILE A CA  1 
ATOM   908  C C   . ILE A 1 124 ? 18.552  15.934  1.080   1.00 59.19 ? 512 ILE A C   1 
ATOM   909  O O   . ILE A 1 124 ? 17.886  15.372  0.176   1.00 54.25 ? 512 ILE A O   1 
ATOM   910  C CB  . ILE A 1 124 ? 18.237  16.170  3.635   1.00 52.47 ? 512 ILE A CB  1 
ATOM   911  C CG1 . ILE A 1 124 ? 18.140  15.369  4.935   1.00 58.76 ? 512 ILE A CG1 1 
ATOM   912  C CG2 . ILE A 1 124 ? 16.943  16.922  3.361   1.00 51.46 ? 512 ILE A CG2 1 
ATOM   913  C CD1 . ILE A 1 124 ? 18.182  16.205  6.193   1.00 61.42 ? 512 ILE A CD1 1 
ATOM   914  N N   . GLN A 1 125 ? 19.269  17.055  0.922   1.00 63.82 ? 513 GLN A N   1 
ATOM   915  C CA  . GLN A 1 125 ? 19.347  17.868  -0.326  1.00 61.17 ? 513 GLN A CA  1 
ATOM   916  C C   . GLN A 1 125 ? 19.622  16.962  -1.549  1.00 61.01 ? 513 GLN A C   1 
ATOM   917  O O   . GLN A 1 125 ? 19.087  17.269  -2.633  1.00 51.05 ? 513 GLN A O   1 
ATOM   918  C CB  . GLN A 1 125 ? 20.401  18.962  -0.148  1.00 65.53 ? 513 GLN A CB  1 
ATOM   919  N N   . LYS A 1 126 ? 20.379  15.863  -1.402  1.00 58.79 ? 514 LYS A N   1 
ATOM   920  C CA  . LYS A 1 126 ? 20.563  14.850  -2.483  1.00 60.66 ? 514 LYS A CA  1 
ATOM   921  C C   . LYS A 1 126 ? 19.208  14.218  -2.836  1.00 66.33 ? 514 LYS A C   1 
ATOM   922  O O   . LYS A 1 126 ? 18.883  14.187  -4.047  1.00 65.27 ? 514 LYS A O   1 
ATOM   923  C CB  . LYS A 1 126 ? 21.547  13.753  -2.071  1.00 62.28 ? 514 LYS A CB  1 
ATOM   924  C CG  . LYS A 1 126 ? 22.245  13.042  -3.222  1.00 65.88 ? 514 LYS A CG  1 
ATOM   925  C CD  . LYS A 1 126 ? 21.497  11.866  -3.831  1.00 73.20 ? 514 LYS A CD  1 
ATOM   926  C CE  . LYS A 1 126 ? 22.424  10.794  -4.385  1.00 74.60 ? 514 LYS A CE  1 
ATOM   927  N NZ  . LYS A 1 126 ? 21.873  10.122  -5.590  1.00 74.00 ? 514 LYS A NZ  1 
ATOM   928  N N   . MET A 1 127 ? 18.471  13.738  -1.813  1.00 62.46 ? 515 MET A N   1 
ATOM   929  C CA  . MET A 1 127 ? 17.131  13.088  -1.916  1.00 57.04 ? 515 MET A CA  1 
ATOM   930  C C   . MET A 1 127 ? 16.167  14.039  -2.631  1.00 57.18 ? 515 MET A C   1 
ATOM   931  O O   . MET A 1 127 ? 15.590  13.592  -3.632  1.00 67.22 ? 515 MET A O   1 
ATOM   932  C CB  . MET A 1 127 ? 16.587  12.696  -0.531  1.00 55.78 ? 515 MET A CB  1 
ATOM   933  C CG  . MET A 1 127 ? 15.131  12.202  -0.483  1.00 51.69 ? 515 MET A CG  1 
ATOM   934  S SD  . MET A 1 127 ? 14.784  10.606  -1.279  1.00 45.98 ? 515 MET A SD  1 
ATOM   935  C CE  . MET A 1 127 ? 15.845  9.497   -0.362  1.00 45.51 ? 515 MET A CE  1 
ATOM   936  N N   . VAL A 1 128 ? 16.023  15.289  -2.164  1.00 55.24 ? 516 VAL A N   1 
ATOM   937  C CA  . VAL A 1 128 ? 15.201  16.349  -2.833  1.00 57.38 ? 516 VAL A CA  1 
ATOM   938  C C   . VAL A 1 128 ? 15.658  16.477  -4.288  1.00 61.48 ? 516 VAL A C   1 
ATOM   939  O O   . VAL A 1 128 ? 14.781  16.584  -5.170  1.00 63.68 ? 516 VAL A O   1 
ATOM   940  C CB  . VAL A 1 128 ? 15.296  17.719  -2.135  1.00 55.02 ? 516 VAL A CB  1 
ATOM   941  C CG2 . VAL A 1 128 ? 14.636  17.697  -0.770  1.00 56.28 ? 516 VAL A CG2 1 
ATOM   942  N N   . ARG A 1 129 ? 16.981  16.467  -4.501  1.00 63.19 ? 517 ARG A N   1 
ATOM   943  C CA  . ARG A 1 129 ? 17.647  16.416  -5.826  1.00 63.08 ? 517 ARG A CA  1 
ATOM   944  C C   . ARG A 1 129 ? 16.977  15.325  -6.669  1.00 64.76 ? 517 ARG A C   1 
ATOM   945  O O   . ARG A 1 129 ? 16.268  15.681  -7.625  1.00 75.43 ? 517 ARG A O   1 
ATOM   946  N N   . ASP A 1 130 ? 17.155  14.053  -6.307  1.00 59.61 ? 518 ASP A N   1 
ATOM   947  C CA  . ASP A 1 130 ? 16.721  12.895  -7.134  1.00 62.30 ? 518 ASP A CA  1 
ATOM   948  C C   . ASP A 1 130 ? 15.187  12.910  -7.313  1.00 62.41 ? 518 ASP A C   1 
ATOM   949  O O   . ASP A 1 130 ? 14.704  12.566  -8.417  1.00 59.87 ? 518 ASP A O   1 
ATOM   950  C CB  . ASP A 1 130 ? 17.227  11.588  -6.530  1.00 71.00 ? 518 ASP A CB  1 
ATOM   951  C CG  . ASP A 1 130 ? 18.741  11.484  -6.474  1.00 72.53 ? 518 ASP A CG  1 
ATOM   952  O OD1 . ASP A 1 130 ? 19.392  12.537  -6.520  1.00 81.08 ? 518 ASP A OD1 1 
ATOM   953  O OD2 . ASP A 1 130 ? 19.249  10.347  -6.371  1.00 74.97 ? 518 ASP A OD2 1 
ATOM   954  N N   . ALA A 1 131 ? 14.434  13.302  -6.286  1.00 55.09 ? 519 ALA A N   1 
ATOM   955  C CA  . ALA A 1 131 ? 12.960  13.364  -6.336  1.00 52.58 ? 519 ALA A CA  1 
ATOM   956  C C   . ALA A 1 131 ? 12.546  14.126  -7.585  1.00 53.70 ? 519 ALA A C   1 
ATOM   957  O O   . ALA A 1 131 ? 11.690  13.610  -8.313  1.00 54.11 ? 519 ALA A O   1 
ATOM   958  C CB  . ALA A 1 131 ? 12.407  14.032  -5.108  1.00 57.27 ? 519 ALA A CB  1 
ATOM   959  N N   . GLU A 1 132 ? 13.133  15.308  -7.805  1.00 61.20 ? 520 GLU A N   1 
ATOM   960  C CA  . GLU A 1 132 ? 12.763  16.221  -8.926  1.00 60.56 ? 520 GLU A CA  1 
ATOM   961  C C   . GLU A 1 132 ? 13.282  15.637  -10.233 1.00 56.36 ? 520 GLU A C   1 
ATOM   962  O O   . GLU A 1 132 ? 12.551  15.720  -11.232 1.00 54.10 ? 520 GLU A O   1 
ATOM   963  C CB  . GLU A 1 132 ? 13.374  17.611  -8.804  1.00 67.73 ? 520 GLU A CB  1 
ATOM   964  C CG  . GLU A 1 132 ? 13.044  18.335  -7.518  1.00 77.21 ? 520 GLU A CG  1 
ATOM   965  C CD  . GLU A 1 132 ? 14.220  19.114  -6.942  1.00 81.99 ? 520 GLU A CD  1 
ATOM   966  O OE1 . GLU A 1 132 ? 15.387  18.681  -7.138  1.00 85.61 ? 520 GLU A OE1 1 
ATOM   967  O OE2 . GLU A 1 132 ? 13.974  20.147  -6.291  1.00 77.91 ? 520 GLU A OE2 1 
ATOM   968  N N   . ALA A 1 133 ? 14.504  15.095  -10.210 1.00 52.85 ? 521 ALA A N   1 
ATOM   969  C CA  . ALA A 1 133 ? 15.178  14.457  -11.370 1.00 56.43 ? 521 ALA A CA  1 
ATOM   970  C C   . ALA A 1 133 ? 14.345  13.269  -11.879 1.00 59.39 ? 521 ALA A C   1 
ATOM   971  O O   . ALA A 1 133 ? 14.197  13.122  -13.107 1.00 63.98 ? 521 ALA A O   1 
ATOM   972  C CB  . ALA A 1 133 ? 16.583  14.022  -10.998 1.00 55.55 ? 521 ALA A CB  1 
ATOM   973  N N   . ASN A 1 134 ? 13.829  12.444  -10.966 1.00 58.74 ? 522 ASN A N   1 
ATOM   974  C CA  . ASN A 1 134 ? 13.131  11.187  -11.307 1.00 55.67 ? 522 ASN A CA  1 
ATOM   975  C C   . ASN A 1 134 ? 11.650  11.307  -10.965 1.00 57.37 ? 522 ASN A C   1 
ATOM   976  O O   . ASN A 1 134 ? 11.040  10.251  -10.732 1.00 72.71 ? 522 ASN A O   1 
ATOM   977  C CB  . ASN A 1 134 ? 13.792  10.011  -10.604 1.00 58.53 ? 522 ASN A CB  1 
ATOM   978  C CG  . ASN A 1 134 ? 15.278  9.993   -10.860 1.00 67.31 ? 522 ASN A CG  1 
ATOM   979  O OD1 . ASN A 1 134 ? 15.745  10.617  -11.811 1.00 83.35 ? 522 ASN A OD1 1 
ATOM   980  N ND2 . ASN A 1 134 ? 16.028  9.293   -10.024 1.00 71.32 ? 522 ASN A ND2 1 
ATOM   981  N N   . ALA A 1 135 ? 11.086  12.521  -10.979 1.00 53.82 ? 523 ALA A N   1 
ATOM   982  C CA  . ALA A 1 135 ? 9.621   12.750  -10.877 1.00 56.73 ? 523 ALA A CA  1 
ATOM   983  C C   . ALA A 1 135 ? 8.890   11.926  -11.962 1.00 54.71 ? 523 ALA A C   1 
ATOM   984  O O   . ALA A 1 135 ? 8.027   11.110  -11.600 1.00 57.19 ? 523 ALA A O   1 
ATOM   985  C CB  . ALA A 1 135 ? 9.314   14.233  -10.956 1.00 52.52 ? 523 ALA A CB  1 
ATOM   986  N N   . GLU A 1 136 ? 9.256   12.099  -13.235 1.00 50.08 ? 524 GLU A N   1 
ATOM   987  C CA  . GLU A 1 136 ? 8.706   11.350  -14.399 1.00 54.67 ? 524 GLU A CA  1 
ATOM   988  C C   . GLU A 1 136 ? 8.683   9.846   -14.085 1.00 53.72 ? 524 GLU A C   1 
ATOM   989  O O   . GLU A 1 136 ? 7.592   9.239   -14.050 1.00 47.77 ? 524 GLU A O   1 
ATOM   990  C CB  . GLU A 1 136 ? 9.564   11.626  -15.648 1.00 55.50 ? 524 GLU A CB  1 
ATOM   991  C CG  . GLU A 1 136 ? 9.020   11.055  -16.958 1.00 46.60 ? 524 GLU A CG  1 
ATOM   992  N N   . ALA A 1 137 ? 9.857   9.253   -13.892 1.00 52.69 ? 525 ALA A N   1 
ATOM   993  C CA  . ALA A 1 137 ? 9.995   7.793   -13.724 1.00 56.98 ? 525 ALA A CA  1 
ATOM   994  C C   . ALA A 1 137 ? 9.152   7.351   -12.517 1.00 55.75 ? 525 ALA A C   1 
ATOM   995  O O   . ALA A 1 137 ? 8.510   6.299   -12.628 1.00 56.44 ? 525 ALA A O   1 
ATOM   996  C CB  . ALA A 1 137 ? 11.453  7.424   -13.599 1.00 60.37 ? 525 ALA A CB  1 
ATOM   997  N N   . ASP A 1 138 ? 9.122   8.149   -11.441 1.00 51.59 ? 526 ASP A N   1 
ATOM   998  C CA  . ASP A 1 138 ? 8.303   7.898   -10.221 1.00 50.38 ? 526 ASP A CA  1 
ATOM   999  C C   . ASP A 1 138 ? 6.810   7.968   -10.567 1.00 49.84 ? 526 ASP A C   1 
ATOM   1000 O O   . ASP A 1 138 ? 6.069   7.097   -10.067 1.00 53.74 ? 526 ASP A O   1 
ATOM   1001 C CB  . ASP A 1 138 ? 8.663   8.844   -9.068  1.00 45.13 ? 526 ASP A CB  1 
ATOM   1002 C CG  . ASP A 1 138 ? 10.021  8.544   -8.458  1.00 46.64 ? 526 ASP A CG  1 
ATOM   1003 O OD1 . ASP A 1 138 ? 10.626  7.535   -8.844  1.00 46.35 ? 526 ASP A OD1 1 
ATOM   1004 O OD2 . ASP A 1 138 ? 10.490  9.343   -7.625  1.00 56.79 ? 526 ASP A OD2 1 
ATOM   1005 N N   . ARG A 1 139 ? 6.380   8.926   -11.396 1.00 47.78 ? 527 ARG A N   1 
ATOM   1006 C CA  . ARG A 1 139 ? 4.957   9.039   -11.820 1.00 49.86 ? 527 ARG A CA  1 
ATOM   1007 C C   . ARG A 1 139 ? 4.581   7.745   -12.552 1.00 54.52 ? 527 ARG A C   1 
ATOM   1008 O O   . ARG A 1 139 ? 3.525   7.145   -12.222 1.00 57.41 ? 527 ARG A O   1 
ATOM   1009 C CB  . ARG A 1 139 ? 4.713   10.281  -12.679 1.00 49.07 ? 527 ARG A CB  1 
ATOM   1010 C CG  . ARG A 1 139 ? 3.251   10.703  -12.744 1.00 48.78 ? 527 ARG A CG  1 
ATOM   1011 N N   . LYS A 1 140 ? 5.442   7.296   -13.469 1.00 57.01 ? 528 LYS A N   1 
ATOM   1012 C CA  . LYS A 1 140 ? 5.231   6.050   -14.257 1.00 58.22 ? 528 LYS A CA  1 
ATOM   1013 C C   . LYS A 1 140 ? 5.062   4.893   -13.266 1.00 54.51 ? 528 LYS A C   1 
ATOM   1014 O O   . LYS A 1 140 ? 4.056   4.161   -13.356 1.00 63.87 ? 528 LYS A O   1 
ATOM   1015 C CB  . LYS A 1 140 ? 6.376   5.805   -15.254 1.00 54.21 ? 528 LYS A CB  1 
ATOM   1016 N N   . PHE A 1 141 ? 5.989   4.750   -12.327 1.00 50.24 ? 529 PHE A N   1 
ATOM   1017 C CA  . PHE A 1 141 ? 6.015   3.595   -11.394 1.00 48.00 ? 529 PHE A CA  1 
ATOM   1018 C C   . PHE A 1 141 ? 4.737   3.611   -10.559 1.00 49.14 ? 529 PHE A C   1 
ATOM   1019 O O   . PHE A 1 141 ? 4.180   2.543   -10.344 1.00 52.04 ? 529 PHE A O   1 
ATOM   1020 C CB  . PHE A 1 141 ? 7.260   3.606   -10.514 1.00 44.65 ? 529 PHE A CB  1 
ATOM   1021 C CG  . PHE A 1 141 ? 7.106   2.816   -9.246  1.00 44.84 ? 529 PHE A CG  1 
ATOM   1022 C CD1 . PHE A 1 141 ? 7.386   1.462   -9.220  1.00 47.33 ? 529 PHE A CD1 1 
ATOM   1023 C CD2 . PHE A 1 141 ? 6.675   3.430   -8.083  1.00 41.88 ? 529 PHE A CD2 1 
ATOM   1024 C CE1 . PHE A 1 141 ? 7.272   0.741   -8.041  1.00 45.45 ? 529 PHE A CE1 1 
ATOM   1025 C CE2 . PHE A 1 141 ? 6.531   2.702   -6.917  1.00 43.42 ? 529 PHE A CE2 1 
ATOM   1026 C CZ  . PHE A 1 141 ? 6.834   1.360   -6.894  1.00 44.93 ? 529 PHE A CZ  1 
ATOM   1027 N N   . GLU A 1 142 ? 4.292   4.789   -10.123 1.00 48.71 ? 530 GLU A N   1 
ATOM   1028 C CA  . GLU A 1 142 ? 3.035   4.946   -9.358  1.00 50.90 ? 530 GLU A CA  1 
ATOM   1029 C C   . GLU A 1 142 ? 1.860   4.414   -10.187 1.00 53.36 ? 530 GLU A C   1 
ATOM   1030 O O   . GLU A 1 142 ? 1.113   3.566   -9.672  1.00 55.14 ? 530 GLU A O   1 
ATOM   1031 C CB  . GLU A 1 142 ? 2.825   6.411   -8.979  1.00 57.05 ? 530 GLU A CB  1 
ATOM   1032 C CG  . GLU A 1 142 ? 1.565   6.664   -8.170  1.00 62.15 ? 530 GLU A CG  1 
ATOM   1033 C CD  . GLU A 1 142 ? 1.655   7.895   -7.281  1.00 67.26 ? 530 GLU A CD  1 
ATOM   1034 O OE1 . GLU A 1 142 ? 2.154   8.927   -7.770  1.00 71.82 ? 530 GLU A OE1 1 
ATOM   1035 O OE2 . GLU A 1 142 ? 1.259   7.814   -6.098  1.00 63.84 ? 530 GLU A OE2 1 
ATOM   1036 N N   . GLU A 1 143 ? 1.661   4.903   -11.412 1.00 54.72 ? 531 GLU A N   1 
ATOM   1037 C CA  . GLU A 1 143 ? 0.389   4.634   -12.136 1.00 55.12 ? 531 GLU A CA  1 
ATOM   1038 C C   . GLU A 1 143 ? 0.403   3.187   -12.649 1.00 51.95 ? 531 GLU A C   1 
ATOM   1039 O O   . GLU A 1 143 ? -0.679  2.667   -12.927 1.00 55.98 ? 531 GLU A O   1 
ATOM   1040 C CB  . GLU A 1 143 ? 0.079   5.708   -13.187 1.00 60.14 ? 531 GLU A CB  1 
ATOM   1041 C CG  . GLU A 1 143 ? 1.074   5.854   -14.333 1.00 65.45 ? 531 GLU A CG  1 
ATOM   1042 C CD  . GLU A 1 143 ? 0.974   7.196   -15.068 1.00 71.30 ? 531 GLU A CD  1 
ATOM   1043 O OE1 . GLU A 1 143 ? 0.878   8.246   -14.380 1.00 71.37 ? 531 GLU A OE1 1 
ATOM   1044 O OE2 . GLU A 1 143 ? 0.986   7.206   -16.333 1.00 68.22 ? 531 GLU A OE2 1 
ATOM   1045 N N   . LEU A 1 144 ? 1.567   2.536   -12.694 1.00 48.98 ? 532 LEU A N   1 
ATOM   1046 C CA  . LEU A 1 144 ? 1.677   1.067   -12.902 1.00 50.30 ? 532 LEU A CA  1 
ATOM   1047 C C   . LEU A 1 144 ? 1.200   0.334   -11.636 1.00 57.86 ? 532 LEU A C   1 
ATOM   1048 O O   . LEU A 1 144 ? 0.399   -0.621  -11.757 1.00 61.63 ? 532 LEU A O   1 
ATOM   1049 C CB  . LEU A 1 144 ? 3.131   0.715   -13.239 1.00 50.21 ? 532 LEU A CB  1 
ATOM   1050 C CG  . LEU A 1 144 ? 3.569   -0.726  -12.958 1.00 48.29 ? 532 LEU A CG  1 
ATOM   1051 C CD1 . LEU A 1 144 ? 2.835   -1.718  -13.846 1.00 45.56 ? 532 LEU A CD1 1 
ATOM   1052 C CD2 . LEU A 1 144 ? 5.072   -0.889  -13.131 1.00 45.07 ? 532 LEU A CD2 1 
ATOM   1053 N N   . VAL A 1 145 ? 1.686   0.753   -10.463 1.00 54.68 ? 533 VAL A N   1 
ATOM   1054 C CA  . VAL A 1 145 ? 1.307   0.183   -9.137  1.00 52.34 ? 533 VAL A CA  1 
ATOM   1055 C C   . VAL A 1 145 ? -0.203  0.316   -8.945  1.00 48.98 ? 533 VAL A C   1 
ATOM   1056 O O   . VAL A 1 145 ? -0.827  -0.660  -8.472  1.00 43.29 ? 533 VAL A O   1 
ATOM   1057 C CB  . VAL A 1 145 ? 2.099   0.850   -8.000  1.00 55.55 ? 533 VAL A CB  1 
ATOM   1058 C CG1 . VAL A 1 145 ? 1.491   0.572   -6.629  1.00 53.75 ? 533 VAL A CG1 1 
ATOM   1059 C CG2 . VAL A 1 145 ? 3.558   0.403   -8.039  1.00 58.16 ? 533 VAL A CG2 1 
ATOM   1060 N N   . GLN A 1 146 ? -0.770  1.467   -9.305  1.00 51.22 ? 534 GLN A N   1 
ATOM   1061 C CA  . GLN A 1 146 ? -2.237  1.680   -9.233  1.00 56.28 ? 534 GLN A CA  1 
ATOM   1062 C C   . GLN A 1 146 ? -2.924  0.662   -10.162 1.00 58.25 ? 534 GLN A C   1 
ATOM   1063 O O   . GLN A 1 146 ? -3.857  -0.028  -9.701  1.00 54.73 ? 534 GLN A O   1 
ATOM   1064 C CB  . GLN A 1 146 ? -2.607  3.125   -9.571  1.00 56.73 ? 534 GLN A CB  1 
ATOM   1065 C CG  . GLN A 1 146 ? -3.938  3.531   -8.958  1.00 62.32 ? 534 GLN A CG  1 
ATOM   1066 C CD  . GLN A 1 146 ? -4.454  4.857   -9.459  1.00 67.13 ? 534 GLN A CD  1 
ATOM   1067 O OE1 . GLN A 1 146 ? -4.548  5.096   -10.661 1.00 54.97 ? 534 GLN A OE1 1 
ATOM   1068 N NE2 . GLN A 1 146 ? -4.821  5.723   -8.525  1.00 77.12 ? 534 GLN A NE2 1 
ATOM   1069 N N   . THR A 1 147 ? -2.459  0.551   -11.412 1.00 52.05 ? 535 THR A N   1 
ATOM   1070 C CA  . THR A 1 147 ? -2.951  -0.436  -12.412 1.00 52.09 ? 535 THR A CA  1 
ATOM   1071 C C   . THR A 1 147 ? -2.863  -1.855  -11.823 1.00 46.39 ? 535 THR A C   1 
ATOM   1072 O O   . THR A 1 147 ? -3.866  -2.588  -11.903 1.00 41.01 ? 535 THR A O   1 
ATOM   1073 C CB  . THR A 1 147 ? -2.168  -0.323  -13.733 1.00 53.70 ? 535 THR A CB  1 
ATOM   1074 O OG1 . THR A 1 147 ? -2.292  0.997   -14.261 1.00 56.14 ? 535 THR A OG1 1 
ATOM   1075 C CG2 . THR A 1 147 ? -2.626  -1.306  -14.787 1.00 52.64 ? 535 THR A CG2 1 
ATOM   1076 N N   . ARG A 1 148 ? -1.704  -2.239  -11.278 1.00 47.38 ? 536 ARG A N   1 
ATOM   1077 C CA  . ARG A 1 148 ? -1.493  -3.597  -10.714 1.00 51.11 ? 536 ARG A CA  1 
ATOM   1078 C C   . ARG A 1 148 ? -2.545  -3.837  -9.638  1.00 47.53 ? 536 ARG A C   1 
ATOM   1079 O O   . ARG A 1 148 ? -3.150  -4.903  -9.679  1.00 51.88 ? 536 ARG A O   1 
ATOM   1080 C CB  . ARG A 1 148 ? -0.093  -3.801  -10.132 1.00 54.28 ? 536 ARG A CB  1 
ATOM   1081 C CG  . ARG A 1 148 ? 0.842   -4.603  -11.026 1.00 58.24 ? 536 ARG A CG  1 
ATOM   1082 C CD  . ARG A 1 148 ? 2.032   -5.193  -10.274 1.00 61.50 ? 536 ARG A CD  1 
ATOM   1083 N NE  . ARG A 1 148 ? 3.323   -4.749  -10.797 1.00 59.46 ? 536 ARG A NE  1 
ATOM   1084 C CZ  . ARG A 1 148 ? 3.960   -3.658  -10.386 1.00 52.98 ? 536 ARG A CZ  1 
ATOM   1085 N N   . ASN A 1 149 ? -2.783  -2.860  -8.758  1.00 45.28 ? 537 ASN A N   1 
ATOM   1086 C CA  . ASN A 1 149 ? -3.750  -2.984  -7.630  1.00 43.59 ? 537 ASN A CA  1 
ATOM   1087 C C   . ASN A 1 149 ? -5.169  -3.077  -8.199  1.00 40.85 ? 537 ASN A C   1 
ATOM   1088 O O   . ASN A 1 149 ? -5.915  -3.952  -7.767  1.00 45.33 ? 537 ASN A O   1 
ATOM   1089 C CB  . ASN A 1 149 ? -3.615  -1.854  -6.602  1.00 45.12 ? 537 ASN A CB  1 
ATOM   1090 C CG  . ASN A 1 149 ? -2.369  -1.958  -5.728  1.00 46.85 ? 537 ASN A CG  1 
ATOM   1091 O OD1 . ASN A 1 149 ? -1.777  -3.035  -5.587  1.00 43.90 ? 537 ASN A OD1 1 
ATOM   1092 N ND2 . ASN A 1 149 ? -1.958  -0.843  -5.135  1.00 36.76 ? 537 ASN A ND2 1 
ATOM   1093 N N   . GLN A 1 150 ? -5.525  -2.230  -9.157  1.00 41.58 ? 538 GLN A N   1 
ATOM   1094 C CA  . GLN A 1 150 ? -6.855  -2.277  -9.825  1.00 38.57 ? 538 GLN A CA  1 
ATOM   1095 C C   . GLN A 1 150 ? -7.023  -3.679  -10.416 1.00 37.61 ? 538 GLN A C   1 
ATOM   1096 O O   . GLN A 1 150 ? -8.036  -4.333  -10.111 1.00 34.80 ? 538 GLN A O   1 
ATOM   1097 C CB  . GLN A 1 150 ? -6.998  -1.127  -10.824 1.00 41.84 ? 538 GLN A CB  1 
ATOM   1098 C CG  . GLN A 1 150 ? -7.124  0.258   -10.166 1.00 44.26 ? 538 GLN A CG  1 
ATOM   1099 C CD  . GLN A 1 150 ? -7.261  1.431   -11.120 1.00 44.24 ? 538 GLN A CD  1 
ATOM   1100 O OE1 . GLN A 1 150 ? -7.092  1.315   -12.330 1.00 52.20 ? 538 GLN A OE1 1 
ATOM   1101 N NE2 . GLN A 1 150 ? -7.588  2.594   -10.587 1.00 40.66 ? 538 GLN A NE2 1 
ATOM   1102 N N   . GLY A 1 151 ? -6.023  -4.186  -11.137 1.00 36.94 ? 539 GLY A N   1 
ATOM   1103 C CA  . GLY A 1 151 ? -6.070  -5.562  -11.667 1.00 38.33 ? 539 GLY A CA  1 
ATOM   1104 C C   . GLY A 1 151 ? -6.346  -6.600  -10.577 1.00 39.59 ? 539 GLY A C   1 
ATOM   1105 O O   . GLY A 1 151 ? -7.359  -7.330  -10.684 1.00 36.03 ? 539 GLY A O   1 
ATOM   1106 N N   . ASP A 1 152 ? -5.453  -6.683  -9.585  1.00 40.22 ? 540 ASP A N   1 
ATOM   1107 C CA  . ASP A 1 152 ? -5.536  -7.577  -8.401  1.00 40.57 ? 540 ASP A CA  1 
ATOM   1108 C C   . ASP A 1 152 ? -6.949  -7.516  -7.806  1.00 40.49 ? 540 ASP A C   1 
ATOM   1109 O O   . ASP A 1 152 ? -7.632  -8.569  -7.726  1.00 43.85 ? 540 ASP A O   1 
ATOM   1110 C CB  . ASP A 1 152 ? -4.469  -7.184  -7.383  1.00 42.89 ? 540 ASP A CB  1 
ATOM   1111 C CG  . ASP A 1 152 ? -4.300  -8.183  -6.261  1.00 47.11 ? 540 ASP A CG  1 
ATOM   1112 O OD1 . ASP A 1 152 ? -4.006  -9.350  -6.579  1.00 56.06 ? 540 ASP A OD1 1 
ATOM   1113 O OD2 . ASP A 1 152 ? -4.453  -7.784  -5.084  1.00 47.67 ? 540 ASP A OD2 1 
ATOM   1114 N N   . HIS A 1 153 ? -7.409  -6.330  -7.434  1.00 38.40 ? 541 HIS A N   1 
ATOM   1115 C CA  . HIS A 1 153 ? -8.806  -6.126  -6.995  1.00 41.98 ? 541 HIS A CA  1 
ATOM   1116 C C   . HIS A 1 153 ? -9.755  -6.842  -7.961  1.00 41.96 ? 541 HIS A C   1 
ATOM   1117 O O   . HIS A 1 153 ? -10.421 -7.793  -7.559  1.00 45.33 ? 541 HIS A O   1 
ATOM   1118 C CB  . HIS A 1 153 ? -9.182  -4.645  -6.904  1.00 43.23 ? 541 HIS A CB  1 
ATOM   1119 C CG  . HIS A 1 153 ? -10.643 -4.518  -6.663  1.00 44.89 ? 541 HIS A CG  1 
ATOM   1120 N ND1 . HIS A 1 153 ? -11.188 -4.687  -5.416  1.00 45.09 ? 541 HIS A ND1 1 
ATOM   1121 C CD2 . HIS A 1 153 ? -11.674 -4.378  -7.517  1.00 48.87 ? 541 HIS A CD2 1 
ATOM   1122 C CE1 . HIS A 1 153 ? -12.491 -4.574  -5.495  1.00 49.35 ? 541 HIS A CE1 1 
ATOM   1123 N NE2 . HIS A 1 153 ? -12.815 -4.409  -6.778  1.00 50.54 ? 541 HIS A NE2 1 
ATOM   1124 N N   . LEU A 1 154 ? -9.790  -6.404  -9.212  1.00 44.53 ? 542 LEU A N   1 
ATOM   1125 C CA  . LEU A 1 154 ? -10.695 -6.962  -10.253 1.00 47.08 ? 542 LEU A CA  1 
ATOM   1126 C C   . LEU A 1 154 ? -10.589 -8.503  -10.262 1.00 46.90 ? 542 LEU A C   1 
ATOM   1127 O O   . LEU A 1 154 ? -11.618 -9.158  -10.523 1.00 46.02 ? 542 LEU A O   1 
ATOM   1128 C CB  . LEU A 1 154 ? -10.335 -6.335  -11.611 1.00 48.43 ? 542 LEU A CB  1 
ATOM   1129 C CG  . LEU A 1 154 ? -11.444 -6.316  -12.665 1.00 51.62 ? 542 LEU A CG  1 
ATOM   1130 C CD1 . LEU A 1 154 ? -12.604 -5.437  -12.212 1.00 52.26 ? 542 LEU A CD1 1 
ATOM   1131 N N   . LEU A 1 155 ? -9.403  -9.058  -9.975  1.00 46.45 ? 543 LEU A N   1 
ATOM   1132 C CA  . LEU A 1 155 ? -9.097  -10.511 -10.078 1.00 44.95 ? 543 LEU A CA  1 
ATOM   1133 C C   . LEU A 1 155 ? -9.738  -11.226 -8.894  1.00 46.46 ? 543 LEU A C   1 
ATOM   1134 O O   . LEU A 1 155 ? -10.664 -12.042 -9.116  1.00 52.82 ? 543 LEU A O   1 
ATOM   1135 C CB  . LEU A 1 155 ? -7.573  -10.705 -10.125 1.00 44.88 ? 543 LEU A CB  1 
ATOM   1136 C CG  . LEU A 1 155 ? -7.039  -12.094 -9.789  1.00 44.71 ? 543 LEU A CG  1 
ATOM   1137 C CD1 . LEU A 1 155 ? -7.303  -13.083 -10.907 1.00 47.28 ? 543 LEU A CD1 1 
ATOM   1138 C CD2 . LEU A 1 155 ? -5.551  -12.028 -9.497  1.00 47.41 ? 543 LEU A CD2 1 
ATOM   1139 N N   . HIS A 1 156 ? -9.288  -10.918 -7.681  1.00 44.88 ? 544 HIS A N   1 
ATOM   1140 C CA  . HIS A 1 156 ? -9.849  -11.489 -6.426  1.00 47.64 ? 544 HIS A CA  1 
ATOM   1141 C C   . HIS A 1 156 ? -11.374 -11.263 -6.389  1.00 43.10 ? 544 HIS A C   1 
ATOM   1142 O O   . HIS A 1 156 ? -12.104 -12.203 -6.085  1.00 39.90 ? 544 HIS A O   1 
ATOM   1143 C CB  . HIS A 1 156 ? -9.093  -10.884 -5.234  1.00 52.35 ? 544 HIS A CB  1 
ATOM   1144 C CG  . HIS A 1 156 ? -9.545  -11.310 -3.877  1.00 58.21 ? 544 HIS A CG  1 
ATOM   1145 N ND1 . HIS A 1 156 ? -10.721 -10.846 -3.303  1.00 58.46 ? 544 HIS A ND1 1 
ATOM   1146 C CD2 . HIS A 1 156 ? -8.951  -12.097 -2.949  1.00 61.81 ? 544 HIS A CD2 1 
ATOM   1147 C CE1 . HIS A 1 156 ? -10.847 -11.369 -2.096  1.00 62.12 ? 544 HIS A CE1 1 
ATOM   1148 N NE2 . HIS A 1 156 ? -9.772  -12.141 -1.853  1.00 60.51 ? 544 HIS A NE2 1 
ATOM   1149 N N   . SER A 1 157 ? -11.832 -10.055 -6.706  1.00 41.66 ? 545 SER A N   1 
ATOM   1150 C CA  . SER A 1 157 ? -13.250 -9.632  -6.602  1.00 43.76 ? 545 SER A CA  1 
ATOM   1151 C C   . SER A 1 157 ? -14.124 -10.534 -7.472  1.00 47.94 ? 545 SER A C   1 
ATOM   1152 O O   . SER A 1 157 ? -15.173 -10.980 -6.991  1.00 49.44 ? 545 SER A O   1 
ATOM   1153 C CB  . SER A 1 157 ? -13.398 -8.206  -7.011  1.00 48.61 ? 545 SER A CB  1 
ATOM   1154 O OG  . SER A 1 157 ? -14.605 -7.673  -6.522  1.00 51.71 ? 545 SER A OG  1 
ATOM   1155 N N   . THR A 1 158 ? -13.693 -10.773 -8.711  1.00 47.86 ? 546 THR A N   1 
ATOM   1156 C CA  . THR A 1 158 ? -14.354 -11.659 -9.702  1.00 44.13 ? 546 THR A CA  1 
ATOM   1157 C C   . THR A 1 158 ? -14.348 -13.102 -9.179  1.00 46.26 ? 546 THR A C   1 
ATOM   1158 O O   . THR A 1 158 ? -15.406 -13.708 -9.179  1.00 52.33 ? 546 THR A O   1 
ATOM   1159 C CB  . THR A 1 158 ? -13.683 -11.512 -11.075 1.00 45.22 ? 546 THR A CB  1 
ATOM   1160 O OG1 . THR A 1 158 ? -13.878 -10.168 -11.519 1.00 39.37 ? 546 THR A OG1 1 
ATOM   1161 C CG2 . THR A 1 158 ? -14.216 -12.460 -12.127 1.00 44.54 ? 546 THR A CG2 1 
ATOM   1162 N N   . ARG A 1 159 ? -13.209 -13.637 -8.744  1.00 49.86 ? 547 ARG A N   1 
ATOM   1163 C CA  . ARG A 1 159 ? -13.103 -15.055 -8.288  1.00 54.10 ? 547 ARG A CA  1 
ATOM   1164 C C   . ARG A 1 159 ? -14.151 -15.359 -7.202  1.00 55.80 ? 547 ARG A C   1 
ATOM   1165 O O   . ARG A 1 159 ? -14.846 -16.405 -7.320  1.00 59.78 ? 547 ARG A O   1 
ATOM   1166 C CB  . ARG A 1 159 ? -11.690 -15.360 -7.785  1.00 53.20 ? 547 ARG A CB  1 
ATOM   1167 C CG  . ARG A 1 159 ? -10.665 -15.323 -8.906  1.00 60.25 ? 547 ARG A CG  1 
ATOM   1168 C CD  . ARG A 1 159 ? -9.364  -16.060 -8.653  1.00 64.25 ? 547 ARG A CD  1 
ATOM   1169 N NE  . ARG A 1 159 ? -8.954  -16.724 -9.884  1.00 70.14 ? 547 ARG A NE  1 
ATOM   1170 C CZ  . ARG A 1 159 ? -7.704  -16.868 -10.310 1.00 72.07 ? 547 ARG A CZ  1 
ATOM   1171 N NH1 . ARG A 1 159 ? -6.684  -16.386 -9.614  1.00 68.35 ? 547 ARG A NH1 1 
ATOM   1172 N NH2 . ARG A 1 159 ? -7.492  -17.495 -11.454 1.00 72.72 ? 547 ARG A NH2 1 
ATOM   1173 N N   . LYS A 1 160 ? -14.243 -14.504 -6.180  1.00 55.35 ? 548 LYS A N   1 
ATOM   1174 C CA  . LYS A 1 160 ? -15.256 -14.595 -5.097  1.00 54.35 ? 548 LYS A CA  1 
ATOM   1175 C C   . LYS A 1 160 ? -16.637 -14.643 -5.766  1.00 52.94 ? 548 LYS A C   1 
ATOM   1176 O O   . LYS A 1 160 ? -17.382 -15.600 -5.502  1.00 55.48 ? 548 LYS A O   1 
ATOM   1177 C CB  . LYS A 1 160 ? -15.094 -13.441 -4.097  1.00 50.61 ? 548 LYS A CB  1 
ATOM   1178 N N   . GLN A 1 161 ? -16.926 -13.695 -6.664  1.00 51.64 ? 549 GLN A N   1 
ATOM   1179 C CA  . GLN A 1 161 ? -18.247 -13.534 -7.338  1.00 51.47 ? 549 GLN A CA  1 
ATOM   1180 C C   . GLN A 1 161 ? -18.594 -14.758 -8.191  1.00 50.33 ? 549 GLN A C   1 
ATOM   1181 O O   . GLN A 1 161 ? -19.787 -15.011 -8.372  1.00 52.09 ? 549 GLN A O   1 
ATOM   1182 C CB  . GLN A 1 161 ? -18.245 -12.288 -8.223  1.00 53.87 ? 549 GLN A CB  1 
ATOM   1183 C CG  . GLN A 1 161 ? -18.581 -11.010 -7.467  1.00 56.44 ? 549 GLN A CG  1 
ATOM   1184 C CD  . GLN A 1 161 ? -17.992 -9.797  -8.139  1.00 54.37 ? 549 GLN A CD  1 
ATOM   1185 O OE1 . GLN A 1 161 ? -17.939 -9.708  -9.359  1.00 60.96 ? 549 GLN A OE1 1 
ATOM   1186 N NE2 . GLN A 1 161 ? -17.543 -8.844  -7.344  1.00 52.60 ? 549 GLN A NE2 1 
ATOM   1187 N N   . VAL A 1 162 ? -17.586 -15.444 -8.720  1.00 51.97 ? 550 VAL A N   1 
ATOM   1188 C CA  . VAL A 1 162 ? -17.710 -16.715 -9.487  1.00 57.01 ? 550 VAL A CA  1 
ATOM   1189 C C   . VAL A 1 162 ? -18.143 -17.843 -8.532  1.00 63.70 ? 550 VAL A C   1 
ATOM   1190 O O   . VAL A 1 162 ? -18.957 -18.679 -8.968  1.00 73.64 ? 550 VAL A O   1 
ATOM   1191 C CB  . VAL A 1 162 ? -16.394 -17.047 -10.223 1.00 57.87 ? 550 VAL A CB  1 
ATOM   1192 C CG1 . VAL A 1 162 ? -16.266 -18.522 -10.578 1.00 55.90 ? 550 VAL A CG1 1 
ATOM   1193 N N   . GLU A 1 163 ? -17.640 -17.881 -7.294  1.00 64.30 ? 551 GLU A N   1 
ATOM   1194 C CA  . GLU A 1 163 ? -17.991 -18.940 -6.300  1.00 64.87 ? 551 GLU A CA  1 
ATOM   1195 C C   . GLU A 1 163 ? -19.407 -18.703 -5.763  1.00 59.62 ? 551 GLU A C   1 
ATOM   1196 O O   . GLU A 1 163 ? -20.185 -19.668 -5.754  1.00 64.56 ? 551 GLU A O   1 
ATOM   1197 C CB  . GLU A 1 163 ? -16.995 -19.011 -5.139  1.00 70.02 ? 551 GLU A CB  1 
ATOM   1198 C CG  . GLU A 1 163 ? -15.558 -19.216 -5.589  1.00 75.11 ? 551 GLU A CG  1 
ATOM   1199 C CD  . GLU A 1 163 ? -14.561 -19.439 -4.465  1.00 76.43 ? 551 GLU A CD  1 
ATOM   1200 O OE1 . GLU A 1 163 ? -14.534 -20.564 -3.940  1.00 80.58 ? 551 GLU A OE1 1 
ATOM   1201 O OE2 . GLU A 1 163 ? -13.814 -18.488 -4.118  1.00 72.38 ? 551 GLU A OE2 1 
ATOM   1202 N N   . GLU A 1 164 ? -19.745 -17.479 -5.343  1.00 53.92 ? 552 GLU A N   1 
ATOM   1203 C CA  . GLU A 1 164 ? -21.117 -17.138 -4.855  1.00 51.86 ? 552 GLU A CA  1 
ATOM   1204 C C   . GLU A 1 164 ? -22.145 -17.448 -5.960  1.00 48.97 ? 552 GLU A C   1 
ATOM   1205 O O   . GLU A 1 164 ? -23.302 -17.743 -5.632  1.00 47.22 ? 552 GLU A O   1 
ATOM   1206 C CB  . GLU A 1 164 ? -21.217 -15.681 -4.392  1.00 44.74 ? 552 GLU A CB  1 
ATOM   1207 N N   . ALA A 1 165 ? -21.754 -17.391 -7.231  1.00 50.25 ? 553 ALA A N   1 
ATOM   1208 C CA  . ALA A 1 165 ? -22.669 -17.652 -8.370  1.00 58.24 ? 553 ALA A CA  1 
ATOM   1209 C C   . ALA A 1 165 ? -22.963 -19.154 -8.475  1.00 61.24 ? 553 ALA A C   1 
ATOM   1210 O O   . ALA A 1 165 ? -24.146 -19.501 -8.595  1.00 67.59 ? 553 ALA A O   1 
ATOM   1211 C CB  . ALA A 1 165 ? -22.090 -17.117 -9.658  1.00 58.99 ? 553 ALA A CB  1 
ATOM   1212 N N   . GLY A 1 166 ? -21.925 -19.998 -8.435  1.00 64.33 ? 554 GLY A N   1 
ATOM   1213 C CA  . GLY A 1 166 ? -22.023 -21.458 -8.640  1.00 62.98 ? 554 GLY A CA  1 
ATOM   1214 C C   . GLY A 1 166 ? -22.822 -21.777 -9.890  1.00 65.16 ? 554 GLY A C   1 
ATOM   1215 O O   . GLY A 1 166 ? -22.688 -21.026 -10.887 1.00 64.79 ? 554 GLY A O   1 
ATOM   1216 N N   . ASP A 1 167 ? -23.670 -22.810 -9.818  1.00 64.10 ? 555 ASP A N   1 
ATOM   1217 C CA  . ASP A 1 167 ? -24.560 -23.275 -10.918 1.00 61.95 ? 555 ASP A CA  1 
ATOM   1218 C C   . ASP A 1 167 ? -25.157 -22.091 -11.706 1.00 60.84 ? 555 ASP A C   1 
ATOM   1219 O O   . ASP A 1 167 ? -25.450 -22.303 -12.902 1.00 61.38 ? 555 ASP A O   1 
ATOM   1220 C CB  . ASP A 1 167 ? -25.671 -24.189 -10.377 1.00 60.85 ? 555 ASP A CB  1 
ATOM   1221 N N   . LYS A 1 168 ? -25.364 -20.910 -11.092 1.00 58.75 ? 556 LYS A N   1 
ATOM   1222 C CA  . LYS A 1 168 ? -26.140 -19.779 -11.694 1.00 61.00 ? 556 LYS A CA  1 
ATOM   1223 C C   . LYS A 1 168 ? -25.435 -19.265 -12.960 1.00 66.10 ? 556 LYS A C   1 
ATOM   1224 O O   . LYS A 1 168 ? -26.103 -18.599 -13.798 1.00 62.40 ? 556 LYS A O   1 
ATOM   1225 C CB  . LYS A 1 168 ? -26.329 -18.607 -10.716 1.00 62.56 ? 556 LYS A CB  1 
ATOM   1226 C CG  . LYS A 1 168 ? -27.160 -18.896 -9.465  1.00 65.81 ? 556 LYS A CG  1 
ATOM   1227 C CD  . LYS A 1 168 ? -27.975 -17.722 -8.924  1.00 60.27 ? 556 LYS A CD  1 
ATOM   1228 N N   . LEU A 1 169 ? -24.131 -19.540 -13.098 1.00 62.43 ? 557 LEU A N   1 
ATOM   1229 C CA  . LEU A 1 169 ? -23.290 -19.022 -14.207 1.00 58.18 ? 557 LEU A CA  1 
ATOM   1230 C C   . LEU A 1 169 ? -23.243 -20.045 -15.340 1.00 55.52 ? 557 LEU A C   1 
ATOM   1231 O O   . LEU A 1 169 ? -22.805 -21.174 -15.134 1.00 54.25 ? 557 LEU A O   1 
ATOM   1232 C CB  . LEU A 1 169 ? -21.890 -18.730 -13.654 1.00 58.85 ? 557 LEU A CB  1 
ATOM   1233 C CG  . LEU A 1 169 ? -20.918 -18.043 -14.617 1.00 55.63 ? 557 LEU A CG  1 
ATOM   1234 C CD1 . LEU A 1 169 ? -21.338 -16.606 -14.885 1.00 53.92 ? 557 LEU A CD1 1 
ATOM   1235 C CD2 . LEU A 1 169 ? -19.493 -18.099 -14.081 1.00 55.38 ? 557 LEU A CD2 1 
ATOM   1236 N N   . PRO A 1 170 ? -23.681 -19.685 -16.568 1.00 56.72 ? 558 PRO A N   1 
ATOM   1237 C CA  . PRO A 1 170 ? -23.498 -20.553 -17.733 1.00 58.75 ? 558 PRO A CA  1 
ATOM   1238 C C   . PRO A 1 170 ? -22.062 -21.085 -17.894 1.00 64.12 ? 558 PRO A C   1 
ATOM   1239 O O   . PRO A 1 170 ? -21.132 -20.288 -17.883 1.00 66.57 ? 558 PRO A O   1 
ATOM   1240 C CB  . PRO A 1 170 ? -23.857 -19.622 -18.894 1.00 55.96 ? 558 PRO A CB  1 
ATOM   1241 C CG  . PRO A 1 170 ? -24.897 -18.695 -18.304 1.00 55.96 ? 558 PRO A CG  1 
ATOM   1242 C CD  . PRO A 1 170 ? -24.424 -18.455 -16.889 1.00 55.95 ? 558 PRO A CD  1 
ATOM   1243 N N   . ALA A 1 171 ? -21.910 -22.408 -18.037 1.00 66.17 ? 559 ALA A N   1 
ATOM   1244 C CA  . ALA A 1 171 ? -20.617 -23.099 -18.272 1.00 63.71 ? 559 ALA A CA  1 
ATOM   1245 C C   . ALA A 1 171 ? -19.745 -22.245 -19.204 1.00 57.31 ? 559 ALA A C   1 
ATOM   1246 O O   . ALA A 1 171 ? -18.589 -21.985 -18.837 1.00 49.63 ? 559 ALA A O   1 
ATOM   1247 N N   . ASP A 1 172 ? -20.304 -21.829 -20.348 1.00 60.70 ? 560 ASP A N   1 
ATOM   1248 C CA  . ASP A 1 172 ? -19.651 -21.006 -21.407 1.00 70.66 ? 560 ASP A CA  1 
ATOM   1249 C C   . ASP A 1 172 ? -18.931 -19.824 -20.752 1.00 74.27 ? 560 ASP A C   1 
ATOM   1250 O O   . ASP A 1 172 ? -17.684 -19.702 -20.904 1.00 77.64 ? 560 ASP A O   1 
ATOM   1251 C CB  . ASP A 1 172 ? -20.654 -20.426 -22.423 1.00 76.54 ? 560 ASP A CB  1 
ATOM   1252 C CG  . ASP A 1 172 ? -21.320 -21.414 -23.378 1.00 76.21 ? 560 ASP A CG  1 
ATOM   1253 O OD1 . ASP A 1 172 ? -20.654 -21.826 -24.351 1.00 66.72 ? 560 ASP A OD1 1 
ATOM   1254 O OD2 . ASP A 1 172 ? -22.514 -21.740 -23.157 1.00 73.69 ? 560 ASP A OD2 1 
ATOM   1255 N N   . ASP A 1 173 ? -19.707 -18.990 -20.050 1.00 65.88 ? 561 ASP A N   1 
ATOM   1256 C CA  . ASP A 1 173 ? -19.243 -17.737 -19.409 1.00 55.96 ? 561 ASP A CA  1 
ATOM   1257 C C   . ASP A 1 173 ? -18.129 -18.074 -18.401 1.00 52.59 ? 561 ASP A C   1 
ATOM   1258 O O   . ASP A 1 173 ? -17.126 -17.349 -18.394 1.00 54.45 ? 561 ASP A O   1 
ATOM   1259 C CB  . ASP A 1 173 ? -20.433 -16.984 -18.816 1.00 53.15 ? 561 ASP A CB  1 
ATOM   1260 C CG  . ASP A 1 173 ? -21.465 -16.535 -19.844 1.00 55.37 ? 561 ASP A CG  1 
ATOM   1261 O OD1 . ASP A 1 173 ? -22.128 -17.413 -20.453 1.00 61.83 ? 561 ASP A OD1 1 
ATOM   1262 O OD2 . ASP A 1 173 ? -21.615 -15.307 -20.029 1.00 52.04 ? 561 ASP A OD2 1 
ATOM   1263 N N   . LYS A 1 174 ? -18.264 -19.145 -17.613 1.00 48.06 ? 562 LYS A N   1 
ATOM   1264 C CA  . LYS A 1 174 ? -17.229 -19.560 -16.620 1.00 55.97 ? 562 LYS A CA  1 
ATOM   1265 C C   . LYS A 1 174 ? -15.925 -19.894 -17.366 1.00 61.37 ? 562 LYS A C   1 
ATOM   1266 O O   . LYS A 1 174 ? -14.850 -19.372 -16.979 1.00 68.51 ? 562 LYS A O   1 
ATOM   1267 C CB  . LYS A 1 174 ? -17.712 -20.734 -15.756 1.00 54.68 ? 562 LYS A CB  1 
ATOM   1268 C CG  . LYS A 1 174 ? -16.825 -21.103 -14.568 1.00 53.78 ? 562 LYS A CG  1 
ATOM   1269 C CD  . LYS A 1 174 ? -17.345 -22.277 -13.724 1.00 55.09 ? 562 LYS A CD  1 
ATOM   1270 C CE  . LYS A 1 174 ? -16.302 -23.329 -13.369 1.00 56.67 ? 562 LYS A CE  1 
ATOM   1271 N NZ  . LYS A 1 174 ? -15.981 -23.375 -11.917 1.00 53.10 ? 562 LYS A NZ  1 
ATOM   1272 N N   . THR A 1 175 ? -16.003 -20.715 -18.410 1.00 62.63 ? 563 THR A N   1 
ATOM   1273 C CA  . THR A 1 175 ? -14.834 -21.095 -19.248 1.00 61.38 ? 563 THR A CA  1 
ATOM   1274 C C   . THR A 1 175 ? -14.089 -19.833 -19.698 1.00 59.36 ? 563 THR A C   1 
ATOM   1275 O O   . THR A 1 175 ? -12.856 -19.822 -19.586 1.00 60.82 ? 563 THR A O   1 
ATOM   1276 C CB  . THR A 1 175 ? -15.262 -21.924 -20.460 1.00 59.67 ? 563 THR A CB  1 
ATOM   1277 O OG1 . THR A 1 175 ? -15.705 -23.191 -19.967 1.00 55.54 ? 563 THR A OG1 1 
ATOM   1278 C CG2 . THR A 1 175 ? -14.147 -22.072 -21.472 1.00 57.13 ? 563 THR A CG2 1 
ATOM   1279 N N   . ALA A 1 176 ? -14.820 -18.819 -20.178 1.00 58.05 ? 564 ALA A N   1 
ATOM   1280 C CA  . ALA A 1 176 ? -14.280 -17.580 -20.799 1.00 60.52 ? 564 ALA A CA  1 
ATOM   1281 C C   . ALA A 1 176 ? -13.698 -16.637 -19.740 1.00 58.27 ? 564 ALA A C   1 
ATOM   1282 O O   . ALA A 1 176 ? -12.680 -15.967 -20.015 1.00 49.64 ? 564 ALA A O   1 
ATOM   1283 C CB  . ALA A 1 176 ? -15.369 -16.893 -21.584 1.00 62.33 ? 564 ALA A CB  1 
ATOM   1284 N N   . ILE A 1 177 ? -14.377 -16.560 -18.598 1.00 59.75 ? 565 ILE A N   1 
ATOM   1285 C CA  . ILE A 1 177 ? -14.002 -15.734 -17.418 1.00 56.66 ? 565 ILE A CA  1 
ATOM   1286 C C   . ILE A 1 177 ? -12.733 -16.327 -16.799 1.00 60.28 ? 565 ILE A C   1 
ATOM   1287 O O   . ILE A 1 177 ? -11.809 -15.543 -16.516 1.00 61.38 ? 565 ILE A O   1 
ATOM   1288 C CB  . ILE A 1 177 ? -15.187 -15.672 -16.435 1.00 52.98 ? 565 ILE A CB  1 
ATOM   1289 C CG1 . ILE A 1 177 ? -16.247 -14.692 -16.935 1.00 54.16 ? 565 ILE A CG1 1 
ATOM   1290 C CG2 . ILE A 1 177 ? -14.745 -15.349 -15.018 1.00 49.20 ? 565 ILE A CG2 1 
ATOM   1291 C CD1 . ILE A 1 177 ? -17.587 -14.856 -16.256 1.00 55.13 ? 565 ILE A CD1 1 
ATOM   1292 N N   . GLU A 1 178 ? -12.683 -17.648 -16.601 1.00 58.40 ? 566 GLU A N   1 
ATOM   1293 C CA  . GLU A 1 178 ? -11.552 -18.310 -15.905 1.00 56.15 ? 566 GLU A CA  1 
ATOM   1294 C C   . GLU A 1 178 ? -10.284 -18.137 -16.755 1.00 59.48 ? 566 GLU A C   1 
ATOM   1295 O O   . GLU A 1 178 ? -9.210  -17.928 -16.171 1.00 61.18 ? 566 GLU A O   1 
ATOM   1296 C CB  . GLU A 1 178 ? -11.921 -19.759 -15.587 1.00 61.38 ? 566 GLU A CB  1 
ATOM   1297 C CG  . GLU A 1 178 ? -13.073 -19.852 -14.597 1.00 65.59 ? 566 GLU A CG  1 
ATOM   1298 C CD  . GLU A 1 178 ? -13.105 -21.040 -13.644 1.00 67.56 ? 566 GLU A CD  1 
ATOM   1299 O OE1 . GLU A 1 178 ? -13.228 -22.189 -14.133 1.00 73.43 ? 566 GLU A OE1 1 
ATOM   1300 O OE2 . GLU A 1 178 ? -13.037 -20.811 -12.407 1.00 62.40 ? 566 GLU A OE2 1 
ATOM   1301 N N   . SER A 1 179 ? -10.411 -18.139 -18.086 1.00 56.01 ? 567 SER A N   1 
ATOM   1302 C CA  . SER A 1 179 ? -9.275  -17.989 -19.036 1.00 61.17 ? 567 SER A CA  1 
ATOM   1303 C C   . SER A 1 179 ? -8.618  -16.610 -18.880 1.00 61.01 ? 567 SER A C   1 
ATOM   1304 O O   . SER A 1 179 ? -7.365  -16.543 -18.878 1.00 68.21 ? 567 SER A O   1 
ATOM   1305 C CB  . SER A 1 179 ? -9.736  -18.190 -20.449 1.00 62.10 ? 567 SER A CB  1 
ATOM   1306 O OG  . SER A 1 179 ? -10.987 -18.850 -20.450 1.00 64.30 ? 567 SER A OG  1 
ATOM   1307 N N   . ALA A 1 180 ? -9.451  -15.568 -18.826 1.00 51.96 ? 568 ALA A N   1 
ATOM   1308 C CA  . ALA A 1 180 ? -9.099  -14.142 -18.668 1.00 48.46 ? 568 ALA A CA  1 
ATOM   1309 C C   . ALA A 1 180 ? -8.454  -13.885 -17.297 1.00 51.35 ? 568 ALA A C   1 
ATOM   1310 O O   . ALA A 1 180 ? -7.445  -13.131 -17.238 1.00 52.23 ? 568 ALA A O   1 
ATOM   1311 C CB  . ALA A 1 180 ? -10.351 -13.331 -18.841 1.00 49.82 ? 568 ALA A CB  1 
ATOM   1312 N N   . LEU A 1 181 ? -9.009  -14.479 -16.231 1.00 49.51 ? 569 LEU A N   1 
ATOM   1313 C CA  . LEU A 1 181 ? -8.435  -14.409 -14.859 1.00 50.17 ? 569 LEU A CA  1 
ATOM   1314 C C   . LEU A 1 181 ? -7.036  -15.046 -14.836 1.00 47.91 ? 569 LEU A C   1 
ATOM   1315 O O   . LEU A 1 181 ? -6.131  -14.465 -14.208 1.00 47.26 ? 569 LEU A O   1 
ATOM   1316 C CB  . LEU A 1 181 ? -9.364  -15.112 -13.871 1.00 47.81 ? 569 LEU A CB  1 
ATOM   1317 C CG  . LEU A 1 181 ? -10.725 -14.456 -13.664 1.00 46.03 ? 569 LEU A CG  1 
ATOM   1318 C CD1 . LEU A 1 181 ? -11.561 -15.290 -12.699 1.00 43.77 ? 569 LEU A CD1 1 
ATOM   1319 C CD2 . LEU A 1 181 ? -10.592 -13.028 -13.157 1.00 44.60 ? 569 LEU A CD2 1 
ATOM   1320 N N   . THR A 1 182 ? -6.861  -16.192 -15.483 1.00 46.59 ? 570 THR A N   1 
ATOM   1321 C CA  . THR A 1 182 ? -5.557  -16.909 -15.551 1.00 56.61 ? 570 THR A CA  1 
ATOM   1322 C C   . THR A 1 182 ? -4.505  -16.035 -16.253 1.00 52.75 ? 570 THR A C   1 
ATOM   1323 O O   . THR A 1 182 ? -3.319  -16.065 -15.829 1.00 45.23 ? 570 THR A O   1 
ATOM   1324 C CB  . THR A 1 182 ? -5.719  -18.268 -16.245 1.00 59.32 ? 570 THR A CB  1 
ATOM   1325 O OG1 . THR A 1 182 ? -6.650  -19.006 -15.455 1.00 54.63 ? 570 THR A OG1 1 
ATOM   1326 C CG2 . THR A 1 182 ? -4.412  -19.022 -16.372 1.00 61.09 ? 570 THR A CG2 1 
ATOM   1327 N N   . ALA A 1 183 ? -4.933  -15.300 -17.284 1.00 48.65 ? 571 ALA A N   1 
ATOM   1328 C CA  . ALA A 1 183 ? -4.077  -14.455 -18.149 1.00 50.42 ? 571 ALA A CA  1 
ATOM   1329 C C   . ALA A 1 183 ? -3.784  -13.127 -17.449 1.00 47.34 ? 571 ALA A C   1 
ATOM   1330 O O   . ALA A 1 183 ? -2.684  -12.586 -17.651 1.00 44.69 ? 571 ALA A O   1 
ATOM   1331 C CB  . ALA A 1 183 ? -4.743  -14.232 -19.488 1.00 50.74 ? 571 ALA A CB  1 
ATOM   1332 N N   . LEU A 1 184 ? -4.754  -12.609 -16.691 1.00 46.88 ? 572 LEU A N   1 
ATOM   1333 C CA  . LEU A 1 184 ? -4.588  -11.384 -15.874 1.00 46.28 ? 572 LEU A CA  1 
ATOM   1334 C C   . LEU A 1 184 ? -3.569  -11.667 -14.753 1.00 45.43 ? 572 LEU A C   1 
ATOM   1335 O O   . LEU A 1 184 ? -2.545  -10.969 -14.724 1.00 44.10 ? 572 LEU A O   1 
ATOM   1336 C CB  . LEU A 1 184 ? -5.958  -10.964 -15.332 1.00 48.11 ? 572 LEU A CB  1 
ATOM   1337 C CG  . LEU A 1 184 ? -5.949  -9.734  -14.417 1.00 51.70 ? 572 LEU A CG  1 
ATOM   1338 C CD1 . LEU A 1 184 ? -5.344  -8.532  -15.115 1.00 48.49 ? 572 LEU A CD1 1 
ATOM   1339 C CD2 . LEU A 1 184 ? -7.356  -9.404  -13.929 1.00 57.97 ? 572 LEU A CD2 1 
ATOM   1340 N N   . GLU A 1 185 ? -3.841  -12.667 -13.898 1.00 50.00 ? 573 GLU A N   1 
ATOM   1341 C CA  . GLU A 1 185 ? -2.961  -13.205 -12.816 1.00 48.40 ? 573 GLU A CA  1 
ATOM   1342 C C   . GLU A 1 185 ? -1.529  -13.412 -13.360 1.00 52.19 ? 573 GLU A C   1 
ATOM   1343 O O   . GLU A 1 185 ? -0.539  -13.058 -12.636 1.00 51.63 ? 573 GLU A O   1 
ATOM   1344 C CB  . GLU A 1 185 ? -3.578  -14.491 -12.259 1.00 49.67 ? 573 GLU A CB  1 
ATOM   1345 C CG  . GLU A 1 185 ? -2.915  -15.022 -10.992 1.00 54.47 ? 573 GLU A CG  1 
ATOM   1346 C CD  . GLU A 1 185 ? -3.263  -16.460 -10.595 1.00 58.42 ? 573 GLU A CD  1 
ATOM   1347 O OE1 . GLU A 1 185 ? -4.245  -17.017 -11.135 1.00 50.67 ? 573 GLU A OE1 1 
ATOM   1348 O OE2 . GLU A 1 185 ? -2.543  -17.040 -9.734  1.00 64.97 ? 573 GLU A OE2 1 
ATOM   1349 N N   . THR A 1 186 ? -1.380  -13.905 -14.597 1.00 50.37 ? 574 THR A N   1 
ATOM   1350 C CA  . THR A 1 186 ? -0.054  -13.970 -15.277 1.00 52.32 ? 574 THR A CA  1 
ATOM   1351 C C   . THR A 1 186 ? 0.484   -12.557 -15.505 1.00 50.83 ? 574 THR A C   1 
ATOM   1352 O O   . THR A 1 186 ? 1.611   -12.286 -15.079 1.00 57.24 ? 574 THR A O   1 
ATOM   1353 C CB  . THR A 1 186 ? -0.102  -14.674 -16.633 1.00 55.15 ? 574 THR A CB  1 
ATOM   1354 O OG1 . THR A 1 186 ? -0.652  -15.981 -16.474 1.00 58.08 ? 574 THR A OG1 1 
ATOM   1355 C CG2 . THR A 1 186 ? 1.272   -14.778 -17.249 1.00 56.28 ? 574 THR A CG2 1 
ATOM   1356 N N   . ALA A 1 187 ? -0.304  -11.696 -16.151 1.00 47.47 ? 575 ALA A N   1 
ATOM   1357 C CA  . ALA A 1 187 ? 0.096   -10.332 -16.547 1.00 42.89 ? 575 ALA A CA  1 
ATOM   1358 C C   . ALA A 1 187 ? 0.522   -9.565  -15.308 1.00 45.37 ? 575 ALA A C   1 
ATOM   1359 O O   . ALA A 1 187 ? 1.485   -8.803  -15.394 1.00 47.95 ? 575 ALA A O   1 
ATOM   1360 C CB  . ALA A 1 187 ? -1.032  -9.634  -17.256 1.00 43.29 ? 575 ALA A CB  1 
ATOM   1361 N N   . LEU A 1 188 ? -0.207  -9.747  -14.207 1.00 57.52 ? 576 LEU A N   1 
ATOM   1362 C CA  . LEU A 1 188 ? 0.053   -9.056  -12.913 1.00 58.96 ? 576 LEU A CA  1 
ATOM   1363 C C   . LEU A 1 188 ? 1.473   -9.385  -12.450 1.00 56.54 ? 576 LEU A C   1 
ATOM   1364 O O   . LEU A 1 188 ? 2.077   -8.488  -11.826 1.00 56.36 ? 576 LEU A O   1 
ATOM   1365 C CB  . LEU A 1 188 ? -0.985  -9.471  -11.860 1.00 56.41 ? 576 LEU A CB  1 
ATOM   1366 C CG  . LEU A 1 188 ? -2.384  -8.892  -12.058 1.00 63.26 ? 576 LEU A CG  1 
ATOM   1367 C CD1 . LEU A 1 188 ? -3.347  -9.445  -11.026 1.00 63.33 ? 576 LEU A CD1 1 
ATOM   1368 C CD2 . LEU A 1 188 ? -2.373  -7.370  -12.002 1.00 69.83 ? 576 LEU A CD2 1 
ATOM   1369 N N   . LYS A 1 189 ? 1.952   -10.613 -12.729 1.00 57.50 ? 577 LYS A N   1 
ATOM   1370 C CA  . LYS A 1 189 ? 3.335   -11.085 -12.415 1.00 59.40 ? 577 LYS A CA  1 
ATOM   1371 C C   . LYS A 1 189 ? 4.345   -10.089 -13.010 1.00 64.72 ? 577 LYS A C   1 
ATOM   1372 O O   . LYS A 1 189 ? 5.293   -9.710  -12.287 1.00 62.42 ? 577 LYS A O   1 
ATOM   1373 C CB  . LYS A 1 189 ? 3.599   -12.502 -12.942 1.00 56.41 ? 577 LYS A CB  1 
ATOM   1374 C CG  . LYS A 1 189 ? 2.877   -13.633 -12.221 1.00 55.18 ? 577 LYS A CG  1 
ATOM   1375 N N   . GLY A 1 190 ? 4.103   -9.646  -14.254 1.00 64.16 ? 578 GLY A N   1 
ATOM   1376 C CA  . GLY A 1 190 ? 5.002   -8.791  -15.055 1.00 59.99 ? 578 GLY A CA  1 
ATOM   1377 C C   . GLY A 1 190 ? 4.889   -7.295  -14.763 1.00 57.61 ? 578 GLY A C   1 
ATOM   1378 O O   . GLY A 1 190 ? 4.273   -6.895  -13.752 1.00 51.28 ? 578 GLY A O   1 
ATOM   1379 N N   . GLU A 1 191 ? 5.506   -6.497  -15.639 1.00 59.89 ? 579 GLU A N   1 
ATOM   1380 C CA  . GLU A 1 191 ? 5.854   -5.066  -15.430 1.00 63.87 ? 579 GLU A CA  1 
ATOM   1381 C C   . GLU A 1 191 ? 5.158   -4.204  -16.490 1.00 61.21 ? 579 GLU A C   1 
ATOM   1382 O O   . GLU A 1 191 ? 5.412   -2.982  -16.498 1.00 54.35 ? 579 GLU A O   1 
ATOM   1383 C CB  . GLU A 1 191 ? 7.372   -4.869  -15.544 1.00 71.12 ? 579 GLU A CB  1 
ATOM   1384 C CG  . GLU A 1 191 ? 8.205   -5.753  -14.624 1.00 72.67 ? 579 GLU A CG  1 
ATOM   1385 C CD  . GLU A 1 191 ? 8.410   -5.189  -13.232 1.00 77.81 ? 579 GLU A CD  1 
ATOM   1386 O OE1 . GLU A 1 191 ? 7.408   -4.720  -12.644 1.00 74.70 ? 579 GLU A OE1 1 
ATOM   1387 O OE2 . GLU A 1 191 ? 9.574   -5.203  -12.749 1.00 86.90 ? 579 GLU A OE2 1 
ATOM   1388 N N   . ASP A 1 192 ? 4.318   -4.824  -17.335 1.00 62.02 ? 580 ASP A N   1 
ATOM   1389 C CA  . ASP A 1 192 ? 3.740   -4.242  -18.576 1.00 55.50 ? 580 ASP A CA  1 
ATOM   1390 C C   . ASP A 1 192 ? 2.312   -3.787  -18.268 1.00 53.62 ? 580 ASP A C   1 
ATOM   1391 O O   . ASP A 1 192 ? 1.390   -4.623  -18.363 1.00 54.32 ? 580 ASP A O   1 
ATOM   1392 C CB  . ASP A 1 192 ? 3.812   -5.239  -19.738 1.00 52.98 ? 580 ASP A CB  1 
ATOM   1393 C CG  . ASP A 1 192 ? 3.340   -4.664  -21.064 1.00 58.94 ? 580 ASP A CG  1 
ATOM   1394 O OD1 . ASP A 1 192 ? 2.581   -3.674  -21.043 1.00 60.62 ? 580 ASP A OD1 1 
ATOM   1395 O OD2 . ASP A 1 192 ? 3.738   -5.202  -22.112 1.00 62.52 ? 580 ASP A OD2 1 
ATOM   1396 N N   . LYS A 1 193 ? 2.155   -2.506  -17.928 1.00 50.64 ? 581 LYS A N   1 
ATOM   1397 C CA  . LYS A 1 193 ? 0.860   -1.860  -17.584 1.00 54.50 ? 581 LYS A CA  1 
ATOM   1398 C C   . LYS A 1 193 ? -0.182  -2.130  -18.686 1.00 56.26 ? 581 LYS A C   1 
ATOM   1399 O O   . LYS A 1 193 ? -1.338  -2.540  -18.368 1.00 44.41 ? 581 LYS A O   1 
ATOM   1400 C CB  . LYS A 1 193 ? 1.078   -0.356  -17.374 1.00 54.94 ? 581 LYS A CB  1 
ATOM   1401 C CG  . LYS A 1 193 ? -0.154  0.505   -17.613 1.00 59.23 ? 581 LYS A CG  1 
ATOM   1402 C CD  . LYS A 1 193 ? -0.018  1.930   -17.165 1.00 64.00 ? 581 LYS A CD  1 
ATOM   1403 C CE  . LYS A 1 193 ? -0.921  2.861   -17.948 1.00 66.78 ? 581 LYS A CE  1 
ATOM   1404 N NZ  . LYS A 1 193 ? -1.110  4.149   -17.237 1.00 69.77 ? 581 LYS A NZ  1 
ATOM   1405 N N   . ALA A 1 194 ? 0.212   -1.881  -19.937 1.00 56.58 ? 582 ALA A N   1 
ATOM   1406 C CA  . ALA A 1 194 ? -0.644  -1.986  -21.136 1.00 55.34 ? 582 ALA A CA  1 
ATOM   1407 C C   . ALA A 1 194 ? -1.303  -3.362  -21.159 1.00 51.89 ? 582 ALA A C   1 
ATOM   1408 O O   . ALA A 1 194 ? -2.516  -3.444  -21.456 1.00 51.68 ? 582 ALA A O   1 
ATOM   1409 C CB  . ALA A 1 194 ? 0.185   -1.762  -22.380 1.00 57.12 ? 582 ALA A CB  1 
ATOM   1410 N N   . ALA A 1 195 ? -0.500  -4.392  -20.885 1.00 51.52 ? 583 ALA A N   1 
ATOM   1411 C CA  . ALA A 1 195 ? -0.869  -5.822  -21.014 1.00 50.22 ? 583 ALA A CA  1 
ATOM   1412 C C   . ALA A 1 195 ? -1.850  -6.168  -19.891 1.00 47.30 ? 583 ALA A C   1 
ATOM   1413 O O   . ALA A 1 195 ? -2.745  -6.995  -20.132 1.00 52.01 ? 583 ALA A O   1 
ATOM   1414 C CB  . ALA A 1 195 ? 0.373   -6.696  -20.994 1.00 44.68 ? 583 ALA A CB  1 
ATOM   1415 N N   . ILE A 1 196 ? -1.682  -5.552  -18.720 1.00 42.22 ? 584 ILE A N   1 
ATOM   1416 C CA  . ILE A 1 196 ? -2.576  -5.756  -17.541 1.00 42.62 ? 584 ILE A CA  1 
ATOM   1417 C C   . ILE A 1 196 ? -3.932  -5.147  -17.889 1.00 42.21 ? 584 ILE A C   1 
ATOM   1418 O O   . ILE A 1 196 ? -4.954  -5.845  -17.716 1.00 44.97 ? 584 ILE A O   1 
ATOM   1419 C CB  . ILE A 1 196 ? -1.964  -5.161  -16.255 1.00 41.99 ? 584 ILE A CB  1 
ATOM   1420 C CG1 . ILE A 1 196 ? -0.879  -6.077  -15.679 1.00 40.96 ? 584 ILE A CG1 1 
ATOM   1421 C CG2 . ILE A 1 196 ? -3.039  -4.847  -15.231 1.00 40.26 ? 584 ILE A CG2 1 
ATOM   1422 C CD1 . ILE A 1 196 ? 0.076   -5.374  -14.759 1.00 40.43 ? 584 ILE A CD1 1 
ATOM   1423 N N   . GLU A 1 197 ? -3.924  -3.916  -18.404 1.00 42.42 ? 585 GLU A N   1 
ATOM   1424 C CA  . GLU A 1 197 ? -5.136  -3.217  -18.887 1.00 42.37 ? 585 GLU A CA  1 
ATOM   1425 C C   . GLU A 1 197 ? -5.820  -4.035  -19.986 1.00 41.72 ? 585 GLU A C   1 
ATOM   1426 O O   . GLU A 1 197 ? -7.049  -3.949  -20.079 1.00 44.43 ? 585 GLU A O   1 
ATOM   1427 C CB  . GLU A 1 197 ? -4.771  -1.847  -19.411 1.00 40.54 ? 585 GLU A CB  1 
ATOM   1428 C CG  . GLU A 1 197 ? -4.495  -0.876  -18.300 1.00 47.35 ? 585 GLU A CG  1 
ATOM   1429 C CD  . GLU A 1 197 ? -4.043  0.474   -18.819 1.00 53.76 ? 585 GLU A CD  1 
ATOM   1430 O OE1 . GLU A 1 197 ? -3.552  0.509   -19.974 1.00 53.31 ? 585 GLU A OE1 1 
ATOM   1431 O OE2 . GLU A 1 197 ? -4.187  1.481   -18.084 1.00 60.25 ? 585 GLU A OE2 1 
ATOM   1432 N N   . ALA A 1 198 ? -5.058  -4.784  -20.782 1.00 39.98 ? 586 ALA A N   1 
ATOM   1433 C CA  . ALA A 1 198 ? -5.584  -5.616  -21.893 1.00 42.50 ? 586 ALA A CA  1 
ATOM   1434 C C   . ALA A 1 198 ? -6.355  -6.804  -21.313 1.00 41.45 ? 586 ALA A C   1 
ATOM   1435 O O   . ALA A 1 198 ? -7.445  -7.123  -21.836 1.00 44.38 ? 586 ALA A O   1 
ATOM   1436 C CB  . ALA A 1 198 ? -4.479  -6.077  -22.817 1.00 41.40 ? 586 ALA A CB  1 
ATOM   1437 N N   . LYS A 1 199 ? -5.793  -7.451  -20.298 1.00 43.32 ? 587 LYS A N   1 
ATOM   1438 C CA  . LYS A 1 199 ? -6.443  -8.590  -19.602 1.00 48.26 ? 587 LYS A CA  1 
ATOM   1439 C C   . LYS A 1 199 ? -7.621  -8.061  -18.779 1.00 46.27 ? 587 LYS A C   1 
ATOM   1440 O O   . LYS A 1 199 ? -8.595  -8.819  -18.597 1.00 47.32 ? 587 LYS A O   1 
ATOM   1441 C CB  . LYS A 1 199 ? -5.415  -9.365  -18.774 1.00 47.78 ? 587 LYS A CB  1 
ATOM   1442 C CG  . LYS A 1 199 ? -4.267  -9.938  -19.587 1.00 48.68 ? 587 LYS A CG  1 
ATOM   1443 C CD  . LYS A 1 199 ? -4.685  -10.461 -20.944 1.00 49.34 ? 587 LYS A CD  1 
ATOM   1444 C CE  . LYS A 1 199 ? -3.548  -11.110 -21.702 1.00 49.75 ? 587 LYS A CE  1 
ATOM   1445 N NZ  . LYS A 1 199 ? -3.849  -11.165 -23.149 1.00 51.49 ? 587 LYS A NZ  1 
ATOM   1446 N N   . MET A 1 200 ? -7.567  -6.798  -18.358 1.00 41.77 ? 588 MET A N   1 
ATOM   1447 C CA  . MET A 1 200 ? -8.676  -6.173  -17.598 1.00 42.99 ? 588 MET A CA  1 
ATOM   1448 C C   . MET A 1 200 ? -9.823  -5.848  -18.567 1.00 44.62 ? 588 MET A C   1 
ATOM   1449 O O   . MET A 1 200 ? -10.989 -5.985  -18.175 1.00 51.33 ? 588 MET A O   1 
ATOM   1450 C CB  . MET A 1 200 ? -8.187  -4.928  -16.853 1.00 42.35 ? 588 MET A CB  1 
ATOM   1451 C CG  . MET A 1 200 ? -7.362  -5.277  -15.618 1.00 42.51 ? 588 MET A CG  1 
ATOM   1452 S SD  . MET A 1 200 ? -6.762  -3.864  -14.658 1.00 43.31 ? 588 MET A SD  1 
ATOM   1453 C CE  . MET A 1 200 ? -8.312  -3.160  -14.080 1.00 41.66 ? 588 MET A CE  1 
ATOM   1454 N N   . GLN A 1 201 ? -9.504  -5.471  -19.803 1.00 48.12 ? 589 GLN A N   1 
ATOM   1455 C CA  . GLN A 1 201 ? -10.484 -5.292  -20.914 1.00 49.52 ? 589 GLN A CA  1 
ATOM   1456 C C   . GLN A 1 201 ? -11.142 -6.651  -21.185 1.00 47.53 ? 589 GLN A C   1 
ATOM   1457 O O   . GLN A 1 201 ? -12.362 -6.761  -21.096 1.00 49.12 ? 589 GLN A O   1 
ATOM   1458 C CB  . GLN A 1 201 ? -9.775  -4.736  -22.158 1.00 50.17 ? 589 GLN A CB  1 
ATOM   1459 C CG  . GLN A 1 201 ? -10.572 -3.679  -22.916 1.00 55.71 ? 589 GLN A CG  1 
ATOM   1460 C CD  . GLN A 1 201 ? -9.825  -3.101  -24.102 1.00 59.55 ? 589 GLN A CD  1 
ATOM   1461 O OE1 . GLN A 1 201 ? -9.336  -1.975  -24.061 1.00 63.43 ? 589 GLN A OE1 1 
ATOM   1462 N NE2 . GLN A 1 201 ? -9.726  -3.863  -25.183 1.00 58.29 ? 589 GLN A NE2 1 
ATOM   1463 N N   . GLU A 1 202 ? -10.326 -7.668  -21.450 1.00 50.57 ? 590 GLU A N   1 
ATOM   1464 C CA  . GLU A 1 202 ? -10.781 -9.037  -21.778 1.00 56.22 ? 590 GLU A CA  1 
ATOM   1465 C C   . GLU A 1 202 ? -11.774 -9.510  -20.704 1.00 53.58 ? 590 GLU A C   1 
ATOM   1466 O O   . GLU A 1 202 ? -12.764 -10.137 -21.074 1.00 57.87 ? 590 GLU A O   1 
ATOM   1467 C CB  . GLU A 1 202 ? -9.567  -9.962  -21.927 1.00 65.05 ? 590 GLU A CB  1 
ATOM   1468 C CG  . GLU A 1 202 ? -9.935  -11.346 -22.439 1.00 71.14 ? 590 GLU A CG  1 
ATOM   1469 C CD  . GLU A 1 202 ? -8.790  -12.338 -22.560 1.00 78.74 ? 590 GLU A CD  1 
ATOM   1470 O OE1 . GLU A 1 202 ? -7.627  -11.881 -22.719 1.00 84.19 ? 590 GLU A OE1 1 
ATOM   1471 O OE2 . GLU A 1 202 ? -9.067  -13.573 -22.510 1.00 78.98 ? 590 GLU A OE2 1 
ATOM   1472 N N   . LEU A 1 203 ? -11.531 -9.225  -19.425 1.00 50.64 ? 591 LEU A N   1 
ATOM   1473 C CA  . LEU A 1 203 ? -12.431 -9.670  -18.326 1.00 50.26 ? 591 LEU A CA  1 
ATOM   1474 C C   . LEU A 1 203 ? -13.777 -8.922  -18.384 1.00 49.41 ? 591 LEU A C   1 
ATOM   1475 O O   . LEU A 1 203 ? -14.831 -9.588  -18.392 1.00 46.07 ? 591 LEU A O   1 
ATOM   1476 C CB  . LEU A 1 203 ? -11.752 -9.454  -16.974 1.00 48.28 ? 591 LEU A CB  1 
ATOM   1477 C CG  . LEU A 1 203 ? -12.336 -10.306 -15.851 1.00 49.09 ? 591 LEU A CG  1 
ATOM   1478 C CD1 . LEU A 1 203 ? -11.829 -11.724 -15.964 1.00 54.00 ? 591 LEU A CD1 1 
ATOM   1479 C CD2 . LEU A 1 203 ? -12.014 -9.757  -14.470 1.00 49.07 ? 591 LEU A CD2 1 
ATOM   1480 N N   . ALA A 1 204 ? -13.767 -7.589  -18.390 1.00 48.55 ? 592 ALA A N   1 
ATOM   1481 C CA  . ALA A 1 204 ? -14.993 -6.751  -18.403 1.00 52.80 ? 592 ALA A CA  1 
ATOM   1482 C C   . ALA A 1 204 ? -15.998 -7.297  -19.431 1.00 59.00 ? 592 ALA A C   1 
ATOM   1483 O O   . ALA A 1 204 ? -17.179 -7.529  -19.053 1.00 52.94 ? 592 ALA A O   1 
ATOM   1484 C CB  . ALA A 1 204 ? -14.634 -5.321  -18.703 1.00 50.58 ? 592 ALA A CB  1 
ATOM   1485 N N   . GLN A 1 205 ? -15.519 -7.520  -20.666 1.00 65.90 ? 593 GLN A N   1 
ATOM   1486 C CA  . GLN A 1 205 ? -16.288 -7.963  -21.872 1.00 61.49 ? 593 GLN A CA  1 
ATOM   1487 C C   . GLN A 1 205 ? -16.913 -9.348  -21.653 1.00 57.65 ? 593 GLN A C   1 
ATOM   1488 O O   . GLN A 1 205 ? -18.111 -9.489  -21.961 1.00 64.35 ? 593 GLN A O   1 
ATOM   1489 C CB  . GLN A 1 205 ? -15.374 -8.024  -23.096 1.00 58.27 ? 593 GLN A CB  1 
ATOM   1490 C CG  . GLN A 1 205 ? -14.799 -6.674  -23.495 1.00 55.89 ? 593 GLN A CG  1 
ATOM   1491 C CD  . GLN A 1 205 ? -13.580 -6.810  -24.379 1.00 58.05 ? 593 GLN A CD  1 
ATOM   1492 O OE1 . GLN A 1 205 ? -12.870 -7.816  -24.358 1.00 56.92 ? 593 GLN A OE1 1 
ATOM   1493 N NE2 . GLN A 1 205 ? -13.328 -5.787  -25.182 1.00 60.14 ? 593 GLN A NE2 1 
ATOM   1494 N N   . VAL A 1 206 ? -16.142 -10.311 -21.125 1.00 50.08 ? 594 VAL A N   1 
ATOM   1495 C CA  . VAL A 1 206 ? -16.575 -11.723 -20.913 1.00 47.94 ? 594 VAL A CA  1 
ATOM   1496 C C   . VAL A 1 206 ? -17.335 -11.892 -19.585 1.00 45.55 ? 594 VAL A C   1 
ATOM   1497 O O   . VAL A 1 206 ? -17.933 -12.960 -19.385 1.00 43.36 ? 594 VAL A O   1 
ATOM   1498 C CB  . VAL A 1 206 ? -15.382 -12.690 -20.988 1.00 54.04 ? 594 VAL A CB  1 
ATOM   1499 C CG1 . VAL A 1 206 ? -14.675 -12.597 -22.328 1.00 57.20 ? 594 VAL A CG1 1 
ATOM   1500 C CG2 . VAL A 1 206 ? -14.393 -12.515 -19.844 1.00 53.56 ? 594 VAL A CG2 1 
ATOM   1501 N N   . SER A 1 207 ? -17.317 -10.909 -18.686 1.00 47.13 ? 595 SER A N   1 
ATOM   1502 C CA  . SER A 1 207 ? -17.871 -11.062 -17.315 1.00 48.64 ? 595 SER A CA  1 
ATOM   1503 C C   . SER A 1 207 ? -19.274 -10.448 -17.225 1.00 50.12 ? 595 SER A C   1 
ATOM   1504 O O   . SER A 1 207 ? -19.852 -10.508 -16.125 1.00 52.76 ? 595 SER A O   1 
ATOM   1505 C CB  . SER A 1 207 ? -16.950 -10.462 -16.264 1.00 49.85 ? 595 SER A CB  1 
ATOM   1506 O OG  . SER A 1 207 ? -15.703 -11.144 -16.202 1.00 49.28 ? 595 SER A OG  1 
ATOM   1507 N N   . GLN A 1 208 ? -19.798 -9.879  -18.313 1.00 48.22 ? 596 GLN A N   1 
ATOM   1508 C CA  . GLN A 1 208 ? -21.033 -9.052  -18.281 1.00 53.95 ? 596 GLN A CA  1 
ATOM   1509 C C   . GLN A 1 208 ? -22.153 -9.801  -17.556 1.00 60.46 ? 596 GLN A C   1 
ATOM   1510 O O   . GLN A 1 208 ? -22.857 -9.147  -16.762 1.00 72.49 ? 596 GLN A O   1 
ATOM   1511 C CB  . GLN A 1 208 ? -21.477 -8.676  -19.692 1.00 58.30 ? 596 GLN A CB  1 
ATOM   1512 C CG  . GLN A 1 208 ? -22.846 -8.007  -19.745 1.00 56.65 ? 596 GLN A CG  1 
ATOM   1513 C CD  . GLN A 1 208 ? -23.110 -7.324  -21.070 1.00 61.66 ? 596 GLN A CD  1 
ATOM   1514 O OE1 . GLN A 1 208 ? -22.195 -6.997  -21.838 1.00 50.99 ? 596 GLN A OE1 1 
ATOM   1515 N NE2 . GLN A 1 208 ? -24.388 -7.099  -21.343 1.00 59.88 ? 596 GLN A NE2 1 
ATOM   1516 N N   . LYS A 1 209 ? -22.300 -11.106 -17.816 1.00 60.39 ? 597 LYS A N   1 
ATOM   1517 C CA  . LYS A 1 209 ? -23.386 -11.968 -17.265 1.00 61.31 ? 597 LYS A CA  1 
ATOM   1518 C C   . LYS A 1 209 ? -23.124 -12.296 -15.781 1.00 60.61 ? 597 LYS A C   1 
ATOM   1519 O O   . LYS A 1 209 ? -24.100 -12.357 -15.012 1.00 60.22 ? 597 LYS A O   1 
ATOM   1520 C CB  . LYS A 1 209 ? -23.516 -13.239 -18.117 1.00 66.42 ? 597 LYS A CB  1 
ATOM   1521 C CG  . LYS A 1 209 ? -24.587 -14.234 -17.682 1.00 68.49 ? 597 LYS A CG  1 
ATOM   1522 C CD  . LYS A 1 209 ? -25.981 -13.631 -17.564 1.00 71.28 ? 597 LYS A CD  1 
ATOM   1523 C CE  . LYS A 1 209 ? -27.085 -14.662 -17.431 1.00 69.97 ? 597 LYS A CE  1 
ATOM   1524 N NZ  . LYS A 1 209 ? -28.365 -14.033 -17.017 1.00 70.77 ? 597 LYS A NZ  1 
ATOM   1525 N N   . LEU A 1 210 ? -21.864 -12.522 -15.389 1.00 57.62 ? 598 LEU A N   1 
ATOM   1526 C CA  . LEU A 1 210 ? -21.450 -12.784 -13.980 1.00 52.99 ? 598 LEU A CA  1 
ATOM   1527 C C   . LEU A 1 210 ? -21.839 -11.588 -13.098 1.00 54.81 ? 598 LEU A C   1 
ATOM   1528 O O   . LEU A 1 210 ? -22.438 -11.786 -12.023 1.00 59.74 ? 598 LEU A O   1 
ATOM   1529 C CB  . LEU A 1 210 ? -19.934 -12.989 -13.951 1.00 54.53 ? 598 LEU A CB  1 
ATOM   1530 C CG  . LEU A 1 210 ? -19.407 -13.930 -12.870 1.00 55.79 ? 598 LEU A CG  1 
ATOM   1531 C CD1 . LEU A 1 210 ? -17.956 -13.618 -12.561 1.00 55.12 ? 598 LEU A CD1 1 
ATOM   1532 C CD2 . LEU A 1 210 ? -20.240 -13.858 -11.604 1.00 56.99 ? 598 LEU A CD2 1 
ATOM   1533 N N   . MET A 1 211 ? -21.487 -10.386 -13.552 1.00 52.57 ? 599 MET A N   1 
ATOM   1534 C CA  . MET A 1 211 ? -21.848 -9.103  -12.911 1.00 48.15 ? 599 MET A CA  1 
ATOM   1535 C C   . MET A 1 211 ? -23.356 -9.089  -12.669 1.00 47.06 ? 599 MET A C   1 
ATOM   1536 O O   . MET A 1 211 ? -23.750 -8.852  -11.519 1.00 45.49 ? 599 MET A O   1 
ATOM   1537 C CB  . MET A 1 211 ? -21.463 -7.920  -13.799 1.00 47.95 ? 599 MET A CB  1 
ATOM   1538 C CG  . MET A 1 211 ? -19.947 -7.768  -14.023 1.00 48.15 ? 599 MET A CG  1 
ATOM   1539 S SD  . MET A 1 211 ? -18.931 -7.680  -12.517 1.00 40.07 ? 599 MET A SD  1 
ATOM   1540 C CE  . MET A 1 211 ? -18.458 -9.395  -12.300 1.00 44.68 ? 599 MET A CE  1 
ATOM   1541 N N   . GLU A 1 212 ? -24.154 -9.387  -13.699 1.00 44.59 ? 600 GLU A N   1 
ATOM   1542 C CA  . GLU A 1 212 ? -25.638 -9.330  -13.621 1.00 47.66 ? 600 GLU A CA  1 
ATOM   1543 C C   . GLU A 1 212 ? -26.050 -10.160 -12.397 1.00 47.88 ? 600 GLU A C   1 
ATOM   1544 O O   . GLU A 1 212 ? -26.845 -9.660  -11.554 1.00 46.84 ? 600 GLU A O   1 
ATOM   1545 C CB  . GLU A 1 212 ? -26.283 -9.809  -14.933 1.00 50.43 ? 600 GLU A CB  1 
ATOM   1546 C CG  . GLU A 1 212 ? -27.635 -9.173  -15.261 1.00 49.60 ? 600 GLU A CG  1 
ATOM   1547 N N   . ILE A 1 213 ? -25.471 -11.354 -12.275 1.00 47.57 ? 601 ILE A N   1 
ATOM   1548 C CA  . ILE A 1 213 ? -25.849 -12.351 -11.243 1.00 46.88 ? 601 ILE A CA  1 
ATOM   1549 C C   . ILE A 1 213 ? -25.648 -11.694 -9.888  1.00 50.93 ? 601 ILE A C   1 
ATOM   1550 O O   . ILE A 1 213 ? -26.595 -11.752 -9.100  1.00 53.72 ? 601 ILE A O   1 
ATOM   1551 C CB  . ILE A 1 213 ? -25.065 -13.667 -11.380 1.00 51.39 ? 601 ILE A CB  1 
ATOM   1552 C CG1 . ILE A 1 213 ? -25.630 -14.532 -12.512 1.00 51.90 ? 601 ILE A CG1 1 
ATOM   1553 C CG2 . ILE A 1 213 ? -25.050 -14.412 -10.051 1.00 53.66 ? 601 ILE A CG2 1 
ATOM   1554 C CD1 . ILE A 1 213 ? -24.739 -15.686 -12.926 1.00 52.72 ? 601 ILE A CD1 1 
ATOM   1555 N N   . ALA A 1 214 ? -24.476 -11.090 -9.641  1.00 58.41 ? 602 ALA A N   1 
ATOM   1556 C CA  . ALA A 1 214 ? -24.210 -10.259 -8.437  1.00 58.80 ? 602 ALA A CA  1 
ATOM   1557 C C   . ALA A 1 214 ? -25.172 -9.048  -8.454  1.00 63.71 ? 602 ALA A C   1 
ATOM   1558 O O   . ALA A 1 214 ? -24.947 -8.050  -9.190  1.00 67.33 ? 602 ALA A O   1 
ATOM   1559 C CB  . ALA A 1 214 ? -22.752 -9.888  -8.402  1.00 58.25 ? 602 ALA A CB  1 
ATOM   1560 N N   . GLN A 1 215 ? -26.274 -9.159  -7.719  1.00 61.47 ? 603 GLN A N   1 
ATOM   1561 C CA  . GLN A 1 215 ? -27.543 -8.443  -8.012  1.00 59.80 ? 603 GLN A CA  1 
ATOM   1562 C C   . GLN A 1 215 ? -27.883 -7.545  -6.816  1.00 59.20 ? 603 GLN A C   1 
ATOM   1563 O O   . GLN A 1 215 ? -27.308 -6.474  -6.588  1.00 58.68 ? 603 GLN A O   1 
ATOM   1564 C CB  . GLN A 1 215 ? -28.637 -9.474  -8.346  1.00 62.83 ? 603 GLN A CB  1 
ATOM   1565 C CG  . GLN A 1 215 ? -29.331 -10.133 -7.140  1.00 62.78 ? 603 GLN A CG  1 
ATOM   1566 C CD  . GLN A 1 215 ? -28.438 -10.644 -6.025  1.00 63.37 ? 603 GLN A CD  1 
ATOM   1567 O OE1 . GLN A 1 215 ? -27.651 -11.567 -6.193  1.00 57.26 ? 603 GLN A OE1 1 
ATOM   1568 N NE2 . GLN A 1 215 ? -28.572 -10.066 -4.839  1.00 74.40 ? 603 GLN A NE2 1 
ATOM   1569 N N   . LYS B 2 3   ? 3.637   -9.679  6.924   1.00 64.18 ? 44  LYS B N   1 
ATOM   1570 C CA  . LYS B 2 3   ? 3.037   -9.595  5.532   1.00 71.39 ? 44  LYS B CA  1 
ATOM   1571 C C   . LYS B 2 3   ? 2.692   -8.137  5.167   1.00 70.26 ? 44  LYS B C   1 
ATOM   1572 O O   . LYS B 2 3   ? 2.937   -7.233  5.998   1.00 70.05 ? 44  LYS B O   1 
ATOM   1573 C CB  . LYS B 2 3   ? 1.776   -10.460 5.429   1.00 72.28 ? 44  LYS B CB  1 
ATOM   1574 C CG  . LYS B 2 3   ? 1.926   -11.784 4.693   1.00 73.64 ? 44  LYS B CG  1 
ATOM   1575 C CD  . LYS B 2 3   ? 0.682   -12.144 3.872   1.00 78.69 ? 44  LYS B CD  1 
ATOM   1576 C CE  . LYS B 2 3   ? 0.128   -13.529 4.176   1.00 76.89 ? 44  LYS B CE  1 
ATOM   1577 N NZ  . LYS B 2 3   ? -1.058  -13.872 3.350   1.00 72.42 ? 44  LYS B NZ  1 
ATOM   1578 N N   . ASN B 2 4   ? 2.098   -7.935  3.984   1.00 64.71 ? 45  ASN B N   1 
ATOM   1579 C CA  . ASN B 2 4   ? 1.885   -6.615  3.325   1.00 67.13 ? 45  ASN B CA  1 
ATOM   1580 C C   . ASN B 2 4   ? 0.586   -5.953  3.784   1.00 67.73 ? 45  ASN B C   1 
ATOM   1581 O O   . ASN B 2 4   ? -0.301  -6.658  4.300   1.00 77.44 ? 45  ASN B O   1 
ATOM   1582 C CB  . ASN B 2 4   ? 1.827   -6.753  1.804   1.00 70.71 ? 45  ASN B CB  1 
ATOM   1583 C CG  . ASN B 2 4   ? 3.003   -7.541  1.282   1.00 75.66 ? 45  ASN B CG  1 
ATOM   1584 O OD1 . ASN B 2 4   ? 2.848   -8.352  0.371   1.00 78.77 ? 45  ASN B OD1 1 
ATOM   1585 N ND2 . ASN B 2 4   ? 4.164   -7.333  1.893   1.00 71.59 ? 45  ASN B ND2 1 
ATOM   1586 N N   . ILE B 2 5   ? 0.459   -4.655  3.500   1.00 63.03 ? 46  ILE B N   1 
ATOM   1587 C CA  . ILE B 2 5   ? -0.568  -3.745  4.084   1.00 53.62 ? 46  ILE B CA  1 
ATOM   1588 C C   . ILE B 2 5   ? -1.053  -2.772  2.998   1.00 51.77 ? 46  ILE B C   1 
ATOM   1589 O O   . ILE B 2 5   ? -0.265  -2.459  2.104   1.00 52.17 ? 46  ILE B O   1 
ATOM   1590 C CB  . ILE B 2 5   ? 0.036   -3.074  5.337   1.00 52.73 ? 46  ILE B CB  1 
ATOM   1591 C CG1 . ILE B 2 5   ? -0.895  -2.044  5.969   1.00 55.07 ? 46  ILE B CG1 1 
ATOM   1592 C CG2 . ILE B 2 5   ? 1.404   -2.475  5.072   1.00 51.11 ? 46  ILE B CG2 1 
ATOM   1593 C CD1 . ILE B 2 5   ? -0.671  -1.906  7.452   1.00 54.30 ? 46  ILE B CD1 1 
ATOM   1594 N N   . ILE B 2 6   ? -2.325  -2.366  3.039   1.00 54.20 ? 47  ILE B N   1 
ATOM   1595 C CA  . ILE B 2 6   ? -2.996  -1.526  2.000   1.00 54.13 ? 47  ILE B CA  1 
ATOM   1596 C C   . ILE B 2 6   ? -3.867  -0.453  2.676   1.00 59.53 ? 47  ILE B C   1 
ATOM   1597 O O   . ILE B 2 6   ? -4.109  -0.580  3.898   1.00 64.49 ? 47  ILE B O   1 
ATOM   1598 C CB  . ILE B 2 6   ? -3.820  -2.444  1.076   1.00 54.54 ? 47  ILE B CB  1 
ATOM   1599 C CG1 . ILE B 2 6   ? -5.120  -2.934  1.716   1.00 63.81 ? 47  ILE B CG1 1 
ATOM   1600 C CG2 . ILE B 2 6   ? -2.984  -3.616  0.620   1.00 54.47 ? 47  ILE B CG2 1 
ATOM   1601 C CD1 . ILE B 2 6   ? -6.389  -2.328  1.132   1.00 65.56 ? 47  ILE B CD1 1 
ATOM   1602 N N   . LEU B 2 7   ? -4.356  0.538   1.915   1.00 59.00 ? 48  LEU B N   1 
ATOM   1603 C CA  . LEU B 2 7   ? -5.385  1.514   2.372   1.00 59.69 ? 48  LEU B CA  1 
ATOM   1604 C C   . LEU B 2 7   ? -6.735  0.792   2.550   1.00 67.75 ? 48  LEU B C   1 
ATOM   1605 O O   . LEU B 2 7   ? -7.610  0.990   3.434   1.00 66.37 ? 48  LEU B O   1 
ATOM   1606 C CB  . LEU B 2 7   ? -5.500  2.650   1.347   1.00 69.29 ? 48  LEU B CB  1 
ATOM   1607 C CG  . LEU B 2 7   ? -4.834  3.992   1.686   1.00 77.31 ? 48  LEU B CG  1 
ATOM   1608 C CD1 . LEU B 2 7   ? -5.230  4.500   3.072   1.00 78.00 ? 48  LEU B CD1 1 
ATOM   1609 C CD2 . LEU B 2 7   ? -3.318  3.911   1.558   1.00 81.48 ? 48  LEU B CD2 1 
HETATM 1610 S S   . SO4 C 3 .   ? -11.338 -6.881  -2.873  1.00 83.41 ? 701 SO4 A S   1 
HETATM 1611 O O1  . SO4 C 3 .   ? -11.975 -8.075  -3.389  1.00 78.20 ? 701 SO4 A O1  1 
HETATM 1612 O O2  . SO4 C 3 .   ? -10.588 -7.214  -1.688  1.00 77.41 ? 701 SO4 A O2  1 
HETATM 1613 O O3  . SO4 C 3 .   ? -12.343 -5.903  -2.554  1.00 67.27 ? 701 SO4 A O3  1 
HETATM 1614 O O4  . SO4 C 3 .   ? -10.438 -6.344  -3.865  1.00 75.31 ? 701 SO4 A O4  1 
HETATM 1615 O O   . HOH D 4 .   ? -6.939  -11.705 8.658   1.00 38.03 ? 801 HOH A O   1 
HETATM 1616 O O   . HOH D 4 .   ? -1.742  -17.451 -18.616 1.00 31.54 ? 802 HOH A O   1 
HETATM 1617 O O   . HOH D 4 .   ? 4.615   -5.253  -2.620  1.00 37.87 ? 803 HOH A O   1 
HETATM 1618 O O   . HOH D 4 .   ? -29.566 -7.450  -3.597  1.00 39.36 ? 804 HOH A O   1 
HETATM 1619 O O   . HOH D 4 .   ? -4.819  12.333  12.191  1.00 36.64 ? 805 HOH A O   1 
HETATM 1620 O O   . HOH D 4 .   ? -0.487  17.745  14.368  1.00 37.95 ? 806 HOH A O   1 
HETATM 1621 O O   . HOH D 4 .   ? 3.122   22.269  9.559   1.00 39.22 ? 807 HOH A O   1 
HETATM 1622 O O   . HOH D 4 .   ? 2.225   10.677  -0.483  1.00 38.10 ? 808 HOH A O   1 
HETATM 1623 O O   . HOH D 4 .   ? 8.878   -6.946  15.369  1.00 41.23 ? 809 HOH A O   1 
HETATM 1624 O O   . HOH D 4 .   ? -2.131  8.104   -7.908  1.00 42.21 ? 810 HOH A O   1 
HETATM 1625 O O   . HOH D 4 .   ? -1.468  7.131   -0.013  1.00 46.14 ? 811 HOH A O   1 
HETATM 1626 O O   . HOH D 4 .   ? 26.737  11.578  9.787   1.00 37.53 ? 812 HOH A O   1 
# 
loop_
_pdbx_poly_seq_scheme.asym_id 
_pdbx_poly_seq_scheme.entity_id 
_pdbx_poly_seq_scheme.seq_id 
_pdbx_poly_seq_scheme.mon_id 
_pdbx_poly_seq_scheme.ndb_seq_num 
_pdbx_poly_seq_scheme.pdb_seq_num 
_pdbx_poly_seq_scheme.auth_seq_num 
_pdbx_poly_seq_scheme.pdb_mon_id 
_pdbx_poly_seq_scheme.auth_mon_id 
_pdbx_poly_seq_scheme.pdb_strand_id 
_pdbx_poly_seq_scheme.pdb_ins_code 
_pdbx_poly_seq_scheme.hetero 
A 1 1   VAL 1   389 389 VAL VAL A . n 
A 1 2   LEU 2   390 390 LEU LEU A . n 
A 1 3   LEU 3   391 391 LEU LEU A . n 
A 1 4   LEU 4   392 392 LEU LEU A . n 
A 1 5   ASP 5   393 393 ASP ASP A . n 
A 1 6   VAL 6   394 394 VAL VAL A . n 
A 1 7   THR 7   395 395 THR THR A . n 
A 1 8   PRO 8   396 396 PRO PRO A . n 
A 1 9   LEU 9   397 397 LEU LEU A . n 
A 1 10  SER 10  398 398 SER SER A . n 
A 1 11  LEU 11  399 399 LEU LEU A . n 
A 1 12  GLY 12  400 400 GLY GLY A . n 
A 1 13  ILE 13  401 401 ILE ILE A . n 
A 1 14  GLU 14  402 402 GLU GLU A . n 
A 1 15  THR 15  403 403 THR THR A . n 
A 1 16  MET 16  404 404 MET MET A . n 
A 1 17  GLY 17  405 405 GLY GLY A . n 
A 1 18  GLY 18  406 406 GLY GLY A . n 
A 1 19  VAL 19  407 407 VAL VAL A . n 
A 1 20  MET 20  408 408 MET MET A . n 
A 1 21  THR 21  409 409 THR THR A . n 
A 1 22  THR 22  410 410 THR THR A . n 
A 1 23  LEU 23  411 411 LEU LEU A . n 
A 1 24  ILE 24  412 412 ILE ILE A . n 
A 1 25  ALA 25  413 413 ALA ALA A . n 
A 1 26  LYS 26  414 414 LYS LYS A . n 
A 1 27  ASN 27  415 415 ASN ASN A . n 
A 1 28  THR 28  416 416 THR THR A . n 
A 1 29  THR 29  417 417 THR THR A . n 
A 1 30  ILE 30  418 418 ILE ILE A . n 
A 1 31  PRO 31  419 419 PRO PRO A . n 
A 1 32  THR 32  420 420 THR THR A . n 
A 1 33  LYS 33  421 421 LYS LYS A . n 
A 1 34  HIS 34  422 422 HIS HIS A . n 
A 1 35  SER 35  423 423 SER SER A . n 
A 1 36  GLN 36  424 424 GLN GLN A . n 
A 1 37  VAL 37  425 425 VAL VAL A . n 
A 1 38  PHE 38  426 426 PHE PHE A . n 
A 1 39  SER 39  427 427 SER SER A . n 
A 1 40  THR 40  428 428 THR THR A . n 
A 1 41  ALA 41  429 429 ALA ALA A . n 
A 1 42  GLU 42  430 430 GLU GLU A . n 
A 1 43  ASP 43  431 431 ASP ASP A . n 
A 1 44  ASN 44  432 432 ASN ASN A . n 
A 1 45  GLN 45  433 433 GLN GLN A . n 
A 1 46  SER 46  434 434 SER SER A . n 
A 1 47  ALA 47  435 435 ALA ALA A . n 
A 1 48  VAL 48  436 436 VAL VAL A . n 
A 1 49  THR 49  437 437 THR THR A . n 
A 1 50  ILE 50  438 438 ILE ILE A . n 
A 1 51  HIS 51  439 439 HIS HIS A . n 
A 1 52  VAL 52  440 440 VAL VAL A . n 
A 1 53  LEU 53  441 441 LEU LEU A . n 
A 1 54  GLN 54  442 442 GLN GLN A . n 
A 1 55  GLY 55  443 443 GLY GLY A . n 
A 1 56  GLU 56  444 444 GLU GLU A . n 
A 1 57  ARG 57  445 445 ARG ARG A . n 
A 1 58  LYS 58  446 446 LYS LYS A . n 
A 1 59  ARG 59  447 447 ARG ARG A . n 
A 1 60  ALA 60  448 448 ALA ALA A . n 
A 1 61  ALA 61  449 449 ALA ALA A . n 
A 1 62  ASP 62  450 450 ASP ASP A . n 
A 1 63  ASN 63  451 451 ASN ASN A . n 
A 1 64  LYS 64  452 452 LYS LYS A . n 
A 1 65  SER 65  453 453 SER SER A . n 
A 1 66  LEU 66  454 454 LEU LEU A . n 
A 1 67  GLY 67  455 455 GLY GLY A . n 
A 1 68  GLN 68  456 456 GLN GLN A . n 
A 1 69  PHE 69  457 457 PHE PHE A . n 
A 1 70  ASN 70  458 458 ASN ASN A . n 
A 1 71  LEU 71  459 459 LEU LEU A . n 
A 1 72  ASP 72  460 460 ASP ASP A . n 
A 1 73  GLY 73  461 461 GLY GLY A . n 
A 1 74  ILE 74  462 462 ILE ILE A . n 
A 1 75  ASN 75  463 463 ASN ASN A . n 
A 1 76  PRO 76  464 464 PRO PRO A . n 
A 1 77  ALA 77  465 465 ALA ALA A . n 
A 1 78  PRO 78  466 466 PRO PRO A . n 
A 1 79  ARG 79  467 467 ARG ARG A . n 
A 1 80  GLY 80  468 468 GLY GLY A . n 
A 1 81  MET 81  469 469 MET MET A . n 
A 1 82  PRO 82  470 470 PRO PRO A . n 
A 1 83  GLN 83  471 471 GLN GLN A . n 
A 1 84  ILE 84  472 472 ILE ILE A . n 
A 1 85  GLU 85  473 473 GLU GLU A . n 
A 1 86  VAL 86  474 474 VAL VAL A . n 
A 1 87  THR 87  475 475 THR THR A . n 
A 1 88  PHE 88  476 476 PHE PHE A . n 
A 1 89  ASP 89  477 477 ASP ASP A . n 
A 1 90  ILE 90  478 478 ILE ILE A . n 
A 1 91  ASP 91  479 479 ASP ASP A . n 
A 1 92  ALA 92  480 480 ALA ALA A . n 
A 1 93  ASP 93  481 481 ASP ASP A . n 
A 1 94  GLY 94  482 482 GLY GLY A . n 
A 1 95  ILE 95  483 483 ILE ILE A . n 
A 1 96  LEU 96  484 484 LEU LEU A . n 
A 1 97  HIS 97  485 485 HIS HIS A . n 
A 1 98  VAL 98  486 486 VAL VAL A . n 
A 1 99  SER 99  487 487 SER SER A . n 
A 1 100 ALA 100 488 488 ALA ALA A . n 
A 1 101 LYS 101 489 489 LYS LYS A . n 
A 1 102 ASP 102 490 490 ASP ASP A . n 
A 1 103 LYS 103 491 491 LYS LYS A . n 
A 1 104 ASN 104 492 492 ASN ASN A . n 
A 1 105 SER 105 493 493 SER SER A . n 
A 1 106 GLY 106 494 494 GLY GLY A . n 
A 1 107 LYS 107 495 495 LYS LYS A . n 
A 1 108 GLU 108 496 496 GLU GLU A . n 
A 1 109 GLN 109 497 497 GLN GLN A . n 
A 1 110 LYS 110 498 498 LYS LYS A . n 
A 1 111 ILE 111 499 499 ILE ILE A . n 
A 1 112 THR 112 500 500 THR THR A . n 
A 1 113 ILE 113 501 501 ILE ILE A . n 
A 1 114 LYS 114 502 502 LYS LYS A . n 
A 1 115 ALA 115 503 503 ALA ALA A . n 
A 1 116 SER 116 504 504 SER SER A . n 
A 1 117 SER 117 505 505 SER SER A . n 
A 1 118 GLY 118 506 506 GLY GLY A . n 
A 1 119 LEU 119 507 507 LEU LEU A . n 
A 1 120 ASN 120 508 508 ASN ASN A . n 
A 1 121 GLU 121 509 509 GLU GLU A . n 
A 1 122 ASP 122 510 510 ASP ASP A . n 
A 1 123 GLU 123 511 511 GLU GLU A . n 
A 1 124 ILE 124 512 512 ILE ILE A . n 
A 1 125 GLN 125 513 513 GLN GLN A . n 
A 1 126 LYS 126 514 514 LYS LYS A . n 
A 1 127 MET 127 515 515 MET MET A . n 
A 1 128 VAL 128 516 516 VAL VAL A . n 
A 1 129 ARG 129 517 517 ARG ARG A . n 
A 1 130 ASP 130 518 518 ASP ASP A . n 
A 1 131 ALA 131 519 519 ALA ALA A . n 
A 1 132 GLU 132 520 520 GLU GLU A . n 
A 1 133 ALA 133 521 521 ALA ALA A . n 
A 1 134 ASN 134 522 522 ASN ASN A . n 
A 1 135 ALA 135 523 523 ALA ALA A . n 
A 1 136 GLU 136 524 524 GLU GLU A . n 
A 1 137 ALA 137 525 525 ALA ALA A . n 
A 1 138 ASP 138 526 526 ASP ASP A . n 
A 1 139 ARG 139 527 527 ARG ARG A . n 
A 1 140 LYS 140 528 528 LYS LYS A . n 
A 1 141 PHE 141 529 529 PHE PHE A . n 
A 1 142 GLU 142 530 530 GLU GLU A . n 
A 1 143 GLU 143 531 531 GLU GLU A . n 
A 1 144 LEU 144 532 532 LEU LEU A . n 
A 1 145 VAL 145 533 533 VAL VAL A . n 
A 1 146 GLN 146 534 534 GLN GLN A . n 
A 1 147 THR 147 535 535 THR THR A . n 
A 1 148 ARG 148 536 536 ARG ARG A . n 
A 1 149 ASN 149 537 537 ASN ASN A . n 
A 1 150 GLN 150 538 538 GLN GLN A . n 
A 1 151 GLY 151 539 539 GLY GLY A . n 
A 1 152 ASP 152 540 540 ASP ASP A . n 
A 1 153 HIS 153 541 541 HIS HIS A . n 
A 1 154 LEU 154 542 542 LEU LEU A . n 
A 1 155 LEU 155 543 543 LEU LEU A . n 
A 1 156 HIS 156 544 544 HIS HIS A . n 
A 1 157 SER 157 545 545 SER SER A . n 
A 1 158 THR 158 546 546 THR THR A . n 
A 1 159 ARG 159 547 547 ARG ARG A . n 
A 1 160 LYS 160 548 548 LYS LYS A . n 
A 1 161 GLN 161 549 549 GLN GLN A . n 
A 1 162 VAL 162 550 550 VAL VAL A . n 
A 1 163 GLU 163 551 551 GLU GLU A . n 
A 1 164 GLU 164 552 552 GLU GLU A . n 
A 1 165 ALA 165 553 553 ALA ALA A . n 
A 1 166 GLY 166 554 554 GLY GLY A . n 
A 1 167 ASP 167 555 555 ASP ASP A . n 
A 1 168 LYS 168 556 556 LYS LYS A . n 
A 1 169 LEU 169 557 557 LEU LEU A . n 
A 1 170 PRO 170 558 558 PRO PRO A . n 
A 1 171 ALA 171 559 559 ALA ALA A . n 
A 1 172 ASP 172 560 560 ASP ASP A . n 
A 1 173 ASP 173 561 561 ASP ASP A . n 
A 1 174 LYS 174 562 562 LYS LYS A . n 
A 1 175 THR 175 563 563 THR THR A . n 
A 1 176 ALA 176 564 564 ALA ALA A . n 
A 1 177 ILE 177 565 565 ILE ILE A . n 
A 1 178 GLU 178 566 566 GLU GLU A . n 
A 1 179 SER 179 567 567 SER SER A . n 
A 1 180 ALA 180 568 568 ALA ALA A . n 
A 1 181 LEU 181 569 569 LEU LEU A . n 
A 1 182 THR 182 570 570 THR THR A . n 
A 1 183 ALA 183 571 571 ALA ALA A . n 
A 1 184 LEU 184 572 572 LEU LEU A . n 
A 1 185 GLU 185 573 573 GLU GLU A . n 
A 1 186 THR 186 574 574 THR THR A . n 
A 1 187 ALA 187 575 575 ALA ALA A . n 
A 1 188 LEU 188 576 576 LEU LEU A . n 
A 1 189 LYS 189 577 577 LYS LYS A . n 
A 1 190 GLY 190 578 578 GLY GLY A . n 
A 1 191 GLU 191 579 579 GLU GLU A . n 
A 1 192 ASP 192 580 580 ASP ASP A . n 
A 1 193 LYS 193 581 581 LYS LYS A . n 
A 1 194 ALA 194 582 582 ALA ALA A . n 
A 1 195 ALA 195 583 583 ALA ALA A . n 
A 1 196 ILE 196 584 584 ILE ILE A . n 
A 1 197 GLU 197 585 585 GLU GLU A . n 
A 1 198 ALA 198 586 586 ALA ALA A . n 
A 1 199 LYS 199 587 587 LYS LYS A . n 
A 1 200 MET 200 588 588 MET MET A . n 
A 1 201 GLN 201 589 589 GLN GLN A . n 
A 1 202 GLU 202 590 590 GLU GLU A . n 
A 1 203 LEU 203 591 591 LEU LEU A . n 
A 1 204 ALA 204 592 592 ALA ALA A . n 
A 1 205 GLN 205 593 593 GLN GLN A . n 
A 1 206 VAL 206 594 594 VAL VAL A . n 
A 1 207 SER 207 595 595 SER SER A . n 
A 1 208 GLN 208 596 596 GLN GLN A . n 
A 1 209 LYS 209 597 597 LYS LYS A . n 
A 1 210 LEU 210 598 598 LEU LEU A . n 
A 1 211 MET 211 599 599 MET MET A . n 
A 1 212 GLU 212 600 600 GLU GLU A . n 
A 1 213 ILE 213 601 601 ILE ILE A . n 
A 1 214 ALA 214 602 602 ALA ALA A . n 
A 1 215 GLN 215 603 603 GLN GLN A . n 
A 1 216 GLN 216 604 ?   ?   ?   A . n 
A 1 217 GLN 217 605 ?   ?   ?   A . n 
A 1 218 HIS 218 606 ?   ?   ?   A . n 
A 1 219 ALA 219 607 ?   ?   ?   A . n 
B 2 1   ARG 1   42  ?   ?   ?   B . n 
B 2 2   ALA 2   43  ?   ?   ?   B . n 
B 2 3   LYS 3   44  43  LYS LYS B . n 
B 2 4   ASN 4   45  44  ASN ASN B . n 
B 2 5   ILE 5   46  45  ILE ILE B . n 
B 2 6   ILE 6   47  46  ILE ILE B . n 
B 2 7   LEU 7   48  47  LEU LEU B . n 
B 2 8   LEU 8   49  ?   ?   ?   B . n 
B 2 9   SER 9   50  ?   ?   ?   B . n 
B 2 10  ARG 10  51  ?   ?   ?   B . n 
# 
loop_
_pdbx_nonpoly_scheme.asym_id 
_pdbx_nonpoly_scheme.entity_id 
_pdbx_nonpoly_scheme.mon_id 
_pdbx_nonpoly_scheme.ndb_seq_num 
_pdbx_nonpoly_scheme.pdb_seq_num 
_pdbx_nonpoly_scheme.auth_seq_num 
_pdbx_nonpoly_scheme.pdb_mon_id 
_pdbx_nonpoly_scheme.auth_mon_id 
_pdbx_nonpoly_scheme.pdb_strand_id 
_pdbx_nonpoly_scheme.pdb_ins_code 
C 3 SO4 1  701 1  SO4 SO4 A . 
D 4 HOH 1  801 12 HOH HOH A . 
D 4 HOH 2  802 11 HOH HOH A . 
D 4 HOH 3  803 10 HOH HOH A . 
D 4 HOH 4  804 6  HOH HOH A . 
D 4 HOH 5  805 7  HOH HOH A . 
D 4 HOH 6  806 1  HOH HOH A . 
D 4 HOH 7  807 13 HOH HOH A . 
D 4 HOH 8  808 5  HOH HOH A . 
D 4 HOH 9  809 8  HOH HOH A . 
D 4 HOH 10 810 2  HOH HOH A . 
D 4 HOH 11 811 3  HOH HOH A . 
D 4 HOH 12 812 4  HOH HOH A . 
# 
_pdbx_struct_assembly.id                   1 
_pdbx_struct_assembly.details              author_and_software_defined_assembly 
_pdbx_struct_assembly.method_details       PISA 
_pdbx_struct_assembly.oligomeric_details   dimeric 
_pdbx_struct_assembly.oligomeric_count     2 
# 
_pdbx_struct_assembly_gen.assembly_id       1 
_pdbx_struct_assembly_gen.oper_expression   1 
_pdbx_struct_assembly_gen.asym_id_list      A,B,C,D 
# 
loop_
_pdbx_struct_assembly_prop.biol_id 
_pdbx_struct_assembly_prop.type 
_pdbx_struct_assembly_prop.value 
_pdbx_struct_assembly_prop.details 
1 'ABSA (A^2)' 1160  ? 
1 MORE         -20   ? 
1 'SSA (A^2)'  11980 ? 
# 
_pdbx_struct_oper_list.id                   1 
_pdbx_struct_oper_list.type                 'identity operation' 
_pdbx_struct_oper_list.name                 1_555 
_pdbx_struct_oper_list.symmetry_operation   x,y,z 
_pdbx_struct_oper_list.matrix[1][1]         1.0000000000 
_pdbx_struct_oper_list.matrix[1][2]         0.0000000000 
_pdbx_struct_oper_list.matrix[1][3]         0.0000000000 
_pdbx_struct_oper_list.vector[1]            0.0000000000 
_pdbx_struct_oper_list.matrix[2][1]         0.0000000000 
_pdbx_struct_oper_list.matrix[2][2]         1.0000000000 
_pdbx_struct_oper_list.matrix[2][3]         0.0000000000 
_pdbx_struct_oper_list.vector[2]            0.0000000000 
_pdbx_struct_oper_list.matrix[3][1]         0.0000000000 
_pdbx_struct_oper_list.matrix[3][2]         0.0000000000 
_pdbx_struct_oper_list.matrix[3][3]         1.0000000000 
_pdbx_struct_oper_list.vector[3]            0.0000000000 
# 
loop_
_pdbx_audit_revision_history.ordinal 
_pdbx_audit_revision_history.data_content_type 
_pdbx_audit_revision_history.major_revision 
_pdbx_audit_revision_history.minor_revision 
_pdbx_audit_revision_history.revision_date 
1 'Structure model' 1 0 2020-08-26 
2 'Structure model' 2 0 2021-07-07 
3 'Structure model' 2 1 2021-10-20 
4 'Structure model' 2 2 2023-10-18 
# 
_pdbx_audit_revision_details.ordinal             1 
_pdbx_audit_revision_details.revision_ordinal    1 
_pdbx_audit_revision_details.data_content_type   'Structure model' 
_pdbx_audit_revision_details.provider            repository 
_pdbx_audit_revision_details.type                'Initial release' 
_pdbx_audit_revision_details.description         ? 
_pdbx_audit_revision_details.details             ? 
# 
loop_
_pdbx_audit_revision_group.ordinal 
_pdbx_audit_revision_group.revision_ordinal 
_pdbx_audit_revision_group.data_content_type 
_pdbx_audit_revision_group.group 
1 2 'Structure model' Advisory                 
2 2 'Structure model' 'Atomic model'           
3 2 'Structure model' 'Database references'    
4 2 'Structure model' 'Derived calculations'   
5 2 'Structure model' 'Polymer sequence'       
6 2 'Structure model' 'Structure summary'      
7 3 'Structure model' 'Database references'    
8 4 'Structure model' 'Data collection'        
9 4 'Structure model' 'Refinement description' 
# 
loop_
_pdbx_audit_revision_category.ordinal 
_pdbx_audit_revision_category.revision_ordinal 
_pdbx_audit_revision_category.data_content_type 
_pdbx_audit_revision_category.category 
1  2 'Structure model' atom_site                       
2  2 'Structure model' entity_poly                     
3  2 'Structure model' pdbx_poly_seq_scheme            
4  2 'Structure model' pdbx_struct_sheet_hbond         
5  2 'Structure model' pdbx_unobs_or_zero_occ_residues 
6  2 'Structure model' struct_ref_seq                  
7  2 'Structure model' struct_ref_seq_dif              
8  2 'Structure model' struct_sheet_range              
9  3 'Structure model' citation                        
10 3 'Structure model' citation_author                 
11 3 'Structure model' database_2                      
12 4 'Structure model' chem_comp_atom                  
13 4 'Structure model' chem_comp_bond                  
14 4 'Structure model' pdbx_initial_refinement_model   
# 
loop_
_pdbx_audit_revision_item.ordinal 
_pdbx_audit_revision_item.revision_ordinal 
_pdbx_audit_revision_item.data_content_type 
_pdbx_audit_revision_item.item 
1  2 'Structure model' '_atom_site.auth_asym_id'                       
2  2 'Structure model' '_atom_site.auth_seq_id'                        
3  2 'Structure model' '_entity_poly.pdbx_strand_id'                   
4  2 'Structure model' '_pdbx_poly_seq_scheme.pdb_seq_num'             
5  2 'Structure model' '_pdbx_poly_seq_scheme.pdb_strand_id'           
6  2 'Structure model' '_pdbx_struct_sheet_hbond.range_2_auth_asym_id' 
7  2 'Structure model' '_pdbx_struct_sheet_hbond.range_2_auth_seq_id'  
8  2 'Structure model' '_pdbx_unobs_or_zero_occ_residues.auth_asym_id' 
9  2 'Structure model' '_pdbx_unobs_or_zero_occ_residues.auth_seq_id'  
10 2 'Structure model' '_struct_ref_seq.pdbx_auth_seq_align_beg'       
11 2 'Structure model' '_struct_ref_seq.pdbx_auth_seq_align_end'       
12 2 'Structure model' '_struct_ref_seq.pdbx_strand_id'                
13 2 'Structure model' '_struct_ref_seq_dif.pdbx_auth_seq_num'         
14 2 'Structure model' '_struct_ref_seq_dif.pdbx_pdb_strand_id'        
15 2 'Structure model' '_struct_sheet_range.beg_auth_asym_id'          
16 2 'Structure model' '_struct_sheet_range.beg_auth_seq_id'           
17 2 'Structure model' '_struct_sheet_range.end_auth_asym_id'          
18 2 'Structure model' '_struct_sheet_range.end_auth_seq_id'           
19 3 'Structure model' '_citation.country'                             
20 3 'Structure model' '_citation.journal_abbrev'                      
21 3 'Structure model' '_citation.journal_id_ASTM'                     
22 3 'Structure model' '_citation.journal_id_CSD'                      
23 3 'Structure model' '_citation.journal_id_ISSN'                     
24 3 'Structure model' '_citation.journal_volume'                      
25 3 'Structure model' '_citation.pdbx_database_id_DOI'                
26 3 'Structure model' '_citation.pdbx_database_id_PubMed'             
27 3 'Structure model' '_citation.title'                               
28 3 'Structure model' '_citation.year'                                
29 3 'Structure model' '_database_2.pdbx_DOI'                          
30 3 'Structure model' '_database_2.pdbx_database_accession'           
# 
loop_
_software.citation_id 
_software.classification 
_software.compiler_name 
_software.compiler_version 
_software.contact_author 
_software.contact_author_email 
_software.date 
_software.description 
_software.dependencies 
_software.hardware 
_software.language 
_software.location 
_software.mods 
_software.name 
_software.os 
_software.os_version 
_software.type 
_software.version 
_software.pdbx_ordinal 
? 'data reduction'  ? ? ? ? ? ? ? ? ? ? ? HKL-2000    ? ? ? .        1 
? 'data scaling'    ? ? ? ? ? ? ? ? ? ? ? HKL-2000    ? ? ? .        2 
? refinement        ? ? ? ? ? ? ? ? ? ? ? REFMAC      ? ? ? 5.8.0238 3 
? 'data extraction' ? ? ? ? ? ? ? ? ? ? ? PDB_EXTRACT ? ? ? 3.25     4 
? phasing           ? ? ? ? ? ? ? ? ? ? ? PHASER      ? ? ? .        5 
# 
_pdbx_entry_details.entry_id                 7JMM 
_pdbx_entry_details.has_ligand_of_interest   N 
_pdbx_entry_details.compound_details         ? 
_pdbx_entry_details.source_details           ? 
_pdbx_entry_details.nonpolymer_details       ? 
_pdbx_entry_details.sequence_details         ? 
# 
loop_
_pdbx_validate_torsion.id 
_pdbx_validate_torsion.PDB_model_num 
_pdbx_validate_torsion.auth_comp_id 
_pdbx_validate_torsion.auth_asym_id 
_pdbx_validate_torsion.auth_seq_id 
_pdbx_validate_torsion.PDB_ins_code 
_pdbx_validate_torsion.label_alt_id 
_pdbx_validate_torsion.phi 
_pdbx_validate_torsion.psi 
1 1 ASP A 555 ? ? -38.97 -29.21 
2 1 ALA A 602 ? ? -62.01 97.55  
# 
loop_
_pdbx_unobs_or_zero_occ_atoms.id 
_pdbx_unobs_or_zero_occ_atoms.PDB_model_num 
_pdbx_unobs_or_zero_occ_atoms.polymer_flag 
_pdbx_unobs_or_zero_occ_atoms.occupancy_flag 
_pdbx_unobs_or_zero_occ_atoms.auth_asym_id 
_pdbx_unobs_or_zero_occ_atoms.auth_comp_id 
_pdbx_unobs_or_zero_occ_atoms.auth_seq_id 
_pdbx_unobs_or_zero_occ_atoms.PDB_ins_code 
_pdbx_unobs_or_zero_occ_atoms.auth_atom_id 
_pdbx_unobs_or_zero_occ_atoms.label_alt_id 
_pdbx_unobs_or_zero_occ_atoms.label_asym_id 
_pdbx_unobs_or_zero_occ_atoms.label_comp_id 
_pdbx_unobs_or_zero_occ_atoms.label_seq_id 
_pdbx_unobs_or_zero_occ_atoms.label_atom_id 
1  1 Y 1 A VAL 389 ? CG1 ? A VAL 1   CG1 
2  1 Y 1 A VAL 389 ? CG2 ? A VAL 1   CG2 
3  1 Y 1 A ILE 418 ? CD1 ? A ILE 30  CD1 
4  1 Y 1 A LYS 421 ? CE  ? A LYS 33  CE  
5  1 Y 1 A LYS 421 ? NZ  ? A LYS 33  NZ  
6  1 Y 1 A GLU 430 ? CD  ? A GLU 42  CD  
7  1 Y 1 A GLU 430 ? OE1 ? A GLU 42  OE1 
8  1 Y 1 A GLU 430 ? OE2 ? A GLU 42  OE2 
9  1 Y 1 A LYS 446 ? CE  ? A LYS 58  CE  
10 1 Y 1 A LYS 446 ? NZ  ? A LYS 58  NZ  
11 1 Y 1 A ILE 483 ? CD1 ? A ILE 95  CD1 
12 1 Y 1 A LYS 489 ? CE  ? A LYS 101 CE  
13 1 Y 1 A LYS 489 ? NZ  ? A LYS 101 NZ  
14 1 Y 1 A LYS 495 ? CD  ? A LYS 107 CD  
15 1 Y 1 A LYS 495 ? CE  ? A LYS 107 CE  
16 1 Y 1 A LYS 495 ? NZ  ? A LYS 107 NZ  
17 1 Y 1 A GLN 513 ? CG  ? A GLN 125 CG  
18 1 Y 1 A GLN 513 ? CD  ? A GLN 125 CD  
19 1 Y 1 A GLN 513 ? OE1 ? A GLN 125 OE1 
20 1 Y 1 A GLN 513 ? NE2 ? A GLN 125 NE2 
21 1 Y 1 A VAL 516 ? CG1 ? A VAL 128 CG1 
22 1 Y 1 A ARG 517 ? CB  ? A ARG 129 CB  
23 1 Y 1 A ARG 517 ? CG  ? A ARG 129 CG  
24 1 Y 1 A ARG 517 ? CD  ? A ARG 129 CD  
25 1 Y 1 A ARG 517 ? NE  ? A ARG 129 NE  
26 1 Y 1 A ARG 517 ? CZ  ? A ARG 129 CZ  
27 1 Y 1 A ARG 517 ? NH1 ? A ARG 129 NH1 
28 1 Y 1 A ARG 517 ? NH2 ? A ARG 129 NH2 
29 1 Y 1 A GLU 524 ? CD  ? A GLU 136 CD  
30 1 Y 1 A GLU 524 ? OE1 ? A GLU 136 OE1 
31 1 Y 1 A GLU 524 ? OE2 ? A GLU 136 OE2 
32 1 Y 1 A ARG 527 ? CD  ? A ARG 139 CD  
33 1 Y 1 A ARG 527 ? NE  ? A ARG 139 NE  
34 1 Y 1 A ARG 527 ? CZ  ? A ARG 139 CZ  
35 1 Y 1 A ARG 527 ? NH1 ? A ARG 139 NH1 
36 1 Y 1 A ARG 527 ? NH2 ? A ARG 139 NH2 
37 1 Y 1 A LYS 528 ? CG  ? A LYS 140 CG  
38 1 Y 1 A LYS 528 ? CD  ? A LYS 140 CD  
39 1 Y 1 A LYS 528 ? CE  ? A LYS 140 CE  
40 1 Y 1 A LYS 528 ? NZ  ? A LYS 140 NZ  
41 1 Y 1 A ARG 536 ? NH1 ? A ARG 148 NH1 
42 1 Y 1 A ARG 536 ? NH2 ? A ARG 148 NH2 
43 1 Y 1 A LEU 542 ? CD2 ? A LEU 154 CD2 
44 1 Y 1 A LYS 548 ? CG  ? A LYS 160 CG  
45 1 Y 1 A LYS 548 ? CD  ? A LYS 160 CD  
46 1 Y 1 A LYS 548 ? CE  ? A LYS 160 CE  
47 1 Y 1 A LYS 548 ? NZ  ? A LYS 160 NZ  
48 1 Y 1 A VAL 550 ? CG2 ? A VAL 162 CG2 
49 1 Y 1 A GLU 552 ? CG  ? A GLU 164 CG  
50 1 Y 1 A GLU 552 ? CD  ? A GLU 164 CD  
51 1 Y 1 A GLU 552 ? OE1 ? A GLU 164 OE1 
52 1 Y 1 A GLU 552 ? OE2 ? A GLU 164 OE2 
53 1 Y 1 A ASP 555 ? CG  ? A ASP 167 CG  
54 1 Y 1 A ASP 555 ? OD1 ? A ASP 167 OD1 
55 1 Y 1 A ASP 555 ? OD2 ? A ASP 167 OD2 
56 1 Y 1 A LYS 556 ? CE  ? A LYS 168 CE  
57 1 Y 1 A LYS 556 ? NZ  ? A LYS 168 NZ  
58 1 Y 1 A ALA 559 ? CB  ? A ALA 171 CB  
59 1 Y 1 A LYS 577 ? CD  ? A LYS 189 CD  
60 1 Y 1 A LYS 577 ? CE  ? A LYS 189 CE  
61 1 Y 1 A LYS 577 ? NZ  ? A LYS 189 NZ  
62 1 Y 1 A GLU 600 ? CD  ? A GLU 212 CD  
63 1 Y 1 A GLU 600 ? OE1 ? A GLU 212 OE1 
64 1 Y 1 A GLU 600 ? OE2 ? A GLU 212 OE2 
# 
loop_
_pdbx_unobs_or_zero_occ_residues.id 
_pdbx_unobs_or_zero_occ_residues.PDB_model_num 
_pdbx_unobs_or_zero_occ_residues.polymer_flag 
_pdbx_unobs_or_zero_occ_residues.occupancy_flag 
_pdbx_unobs_or_zero_occ_residues.auth_asym_id 
_pdbx_unobs_or_zero_occ_residues.auth_comp_id 
_pdbx_unobs_or_zero_occ_residues.auth_seq_id 
_pdbx_unobs_or_zero_occ_residues.PDB_ins_code 
_pdbx_unobs_or_zero_occ_residues.label_asym_id 
_pdbx_unobs_or_zero_occ_residues.label_comp_id 
_pdbx_unobs_or_zero_occ_residues.label_seq_id 
1 1 Y 1 A GLN 604 ? A GLN 216 
2 1 Y 1 A GLN 605 ? A GLN 217 
3 1 Y 1 A HIS 606 ? A HIS 218 
4 1 Y 1 A ALA 607 ? A ALA 219 
5 1 Y 1 B ARG 42  ? B ARG 1   
6 1 Y 1 B ALA 43  ? B ALA 2   
7 1 Y 1 B LEU 49  ? B LEU 8   
8 1 Y 1 B SER 50  ? B SER 9   
9 1 Y 1 B ARG 51  ? B ARG 10  
# 
loop_
_chem_comp_atom.comp_id 
_chem_comp_atom.atom_id 
_chem_comp_atom.type_symbol 
_chem_comp_atom.pdbx_aromatic_flag 
_chem_comp_atom.pdbx_stereo_config 
_chem_comp_atom.pdbx_ordinal 
ALA N    N N N 1   
ALA CA   C N S 2   
ALA C    C N N 3   
ALA O    O N N 4   
ALA CB   C N N 5   
ALA OXT  O N N 6   
ALA H    H N N 7   
ALA H2   H N N 8   
ALA HA   H N N 9   
ALA HB1  H N N 10  
ALA HB2  H N N 11  
ALA HB3  H N N 12  
ALA HXT  H N N 13  
ARG N    N N N 14  
ARG CA   C N S 15  
ARG C    C N N 16  
ARG O    O N N 17  
ARG CB   C N N 18  
ARG CG   C N N 19  
ARG CD   C N N 20  
ARG NE   N N N 21  
ARG CZ   C N N 22  
ARG NH1  N N N 23  
ARG NH2  N N N 24  
ARG OXT  O N N 25  
ARG H    H N N 26  
ARG H2   H N N 27  
ARG HA   H N N 28  
ARG HB2  H N N 29  
ARG HB3  H N N 30  
ARG HG2  H N N 31  
ARG HG3  H N N 32  
ARG HD2  H N N 33  
ARG HD3  H N N 34  
ARG HE   H N N 35  
ARG HH11 H N N 36  
ARG HH12 H N N 37  
ARG HH21 H N N 38  
ARG HH22 H N N 39  
ARG HXT  H N N 40  
ASN N    N N N 41  
ASN CA   C N S 42  
ASN C    C N N 43  
ASN O    O N N 44  
ASN CB   C N N 45  
ASN CG   C N N 46  
ASN OD1  O N N 47  
ASN ND2  N N N 48  
ASN OXT  O N N 49  
ASN H    H N N 50  
ASN H2   H N N 51  
ASN HA   H N N 52  
ASN HB2  H N N 53  
ASN HB3  H N N 54  
ASN HD21 H N N 55  
ASN HD22 H N N 56  
ASN HXT  H N N 57  
ASP N    N N N 58  
ASP CA   C N S 59  
ASP C    C N N 60  
ASP O    O N N 61  
ASP CB   C N N 62  
ASP CG   C N N 63  
ASP OD1  O N N 64  
ASP OD2  O N N 65  
ASP OXT  O N N 66  
ASP H    H N N 67  
ASP H2   H N N 68  
ASP HA   H N N 69  
ASP HB2  H N N 70  
ASP HB3  H N N 71  
ASP HD2  H N N 72  
ASP HXT  H N N 73  
GLN N    N N N 74  
GLN CA   C N S 75  
GLN C    C N N 76  
GLN O    O N N 77  
GLN CB   C N N 78  
GLN CG   C N N 79  
GLN CD   C N N 80  
GLN OE1  O N N 81  
GLN NE2  N N N 82  
GLN OXT  O N N 83  
GLN H    H N N 84  
GLN H2   H N N 85  
GLN HA   H N N 86  
GLN HB2  H N N 87  
GLN HB3  H N N 88  
GLN HG2  H N N 89  
GLN HG3  H N N 90  
GLN HE21 H N N 91  
GLN HE22 H N N 92  
GLN HXT  H N N 93  
GLU N    N N N 94  
GLU CA   C N S 95  
GLU C    C N N 96  
GLU O    O N N 97  
GLU CB   C N N 98  
GLU CG   C N N 99  
GLU CD   C N N 100 
GLU OE1  O N N 101 
GLU OE2  O N N 102 
GLU OXT  O N N 103 
GLU H    H N N 104 
GLU H2   H N N 105 
GLU HA   H N N 106 
GLU HB2  H N N 107 
GLU HB3  H N N 108 
GLU HG2  H N N 109 
GLU HG3  H N N 110 
GLU HE2  H N N 111 
GLU HXT  H N N 112 
GLY N    N N N 113 
GLY CA   C N N 114 
GLY C    C N N 115 
GLY O    O N N 116 
GLY OXT  O N N 117 
GLY H    H N N 118 
GLY H2   H N N 119 
GLY HA2  H N N 120 
GLY HA3  H N N 121 
GLY HXT  H N N 122 
HIS N    N N N 123 
HIS CA   C N S 124 
HIS C    C N N 125 
HIS O    O N N 126 
HIS CB   C N N 127 
HIS CG   C Y N 128 
HIS ND1  N Y N 129 
HIS CD2  C Y N 130 
HIS CE1  C Y N 131 
HIS NE2  N Y N 132 
HIS OXT  O N N 133 
HIS H    H N N 134 
HIS H2   H N N 135 
HIS HA   H N N 136 
HIS HB2  H N N 137 
HIS HB3  H N N 138 
HIS HD1  H N N 139 
HIS HD2  H N N 140 
HIS HE1  H N N 141 
HIS HE2  H N N 142 
HIS HXT  H N N 143 
HOH O    O N N 144 
HOH H1   H N N 145 
HOH H2   H N N 146 
ILE N    N N N 147 
ILE CA   C N S 148 
ILE C    C N N 149 
ILE O    O N N 150 
ILE CB   C N S 151 
ILE CG1  C N N 152 
ILE CG2  C N N 153 
ILE CD1  C N N 154 
ILE OXT  O N N 155 
ILE H    H N N 156 
ILE H2   H N N 157 
ILE HA   H N N 158 
ILE HB   H N N 159 
ILE HG12 H N N 160 
ILE HG13 H N N 161 
ILE HG21 H N N 162 
ILE HG22 H N N 163 
ILE HG23 H N N 164 
ILE HD11 H N N 165 
ILE HD12 H N N 166 
ILE HD13 H N N 167 
ILE HXT  H N N 168 
LEU N    N N N 169 
LEU CA   C N S 170 
LEU C    C N N 171 
LEU O    O N N 172 
LEU CB   C N N 173 
LEU CG   C N N 174 
LEU CD1  C N N 175 
LEU CD2  C N N 176 
LEU OXT  O N N 177 
LEU H    H N N 178 
LEU H2   H N N 179 
LEU HA   H N N 180 
LEU HB2  H N N 181 
LEU HB3  H N N 182 
LEU HG   H N N 183 
LEU HD11 H N N 184 
LEU HD12 H N N 185 
LEU HD13 H N N 186 
LEU HD21 H N N 187 
LEU HD22 H N N 188 
LEU HD23 H N N 189 
LEU HXT  H N N 190 
LYS N    N N N 191 
LYS CA   C N S 192 
LYS C    C N N 193 
LYS O    O N N 194 
LYS CB   C N N 195 
LYS CG   C N N 196 
LYS CD   C N N 197 
LYS CE   C N N 198 
LYS NZ   N N N 199 
LYS OXT  O N N 200 
LYS H    H N N 201 
LYS H2   H N N 202 
LYS HA   H N N 203 
LYS HB2  H N N 204 
LYS HB3  H N N 205 
LYS HG2  H N N 206 
LYS HG3  H N N 207 
LYS HD2  H N N 208 
LYS HD3  H N N 209 
LYS HE2  H N N 210 
LYS HE3  H N N 211 
LYS HZ1  H N N 212 
LYS HZ2  H N N 213 
LYS HZ3  H N N 214 
LYS HXT  H N N 215 
MET N    N N N 216 
MET CA   C N S 217 
MET C    C N N 218 
MET O    O N N 219 
MET CB   C N N 220 
MET CG   C N N 221 
MET SD   S N N 222 
MET CE   C N N 223 
MET OXT  O N N 224 
MET H    H N N 225 
MET H2   H N N 226 
MET HA   H N N 227 
MET HB2  H N N 228 
MET HB3  H N N 229 
MET HG2  H N N 230 
MET HG3  H N N 231 
MET HE1  H N N 232 
MET HE2  H N N 233 
MET HE3  H N N 234 
MET HXT  H N N 235 
PHE N    N N N 236 
PHE CA   C N S 237 
PHE C    C N N 238 
PHE O    O N N 239 
PHE CB   C N N 240 
PHE CG   C Y N 241 
PHE CD1  C Y N 242 
PHE CD2  C Y N 243 
PHE CE1  C Y N 244 
PHE CE2  C Y N 245 
PHE CZ   C Y N 246 
PHE OXT  O N N 247 
PHE H    H N N 248 
PHE H2   H N N 249 
PHE HA   H N N 250 
PHE HB2  H N N 251 
PHE HB3  H N N 252 
PHE HD1  H N N 253 
PHE HD2  H N N 254 
PHE HE1  H N N 255 
PHE HE2  H N N 256 
PHE HZ   H N N 257 
PHE HXT  H N N 258 
PRO N    N N N 259 
PRO CA   C N S 260 
PRO C    C N N 261 
PRO O    O N N 262 
PRO CB   C N N 263 
PRO CG   C N N 264 
PRO CD   C N N 265 
PRO OXT  O N N 266 
PRO H    H N N 267 
PRO HA   H N N 268 
PRO HB2  H N N 269 
PRO HB3  H N N 270 
PRO HG2  H N N 271 
PRO HG3  H N N 272 
PRO HD2  H N N 273 
PRO HD3  H N N 274 
PRO HXT  H N N 275 
SER N    N N N 276 
SER CA   C N S 277 
SER C    C N N 278 
SER O    O N N 279 
SER CB   C N N 280 
SER OG   O N N 281 
SER OXT  O N N 282 
SER H    H N N 283 
SER H2   H N N 284 
SER HA   H N N 285 
SER HB2  H N N 286 
SER HB3  H N N 287 
SER HG   H N N 288 
SER HXT  H N N 289 
SO4 S    S N N 290 
SO4 O1   O N N 291 
SO4 O2   O N N 292 
SO4 O3   O N N 293 
SO4 O4   O N N 294 
THR N    N N N 295 
THR CA   C N S 296 
THR C    C N N 297 
THR O    O N N 298 
THR CB   C N R 299 
THR OG1  O N N 300 
THR CG2  C N N 301 
THR OXT  O N N 302 
THR H    H N N 303 
THR H2   H N N 304 
THR HA   H N N 305 
THR HB   H N N 306 
THR HG1  H N N 307 
THR HG21 H N N 308 
THR HG22 H N N 309 
THR HG23 H N N 310 
THR HXT  H N N 311 
VAL N    N N N 312 
VAL CA   C N S 313 
VAL C    C N N 314 
VAL O    O N N 315 
VAL CB   C N N 316 
VAL CG1  C N N 317 
VAL CG2  C N N 318 
VAL OXT  O N N 319 
VAL H    H N N 320 
VAL H2   H N N 321 
VAL HA   H N N 322 
VAL HB   H N N 323 
VAL HG11 H N N 324 
VAL HG12 H N N 325 
VAL HG13 H N N 326 
VAL HG21 H N N 327 
VAL HG22 H N N 328 
VAL HG23 H N N 329 
VAL HXT  H N N 330 
# 
loop_
_chem_comp_bond.comp_id 
_chem_comp_bond.atom_id_1 
_chem_comp_bond.atom_id_2 
_chem_comp_bond.value_order 
_chem_comp_bond.pdbx_aromatic_flag 
_chem_comp_bond.pdbx_stereo_config 
_chem_comp_bond.pdbx_ordinal 
ALA N   CA   sing N N 1   
ALA N   H    sing N N 2   
ALA N   H2   sing N N 3   
ALA CA  C    sing N N 4   
ALA CA  CB   sing N N 5   
ALA CA  HA   sing N N 6   
ALA C   O    doub N N 7   
ALA C   OXT  sing N N 8   
ALA CB  HB1  sing N N 9   
ALA CB  HB2  sing N N 10  
ALA CB  HB3  sing N N 11  
ALA OXT HXT  sing N N 12  
ARG N   CA   sing N N 13  
ARG N   H    sing N N 14  
ARG N   H2   sing N N 15  
ARG CA  C    sing N N 16  
ARG CA  CB   sing N N 17  
ARG CA  HA   sing N N 18  
ARG C   O    doub N N 19  
ARG C   OXT  sing N N 20  
ARG CB  CG   sing N N 21  
ARG CB  HB2  sing N N 22  
ARG CB  HB3  sing N N 23  
ARG CG  CD   sing N N 24  
ARG CG  HG2  sing N N 25  
ARG CG  HG3  sing N N 26  
ARG CD  NE   sing N N 27  
ARG CD  HD2  sing N N 28  
ARG CD  HD3  sing N N 29  
ARG NE  CZ   sing N N 30  
ARG NE  HE   sing N N 31  
ARG CZ  NH1  sing N N 32  
ARG CZ  NH2  doub N N 33  
ARG NH1 HH11 sing N N 34  
ARG NH1 HH12 sing N N 35  
ARG NH2 HH21 sing N N 36  
ARG NH2 HH22 sing N N 37  
ARG OXT HXT  sing N N 38  
ASN N   CA   sing N N 39  
ASN N   H    sing N N 40  
ASN N   H2   sing N N 41  
ASN CA  C    sing N N 42  
ASN CA  CB   sing N N 43  
ASN CA  HA   sing N N 44  
ASN C   O    doub N N 45  
ASN C   OXT  sing N N 46  
ASN CB  CG   sing N N 47  
ASN CB  HB2  sing N N 48  
ASN CB  HB3  sing N N 49  
ASN CG  OD1  doub N N 50  
ASN CG  ND2  sing N N 51  
ASN ND2 HD21 sing N N 52  
ASN ND2 HD22 sing N N 53  
ASN OXT HXT  sing N N 54  
ASP N   CA   sing N N 55  
ASP N   H    sing N N 56  
ASP N   H2   sing N N 57  
ASP CA  C    sing N N 58  
ASP CA  CB   sing N N 59  
ASP CA  HA   sing N N 60  
ASP C   O    doub N N 61  
ASP C   OXT  sing N N 62  
ASP CB  CG   sing N N 63  
ASP CB  HB2  sing N N 64  
ASP CB  HB3  sing N N 65  
ASP CG  OD1  doub N N 66  
ASP CG  OD2  sing N N 67  
ASP OD2 HD2  sing N N 68  
ASP OXT HXT  sing N N 69  
GLN N   CA   sing N N 70  
GLN N   H    sing N N 71  
GLN N   H2   sing N N 72  
GLN CA  C    sing N N 73  
GLN CA  CB   sing N N 74  
GLN CA  HA   sing N N 75  
GLN C   O    doub N N 76  
GLN C   OXT  sing N N 77  
GLN CB  CG   sing N N 78  
GLN CB  HB2  sing N N 79  
GLN CB  HB3  sing N N 80  
GLN CG  CD   sing N N 81  
GLN CG  HG2  sing N N 82  
GLN CG  HG3  sing N N 83  
GLN CD  OE1  doub N N 84  
GLN CD  NE2  sing N N 85  
GLN NE2 HE21 sing N N 86  
GLN NE2 HE22 sing N N 87  
GLN OXT HXT  sing N N 88  
GLU N   CA   sing N N 89  
GLU N   H    sing N N 90  
GLU N   H2   sing N N 91  
GLU CA  C    sing N N 92  
GLU CA  CB   sing N N 93  
GLU CA  HA   sing N N 94  
GLU C   O    doub N N 95  
GLU C   OXT  sing N N 96  
GLU CB  CG   sing N N 97  
GLU CB  HB2  sing N N 98  
GLU CB  HB3  sing N N 99  
GLU CG  CD   sing N N 100 
GLU CG  HG2  sing N N 101 
GLU CG  HG3  sing N N 102 
GLU CD  OE1  doub N N 103 
GLU CD  OE2  sing N N 104 
GLU OE2 HE2  sing N N 105 
GLU OXT HXT  sing N N 106 
GLY N   CA   sing N N 107 
GLY N   H    sing N N 108 
GLY N   H2   sing N N 109 
GLY CA  C    sing N N 110 
GLY CA  HA2  sing N N 111 
GLY CA  HA3  sing N N 112 
GLY C   O    doub N N 113 
GLY C   OXT  sing N N 114 
GLY OXT HXT  sing N N 115 
HIS N   CA   sing N N 116 
HIS N   H    sing N N 117 
HIS N   H2   sing N N 118 
HIS CA  C    sing N N 119 
HIS CA  CB   sing N N 120 
HIS CA  HA   sing N N 121 
HIS C   O    doub N N 122 
HIS C   OXT  sing N N 123 
HIS CB  CG   sing N N 124 
HIS CB  HB2  sing N N 125 
HIS CB  HB3  sing N N 126 
HIS CG  ND1  sing Y N 127 
HIS CG  CD2  doub Y N 128 
HIS ND1 CE1  doub Y N 129 
HIS ND1 HD1  sing N N 130 
HIS CD2 NE2  sing Y N 131 
HIS CD2 HD2  sing N N 132 
HIS CE1 NE2  sing Y N 133 
HIS CE1 HE1  sing N N 134 
HIS NE2 HE2  sing N N 135 
HIS OXT HXT  sing N N 136 
HOH O   H1   sing N N 137 
HOH O   H2   sing N N 138 
ILE N   CA   sing N N 139 
ILE N   H    sing N N 140 
ILE N   H2   sing N N 141 
ILE CA  C    sing N N 142 
ILE CA  CB   sing N N 143 
ILE CA  HA   sing N N 144 
ILE C   O    doub N N 145 
ILE C   OXT  sing N N 146 
ILE CB  CG1  sing N N 147 
ILE CB  CG2  sing N N 148 
ILE CB  HB   sing N N 149 
ILE CG1 CD1  sing N N 150 
ILE CG1 HG12 sing N N 151 
ILE CG1 HG13 sing N N 152 
ILE CG2 HG21 sing N N 153 
ILE CG2 HG22 sing N N 154 
ILE CG2 HG23 sing N N 155 
ILE CD1 HD11 sing N N 156 
ILE CD1 HD12 sing N N 157 
ILE CD1 HD13 sing N N 158 
ILE OXT HXT  sing N N 159 
LEU N   CA   sing N N 160 
LEU N   H    sing N N 161 
LEU N   H2   sing N N 162 
LEU CA  C    sing N N 163 
LEU CA  CB   sing N N 164 
LEU CA  HA   sing N N 165 
LEU C   O    doub N N 166 
LEU C   OXT  sing N N 167 
LEU CB  CG   sing N N 168 
LEU CB  HB2  sing N N 169 
LEU CB  HB3  sing N N 170 
LEU CG  CD1  sing N N 171 
LEU CG  CD2  sing N N 172 
LEU CG  HG   sing N N 173 
LEU CD1 HD11 sing N N 174 
LEU CD1 HD12 sing N N 175 
LEU CD1 HD13 sing N N 176 
LEU CD2 HD21 sing N N 177 
LEU CD2 HD22 sing N N 178 
LEU CD2 HD23 sing N N 179 
LEU OXT HXT  sing N N 180 
LYS N   CA   sing N N 181 
LYS N   H    sing N N 182 
LYS N   H2   sing N N 183 
LYS CA  C    sing N N 184 
LYS CA  CB   sing N N 185 
LYS CA  HA   sing N N 186 
LYS C   O    doub N N 187 
LYS C   OXT  sing N N 188 
LYS CB  CG   sing N N 189 
LYS CB  HB2  sing N N 190 
LYS CB  HB3  sing N N 191 
LYS CG  CD   sing N N 192 
LYS CG  HG2  sing N N 193 
LYS CG  HG3  sing N N 194 
LYS CD  CE   sing N N 195 
LYS CD  HD2  sing N N 196 
LYS CD  HD3  sing N N 197 
LYS CE  NZ   sing N N 198 
LYS CE  HE2  sing N N 199 
LYS CE  HE3  sing N N 200 
LYS NZ  HZ1  sing N N 201 
LYS NZ  HZ2  sing N N 202 
LYS NZ  HZ3  sing N N 203 
LYS OXT HXT  sing N N 204 
MET N   CA   sing N N 205 
MET N   H    sing N N 206 
MET N   H2   sing N N 207 
MET CA  C    sing N N 208 
MET CA  CB   sing N N 209 
MET CA  HA   sing N N 210 
MET C   O    doub N N 211 
MET C   OXT  sing N N 212 
MET CB  CG   sing N N 213 
MET CB  HB2  sing N N 214 
MET CB  HB3  sing N N 215 
MET CG  SD   sing N N 216 
MET CG  HG2  sing N N 217 
MET CG  HG3  sing N N 218 
MET SD  CE   sing N N 219 
MET CE  HE1  sing N N 220 
MET CE  HE2  sing N N 221 
MET CE  HE3  sing N N 222 
MET OXT HXT  sing N N 223 
PHE N   CA   sing N N 224 
PHE N   H    sing N N 225 
PHE N   H2   sing N N 226 
PHE CA  C    sing N N 227 
PHE CA  CB   sing N N 228 
PHE CA  HA   sing N N 229 
PHE C   O    doub N N 230 
PHE C   OXT  sing N N 231 
PHE CB  CG   sing N N 232 
PHE CB  HB2  sing N N 233 
PHE CB  HB3  sing N N 234 
PHE CG  CD1  doub Y N 235 
PHE CG  CD2  sing Y N 236 
PHE CD1 CE1  sing Y N 237 
PHE CD1 HD1  sing N N 238 
PHE CD2 CE2  doub Y N 239 
PHE CD2 HD2  sing N N 240 
PHE CE1 CZ   doub Y N 241 
PHE CE1 HE1  sing N N 242 
PHE CE2 CZ   sing Y N 243 
PHE CE2 HE2  sing N N 244 
PHE CZ  HZ   sing N N 245 
PHE OXT HXT  sing N N 246 
PRO N   CA   sing N N 247 
PRO N   CD   sing N N 248 
PRO N   H    sing N N 249 
PRO CA  C    sing N N 250 
PRO CA  CB   sing N N 251 
PRO CA  HA   sing N N 252 
PRO C   O    doub N N 253 
PRO C   OXT  sing N N 254 
PRO CB  CG   sing N N 255 
PRO CB  HB2  sing N N 256 
PRO CB  HB3  sing N N 257 
PRO CG  CD   sing N N 258 
PRO CG  HG2  sing N N 259 
PRO CG  HG3  sing N N 260 
PRO CD  HD2  sing N N 261 
PRO CD  HD3  sing N N 262 
PRO OXT HXT  sing N N 263 
SER N   CA   sing N N 264 
SER N   H    sing N N 265 
SER N   H2   sing N N 266 
SER CA  C    sing N N 267 
SER CA  CB   sing N N 268 
SER CA  HA   sing N N 269 
SER C   O    doub N N 270 
SER C   OXT  sing N N 271 
SER CB  OG   sing N N 272 
SER CB  HB2  sing N N 273 
SER CB  HB3  sing N N 274 
SER OG  HG   sing N N 275 
SER OXT HXT  sing N N 276 
SO4 S   O1   doub N N 277 
SO4 S   O2   doub N N 278 
SO4 S   O3   sing N N 279 
SO4 S   O4   sing N N 280 
THR N   CA   sing N N 281 
THR N   H    sing N N 282 
THR N   H2   sing N N 283 
THR CA  C    sing N N 284 
THR CA  CB   sing N N 285 
THR CA  HA   sing N N 286 
THR C   O    doub N N 287 
THR C   OXT  sing N N 288 
THR CB  OG1  sing N N 289 
THR CB  CG2  sing N N 290 
THR CB  HB   sing N N 291 
THR OG1 HG1  sing N N 292 
THR CG2 HG21 sing N N 293 
THR CG2 HG22 sing N N 294 
THR CG2 HG23 sing N N 295 
THR OXT HXT  sing N N 296 
VAL N   CA   sing N N 297 
VAL N   H    sing N N 298 
VAL N   H2   sing N N 299 
VAL CA  C    sing N N 300 
VAL CA  CB   sing N N 301 
VAL CA  HA   sing N N 302 
VAL C   O    doub N N 303 
VAL C   OXT  sing N N 304 
VAL CB  CG1  sing N N 305 
VAL CB  CG2  sing N N 306 
VAL CB  HB   sing N N 307 
VAL CG1 HG11 sing N N 308 
VAL CG1 HG12 sing N N 309 
VAL CG1 HG13 sing N N 310 
VAL CG2 HG21 sing N N 311 
VAL CG2 HG22 sing N N 312 
VAL CG2 HG23 sing N N 313 
VAL OXT HXT  sing N N 314 
# 
_pdbx_audit_support.funding_organization   
'National Institutes of Health/National Institute of General Medical Sciences (NIH/NIGMS)' 
_pdbx_audit_support.country                'United States' 
_pdbx_audit_support.grant_number           '5 R35 GM118161' 
_pdbx_audit_support.ordinal                1 
# 
loop_
_pdbx_entity_nonpoly.entity_id 
_pdbx_entity_nonpoly.name 
_pdbx_entity_nonpoly.comp_id 
3 'SULFATE ION' SO4 
4 water         HOH 
# 
_pdbx_initial_refinement_model.id               1 
_pdbx_initial_refinement_model.entity_id_list   ? 
_pdbx_initial_refinement_model.type             'experimental model' 
_pdbx_initial_refinement_model.source_name      PDB 
_pdbx_initial_refinement_model.accession_code   1DKZ 
_pdbx_initial_refinement_model.details          ? 
# 
_pdbx_struct_assembly_auth_evidence.id                     1 
_pdbx_struct_assembly_auth_evidence.assembly_id            1 
_pdbx_struct_assembly_auth_evidence.experimental_support   none 
_pdbx_struct_assembly_auth_evidence.details                ? 
# 
